data_6VY4
#
_entry.id   6VY4
#
_cell.length_a   195.889
_cell.length_b   84.490
_cell.length_c   122.834
_cell.angle_alpha   90.000
_cell.angle_beta   95.930
_cell.angle_gamma   90.000
#
_symmetry.space_group_name_H-M   'C 1 2 1'
#
loop_
_entity.id
_entity.type
_entity.pdbx_description
1 polymer 'receptor binding protein'
2 polymer 'Anti-Hendra receptor binding protein antibody HENV-32 Fab heavy chain'
3 polymer 'Anti-Hendra receptor binding protein antibody HENV-32 Fab light chain'
4 non-polymer 'SULFATE ION'
5 non-polymer 2-acetamido-2-deoxy-beta-D-glucopyranose
6 non-polymer 'ISOPROPYL ALCOHOL'
7 water water
#
loop_
_entity_poly.entity_id
_entity_poly.type
_entity_poly.pdbx_seq_one_letter_code
_entity_poly.pdbx_strand_id
1 'polypeptide(L)'
;PNQICLQKTTSTILKPRLISYTLPINTREGVCITDPLLAVDNGFFAYSHLEKIGSCTRGIAKQRIIGVGEVLDRGDKVPS
MFMTNVWTPPNPSTIHHCSSTYHEDFYYTLCAVSHVGDPILNSTSWTESLSLIRLAVRPKSDSGDYNQKYIAITKVERGK
YDKVMPYGPSGIKQGDTLYFPAVGFLPRTEFQYNDSNCPIIHCKYSKAENCRLSMGVNSKSHYILRSGLLKYNLSLGGDI
ILQFIEIADNRLTIGSPSKIYNSLGQPVFYQASYSWDTMIKLGDVDTVDPLRVQWRNNSVISRPGQSQCPRFNVCPEVCW
EGTYNDAFLIDRLNWVSAGVYLNSNQTAENPVFAVFKDNEILYQVPLAEDDTNAQKTITDCFLLENVIWCISLVEIYDTG
DSVIRPKLFAVKIPAQCSESENLYFQGHHHHHH
;
A,B
2 'polypeptide(L)'
;QVQLVQSGAEVKKPGSSVKVSCKVSGGIFNRETINWVRQAPGQGLEWMGRITPIVDVPNYPRKFRGRVTITADKSTSTVY
MELSGLRFEDTAIYFCARFRGHNYFDPWGQGTLVTVSSASFKGPSVFPLAPSSKSTSGGTAALGCLVKDYFPEPVTVSWN
SGALTSGVHTFPAVLQSSGLYSLSSVVTVPSSSLGTQTYICNVNHKPSNTKVDKKVEPKSC
;
C,H
3 'polypeptide(L)'
;SYVLTQPPSVSVAPGQTARITCGGNNIGGKSVHWYQQKPGQAPVLVVYDDRDRPSGIPERFSGSNSGDTASLTISRVDAG
DEADYFCQVWDNASDEAVFGGGTKLTVLGQPKANPTVTLFPPSSEELQANKATLVCLISDFYPGAVTVAWKADGSPVKAG
VETTKPSKQSNNKYAASSYLSLTPEQWKSHRSYSCQVTHEGSTVEKTVAPTECS
;
D,L
#
# COMPACT_ATOMS: atom_id res chain seq x y z
N GLN A 3 9.11 -38.99 14.67
CA GLN A 3 7.99 -38.68 15.55
C GLN A 3 7.55 -37.23 15.36
N ILE A 4 6.37 -36.91 15.89
CA ILE A 4 5.77 -35.59 15.72
C ILE A 4 5.05 -35.21 17.01
N CYS A 5 4.82 -33.92 17.17
CA CYS A 5 3.99 -33.42 18.26
C CYS A 5 2.59 -34.02 18.16
N LEU A 6 2.14 -34.69 19.22
CA LEU A 6 0.83 -35.33 19.20
C LEU A 6 -0.20 -34.62 20.08
N GLN A 7 0.12 -33.43 20.61
CA GLN A 7 -0.81 -32.71 21.47
C GLN A 7 -1.40 -31.52 20.73
N LYS A 8 -2.60 -31.12 21.13
CA LYS A 8 -3.20 -29.91 20.60
C LYS A 8 -2.34 -28.71 20.99
N THR A 9 -2.06 -27.82 20.03
CA THR A 9 -1.07 -26.76 20.20
C THR A 9 -1.53 -25.52 19.44
N THR A 10 -1.03 -24.34 19.86
CA THR A 10 -1.40 -23.12 19.18
C THR A 10 -0.72 -23.00 17.81
N SER A 11 -1.27 -22.10 16.99
CA SER A 11 -0.90 -21.98 15.59
C SER A 11 0.57 -21.66 15.40
N THR A 12 1.21 -21.00 16.38
CA THR A 12 2.57 -20.50 16.16
C THR A 12 3.59 -21.61 16.01
N ILE A 13 3.22 -22.87 16.23
CA ILE A 13 4.16 -23.96 16.01
C ILE A 13 4.39 -24.22 14.53
N LEU A 14 3.54 -23.67 13.66
CA LEU A 14 3.67 -23.83 12.22
C LEU A 14 3.91 -22.46 11.61
N LYS A 15 5.00 -22.31 10.84
CA LYS A 15 5.31 -21.02 10.22
C LYS A 15 5.63 -21.22 8.74
N PRO A 16 4.60 -21.35 7.90
CA PRO A 16 4.83 -21.65 6.47
C PRO A 16 5.61 -20.55 5.75
N ARG A 17 6.37 -20.96 4.73
CA ARG A 17 7.13 -20.06 3.88
C ARG A 17 6.81 -20.32 2.41
N LEU A 18 6.88 -19.26 1.61
CA LEU A 18 6.68 -19.35 0.16
C LEU A 18 7.95 -19.83 -0.54
N ILE A 19 7.82 -20.82 -1.42
CA ILE A 19 9.01 -21.39 -2.08
C ILE A 19 8.88 -21.42 -3.61
N SER A 20 7.86 -20.82 -4.16
CA SER A 20 7.72 -20.93 -5.61
C SER A 20 8.54 -19.89 -6.38
N TYR A 21 9.33 -19.04 -5.70
CA TYR A 21 10.10 -18.02 -6.41
C TYR A 21 11.26 -18.61 -7.22
N THR A 22 11.66 -19.84 -6.94
CA THR A 22 12.72 -20.46 -7.73
C THR A 22 12.23 -21.23 -8.95
N LEU A 23 10.93 -21.20 -9.22
CA LEU A 23 10.26 -21.94 -10.29
C LEU A 23 9.65 -20.97 -11.29
N PRO A 24 9.60 -21.35 -12.58
CA PRO A 24 9.02 -20.46 -13.59
C PRO A 24 7.50 -20.36 -13.52
N ILE A 25 6.99 -20.00 -12.35
CA ILE A 25 5.58 -19.67 -12.19
C ILE A 25 5.49 -18.16 -12.33
N ASN A 26 5.76 -17.68 -13.54
CA ASN A 26 6.01 -16.26 -13.77
C ASN A 26 4.67 -15.54 -13.76
N THR A 27 4.31 -15.06 -12.57
CA THR A 27 3.06 -14.31 -12.41
C THR A 27 3.23 -12.87 -12.87
N ARG A 28 2.29 -12.41 -13.69
CA ARG A 28 2.25 -11.01 -14.08
C ARG A 28 0.80 -10.64 -14.34
N GLU A 29 0.52 -9.34 -14.34
CA GLU A 29 -0.82 -8.88 -14.64
C GLU A 29 -1.18 -9.21 -16.09
N GLY A 30 -2.46 -9.46 -16.33
CA GLY A 30 -2.93 -9.88 -17.63
C GLY A 30 -2.65 -11.34 -17.97
N VAL A 31 -2.07 -12.09 -17.05
CA VAL A 31 -1.77 -13.50 -17.28
C VAL A 31 -2.38 -14.29 -16.13
N CYS A 32 -2.94 -15.44 -16.44
CA CYS A 32 -3.42 -16.35 -15.41
C CYS A 32 -2.77 -17.72 -15.57
N ILE A 33 -2.37 -18.30 -14.45
CA ILE A 33 -1.76 -19.62 -14.43
C ILE A 33 -2.74 -20.57 -13.75
N THR A 34 -3.24 -21.56 -14.50
CA THR A 34 -4.36 -22.39 -14.03
C THR A 34 -4.07 -23.88 -14.23
N ASP A 35 -5.06 -24.71 -13.84
CA ASP A 35 -5.01 -26.16 -13.94
C ASP A 35 -3.69 -26.78 -13.45
N PRO A 36 -3.31 -26.57 -12.20
CA PRO A 36 -2.00 -27.02 -11.73
C PRO A 36 -2.00 -28.49 -11.28
N LEU A 37 -0.79 -29.05 -11.25
CA LEU A 37 -0.53 -30.29 -10.52
C LEU A 37 0.81 -30.20 -9.84
N LEU A 38 0.93 -30.90 -8.71
CA LEU A 38 2.21 -31.09 -8.03
C LEU A 38 2.34 -32.56 -7.67
N ALA A 39 3.53 -33.14 -7.87
CA ALA A 39 3.87 -34.44 -7.30
C ALA A 39 5.28 -34.35 -6.72
N VAL A 40 5.52 -35.05 -5.61
CA VAL A 40 6.83 -35.06 -4.97
C VAL A 40 7.19 -36.50 -4.65
N ASP A 41 8.37 -36.94 -5.09
CA ASP A 41 8.78 -38.33 -4.92
C ASP A 41 10.31 -38.46 -4.91
N ASN A 42 10.85 -39.09 -3.86
CA ASN A 42 12.26 -39.53 -3.81
C ASN A 42 13.21 -38.36 -4.09
N GLY A 43 12.83 -37.18 -3.61
CA GLY A 43 13.68 -36.01 -3.78
C GLY A 43 13.53 -35.32 -5.11
N PHE A 44 12.52 -35.68 -5.90
CA PHE A 44 12.24 -35.03 -7.17
C PHE A 44 10.79 -34.55 -7.15
N PHE A 45 10.40 -33.81 -8.17
CA PHE A 45 9.01 -33.36 -8.22
C PHE A 45 8.59 -33.23 -9.67
N ALA A 46 7.28 -33.32 -9.90
CA ALA A 46 6.67 -32.96 -11.16
C ALA A 46 5.75 -31.78 -10.94
N TYR A 47 5.62 -30.92 -11.94
CA TYR A 47 4.75 -29.76 -11.83
C TYR A 47 4.16 -29.47 -13.20
N SER A 48 2.92 -29.00 -13.22
CA SER A 48 2.34 -28.59 -14.48
C SER A 48 1.41 -27.41 -14.24
N HIS A 49 1.22 -26.57 -15.26
CA HIS A 49 0.14 -25.58 -15.26
C HIS A 49 -0.19 -25.17 -16.69
N LEU A 50 -1.28 -24.43 -16.85
CA LEU A 50 -1.69 -23.85 -18.12
C LEU A 50 -1.68 -22.33 -17.98
N GLU A 51 -0.83 -21.66 -18.75
CA GLU A 51 -0.74 -20.21 -18.74
C GLU A 51 -1.65 -19.65 -19.82
N LYS A 52 -2.52 -18.73 -19.44
CA LYS A 52 -3.41 -18.06 -20.38
C LYS A 52 -3.12 -16.57 -20.33
N ILE A 53 -3.23 -15.92 -21.50
CA ILE A 53 -3.18 -14.47 -21.59
C ILE A 53 -4.60 -13.98 -21.42
N GLY A 54 -4.83 -13.22 -20.35
CA GLY A 54 -6.14 -12.68 -20.06
C GLY A 54 -6.84 -13.47 -18.94
N SER A 55 -8.09 -13.84 -19.17
CA SER A 55 -8.89 -14.54 -18.19
C SER A 55 -8.36 -15.93 -17.89
N CYS A 56 -8.45 -16.34 -16.61
CA CYS A 56 -8.22 -17.74 -16.24
C CYS A 56 -9.19 -18.66 -16.96
N THR A 57 -10.36 -18.13 -17.30
CA THR A 57 -11.52 -18.85 -17.78
C THR A 57 -11.65 -18.79 -19.30
N ARG A 58 -11.51 -17.60 -19.87
CA ARG A 58 -11.79 -17.32 -21.27
C ARG A 58 -10.57 -16.81 -22.03
N GLY A 59 -9.39 -16.76 -21.41
CA GLY A 59 -8.23 -16.21 -22.06
C GLY A 59 -7.61 -17.17 -23.06
N ILE A 60 -6.79 -16.61 -23.96
CA ILE A 60 -6.08 -17.41 -24.95
C ILE A 60 -5.02 -18.26 -24.26
N ALA A 61 -5.07 -19.57 -24.48
CA ALA A 61 -4.05 -20.46 -23.92
C ALA A 61 -2.70 -20.17 -24.55
N LYS A 62 -1.73 -19.79 -23.73
CA LYS A 62 -0.39 -19.50 -24.24
C LYS A 62 0.51 -20.72 -24.18
N GLN A 63 0.52 -21.41 -23.05
CA GLN A 63 1.54 -22.43 -22.83
C GLN A 63 1.07 -23.37 -21.74
N ARG A 64 1.22 -24.67 -21.98
CA ARG A 64 1.11 -25.70 -20.96
C ARG A 64 2.51 -26.19 -20.70
N ILE A 65 2.98 -26.06 -19.45
CA ILE A 65 4.28 -26.62 -19.10
C ILE A 65 4.05 -27.90 -18.32
N ILE A 66 4.87 -28.91 -18.60
CA ILE A 66 4.96 -30.11 -17.80
C ILE A 66 6.42 -30.24 -17.46
N GLY A 67 6.76 -30.09 -16.18
CA GLY A 67 8.15 -30.00 -15.78
C GLY A 67 8.47 -30.93 -14.63
N VAL A 68 9.75 -31.30 -14.54
CA VAL A 68 10.25 -32.05 -13.40
C VAL A 68 11.47 -31.32 -12.84
N GLY A 69 11.79 -31.62 -11.59
CA GLY A 69 13.01 -31.11 -11.01
C GLY A 69 13.42 -31.86 -9.77
N GLU A 70 14.31 -31.24 -8.99
CA GLU A 70 14.72 -31.83 -7.73
C GLU A 70 14.32 -30.93 -6.57
N VAL A 71 14.16 -31.56 -5.41
CA VAL A 71 13.91 -30.89 -4.15
C VAL A 71 15.14 -31.11 -3.28
N LEU A 72 15.85 -30.04 -2.93
CA LEU A 72 17.11 -30.23 -2.23
C LEU A 72 17.32 -29.20 -1.11
N ASP A 73 18.15 -29.60 -0.16
CA ASP A 73 18.68 -28.72 0.88
C ASP A 73 19.94 -28.06 0.35
N ARG A 74 19.87 -26.75 0.09
CA ARG A 74 21.02 -26.00 -0.42
C ARG A 74 22.08 -25.68 0.65
N GLY A 75 21.90 -26.12 1.89
CA GLY A 75 22.76 -25.72 2.98
C GLY A 75 22.09 -24.89 4.04
N ASP A 76 20.90 -24.35 3.76
CA ASP A 76 20.15 -23.56 4.72
C ASP A 76 19.03 -24.37 5.39
N LYS A 77 19.02 -25.70 5.20
CA LYS A 77 18.17 -26.62 5.97
C LYS A 77 16.68 -26.41 5.68
N VAL A 78 16.38 -26.09 4.42
CA VAL A 78 15.00 -26.01 3.93
C VAL A 78 14.95 -26.66 2.56
N PRO A 79 13.77 -27.14 2.14
CA PRO A 79 13.63 -27.69 0.78
C PRO A 79 13.44 -26.59 -0.24
N SER A 80 14.27 -26.59 -1.28
CA SER A 80 14.15 -25.69 -2.42
C SER A 80 13.90 -26.51 -3.67
N MET A 81 13.09 -25.97 -4.58
CA MET A 81 12.70 -26.67 -5.79
C MET A 81 13.33 -26.00 -7.01
N PHE A 82 14.04 -26.79 -7.83
CA PHE A 82 14.57 -26.28 -9.08
C PHE A 82 14.18 -27.21 -10.21
N MET A 83 13.60 -26.63 -11.27
CA MET A 83 13.30 -27.37 -12.48
C MET A 83 14.59 -27.90 -13.10
N THR A 84 14.55 -29.14 -13.61
CA THR A 84 15.65 -29.70 -14.40
C THR A 84 15.28 -30.05 -15.84
N ASN A 85 13.99 -30.12 -16.18
CA ASN A 85 13.58 -30.68 -17.46
C ASN A 85 12.12 -30.28 -17.70
N VAL A 86 11.86 -29.54 -18.77
CA VAL A 86 10.55 -28.98 -19.03
C VAL A 86 10.18 -29.25 -20.49
N TRP A 87 8.92 -29.55 -20.71
CA TRP A 87 8.42 -29.87 -22.04
C TRP A 87 7.10 -29.15 -22.25
N THR A 88 6.88 -28.64 -23.46
CA THR A 88 5.61 -27.96 -23.73
C THR A 88 4.94 -28.62 -24.92
N PRO A 89 3.74 -29.17 -24.74
CA PRO A 89 3.08 -29.83 -25.86
C PRO A 89 2.56 -28.81 -26.85
N PRO A 90 2.48 -29.15 -28.14
CA PRO A 90 1.77 -28.30 -29.09
C PRO A 90 0.30 -28.19 -28.71
N ASN A 91 -0.32 -27.09 -29.12
CA ASN A 91 -1.76 -26.89 -28.94
C ASN A 91 -2.18 -27.09 -27.48
N PRO A 92 -1.74 -26.22 -26.58
CA PRO A 92 -2.02 -26.43 -25.15
C PRO A 92 -3.50 -26.39 -24.78
N SER A 93 -4.37 -25.80 -25.61
CA SER A 93 -5.78 -25.83 -25.23
C SER A 93 -6.40 -27.22 -25.29
N THR A 94 -5.73 -28.20 -25.89
CA THR A 94 -6.29 -29.53 -26.05
C THR A 94 -5.89 -30.49 -24.94
N ILE A 95 -5.04 -30.07 -24.00
CA ILE A 95 -4.45 -30.96 -23.00
C ILE A 95 -5.19 -30.74 -21.68
N HIS A 96 -5.73 -31.81 -21.10
CA HIS A 96 -6.58 -31.71 -19.90
C HIS A 96 -6.27 -32.84 -18.92
N HIS A 97 -6.53 -32.58 -17.63
CA HIS A 97 -6.48 -33.62 -16.59
C HIS A 97 -5.17 -34.40 -16.61
N CYS A 98 -4.05 -33.68 -16.59
CA CYS A 98 -2.78 -34.40 -16.51
C CYS A 98 -2.60 -35.01 -15.11
N SER A 99 -1.86 -36.13 -15.05
CA SER A 99 -1.54 -36.84 -13.81
C SER A 99 -0.13 -37.42 -13.92
N SER A 100 0.69 -37.25 -12.87
CA SER A 100 2.11 -37.58 -12.90
C SER A 100 2.49 -38.65 -11.89
N THR A 101 3.29 -39.63 -12.33
CA THR A 101 3.76 -40.70 -11.47
C THR A 101 5.27 -40.91 -11.66
N TYR A 102 5.99 -41.00 -10.55
CA TYR A 102 7.44 -41.19 -10.56
C TYR A 102 7.81 -42.67 -10.61
N HIS A 103 8.85 -42.99 -11.39
CA HIS A 103 9.42 -44.34 -11.42
C HIS A 103 10.89 -44.25 -11.84
N GLU A 104 11.78 -44.65 -10.94
CA GLU A 104 13.23 -44.70 -11.22
C GLU A 104 13.76 -43.41 -11.81
N ASP A 105 14.05 -43.41 -13.10
CA ASP A 105 14.71 -42.24 -13.67
C ASP A 105 13.78 -41.12 -14.07
N PHE A 106 12.45 -41.31 -13.97
CA PHE A 106 11.53 -40.45 -14.70
C PHE A 106 10.28 -40.16 -13.88
N TYR A 107 9.63 -39.07 -14.26
CA TYR A 107 8.19 -38.88 -14.02
C TYR A 107 7.47 -39.23 -15.29
N TYR A 108 6.38 -40.01 -15.18
CA TYR A 108 5.51 -40.34 -16.30
C TYR A 108 4.23 -39.55 -16.11
N THR A 109 3.87 -38.72 -17.08
CA THR A 109 2.69 -37.86 -16.96
C THR A 109 1.66 -38.24 -18.02
N LEU A 110 0.46 -38.58 -17.56
CA LEU A 110 -0.62 -39.07 -18.41
C LEU A 110 -1.69 -37.98 -18.53
N CYS A 111 -2.10 -37.67 -19.74
CA CYS A 111 -3.04 -36.58 -19.92
C CYS A 111 -4.14 -37.03 -20.89
N ALA A 112 -5.27 -36.32 -20.81
CA ALA A 112 -6.33 -36.46 -21.80
C ALA A 112 -6.16 -35.42 -22.89
N VAL A 113 -6.52 -35.79 -24.11
CA VAL A 113 -6.55 -34.89 -25.25
C VAL A 113 -8.00 -34.62 -25.61
N SER A 114 -8.36 -33.35 -25.77
CA SER A 114 -9.75 -32.99 -25.96
C SER A 114 -9.89 -31.80 -26.89
N HIS A 115 -10.81 -31.89 -27.84
CA HIS A 115 -11.19 -30.74 -28.66
C HIS A 115 -12.55 -30.17 -28.28
N VAL A 116 -13.14 -30.59 -27.16
CA VAL A 116 -14.49 -30.19 -26.76
C VAL A 116 -14.48 -29.67 -25.33
N GLY A 117 -13.33 -29.20 -24.87
CA GLY A 117 -13.25 -28.67 -23.53
C GLY A 117 -13.05 -29.77 -22.50
N ASP A 118 -13.46 -29.47 -21.29
CA ASP A 118 -13.36 -30.44 -20.20
C ASP A 118 -14.23 -31.65 -20.48
N PRO A 119 -13.66 -32.86 -20.59
CA PRO A 119 -14.52 -34.04 -20.85
C PRO A 119 -15.60 -34.24 -19.80
N ILE A 120 -15.35 -33.84 -18.55
CA ILE A 120 -16.35 -34.06 -17.49
C ILE A 120 -17.67 -33.36 -17.81
N LEU A 121 -17.60 -32.16 -18.37
CA LEU A 121 -18.79 -31.37 -18.64
C LEU A 121 -19.25 -31.48 -20.09
N ASN A 122 -18.53 -32.26 -20.89
CA ASN A 122 -18.86 -32.52 -22.27
C ASN A 122 -18.70 -34.01 -22.56
N SER A 123 -19.17 -34.86 -21.63
CA SER A 123 -18.79 -36.27 -21.68
C SER A 123 -19.39 -37.00 -22.88
N THR A 124 -20.60 -36.63 -23.33
CA THR A 124 -21.15 -37.39 -24.46
C THR A 124 -20.56 -36.98 -25.80
N SER A 125 -19.75 -35.91 -25.82
CA SER A 125 -19.06 -35.43 -27.01
C SER A 125 -17.57 -35.75 -27.04
N TRP A 126 -16.97 -36.07 -25.90
CA TRP A 126 -15.53 -36.32 -25.82
C TRP A 126 -15.19 -37.70 -26.37
N THR A 127 -14.36 -37.76 -27.39
CA THR A 127 -13.80 -39.02 -27.86
C THR A 127 -12.57 -39.34 -27.02
N GLU A 128 -12.58 -40.50 -26.37
CA GLU A 128 -11.48 -40.88 -25.50
C GLU A 128 -10.15 -40.85 -26.26
N SER A 129 -9.18 -40.13 -25.71
CA SER A 129 -7.88 -39.97 -26.35
C SER A 129 -6.89 -39.55 -25.27
N LEU A 130 -5.83 -40.32 -25.11
CA LEU A 130 -4.91 -40.13 -24.01
C LEU A 130 -3.50 -40.11 -24.56
N SER A 131 -2.61 -39.44 -23.83
CA SER A 131 -1.21 -39.48 -24.25
C SER A 131 -0.32 -39.36 -23.02
N LEU A 132 0.93 -39.78 -23.17
CA LEU A 132 1.86 -39.83 -22.06
C LEU A 132 3.19 -39.20 -22.46
N ILE A 133 3.73 -38.35 -21.57
CA ILE A 133 5.08 -37.82 -21.74
C ILE A 133 5.93 -38.29 -20.56
N ARG A 134 7.09 -38.87 -20.89
CA ARG A 134 8.08 -39.35 -19.94
C ARG A 134 9.26 -38.38 -19.93
N LEU A 135 9.66 -37.93 -18.72
CA LEU A 135 10.70 -36.92 -18.55
C LEU A 135 11.73 -37.39 -17.53
N ALA A 136 13.01 -37.38 -17.90
CA ALA A 136 14.04 -37.76 -16.94
C ALA A 136 14.21 -36.65 -15.90
N VAL A 137 14.33 -37.04 -14.63
CA VAL A 137 14.55 -36.04 -13.59
C VAL A 137 15.99 -35.54 -13.54
N ARG A 138 16.95 -36.32 -14.05
CA ARG A 138 18.35 -35.92 -14.11
C ARG A 138 18.77 -36.10 -15.55
N PRO A 139 18.45 -35.14 -16.41
CA PRO A 139 18.69 -35.35 -17.84
C PRO A 139 20.18 -35.34 -18.13
N LYS A 140 20.54 -35.92 -19.27
CA LYS A 140 21.94 -36.01 -19.67
C LYS A 140 22.09 -35.66 -21.14
N SER A 141 23.23 -35.06 -21.45
CA SER A 141 23.52 -34.63 -22.82
C SER A 141 23.57 -35.80 -23.78
N ASP A 142 23.04 -35.58 -24.98
CA ASP A 142 23.22 -36.51 -26.10
C ASP A 142 22.82 -37.93 -25.73
N SER A 143 21.61 -38.09 -25.18
CA SER A 143 21.18 -39.37 -24.63
C SER A 143 19.92 -39.91 -25.31
N GLY A 144 19.71 -39.59 -26.58
CA GLY A 144 18.58 -40.19 -27.29
C GLY A 144 17.25 -39.67 -26.77
N ASP A 145 16.33 -40.59 -26.43
CA ASP A 145 15.06 -40.20 -25.85
C ASP A 145 15.03 -40.38 -24.34
N TYR A 146 16.21 -40.43 -23.71
CA TYR A 146 16.30 -40.54 -22.27
C TYR A 146 15.65 -39.33 -21.59
N ASN A 147 15.89 -38.14 -22.13
CA ASN A 147 15.44 -36.93 -21.45
C ASN A 147 13.93 -36.73 -21.60
N GLN A 148 13.41 -36.87 -22.82
CA GLN A 148 12.00 -36.63 -23.11
C GLN A 148 11.51 -37.66 -24.11
N LYS A 149 10.37 -38.31 -23.81
CA LYS A 149 9.85 -39.37 -24.67
C LYS A 149 8.34 -39.33 -24.63
N TYR A 150 7.73 -39.03 -25.78
CA TYR A 150 6.28 -38.87 -25.90
C TYR A 150 5.66 -40.16 -26.40
N ILE A 151 4.48 -40.49 -25.86
CA ILE A 151 3.73 -41.68 -26.27
C ILE A 151 2.25 -41.33 -26.28
N ALA A 152 1.59 -41.52 -27.43
CA ALA A 152 0.14 -41.42 -27.50
C ALA A 152 -0.46 -42.81 -27.32
N ILE A 153 -1.35 -42.95 -26.33
CA ILE A 153 -1.94 -44.25 -26.04
C ILE A 153 -2.99 -44.60 -27.10
N THR A 154 -3.04 -45.88 -27.50
CA THR A 154 -4.10 -46.30 -28.41
C THR A 154 -4.71 -47.65 -28.05
N LYS A 155 -4.40 -48.22 -26.89
CA LYS A 155 -5.08 -49.43 -26.41
C LYS A 155 -5.41 -49.26 -24.94
N VAL A 156 -6.71 -49.25 -24.62
CA VAL A 156 -7.20 -49.04 -23.27
C VAL A 156 -8.24 -50.11 -22.95
N GLU A 157 -7.99 -50.91 -21.91
CA GLU A 157 -8.94 -51.91 -21.45
C GLU A 157 -9.81 -51.28 -20.37
N ARG A 158 -11.11 -51.13 -20.66
CA ARG A 158 -12.00 -50.38 -19.80
C ARG A 158 -13.20 -51.17 -19.34
N GLY A 159 -13.27 -52.46 -19.68
CA GLY A 159 -14.37 -53.26 -19.17
C GLY A 159 -15.69 -52.70 -19.64
N LYS A 160 -16.64 -52.55 -18.71
CA LYS A 160 -17.97 -52.07 -19.07
C LYS A 160 -18.04 -50.56 -19.25
N TYR A 161 -16.98 -49.81 -18.98
CA TYR A 161 -17.05 -48.35 -19.07
C TYR A 161 -16.94 -47.91 -20.53
N ASP A 162 -17.71 -46.87 -20.89
CA ASP A 162 -17.64 -46.35 -22.26
C ASP A 162 -16.30 -45.68 -22.53
N LYS A 163 -15.83 -44.89 -21.55
CA LYS A 163 -14.63 -44.05 -21.67
C LYS A 163 -13.96 -44.01 -20.30
N VAL A 164 -12.64 -43.79 -20.28
CA VAL A 164 -11.90 -43.61 -19.03
C VAL A 164 -10.90 -42.47 -19.22
N MET A 165 -10.42 -41.90 -18.10
CA MET A 165 -9.61 -40.68 -18.19
C MET A 165 -8.80 -40.49 -16.91
N PRO A 166 -7.55 -40.01 -16.98
CA PRO A 166 -6.86 -39.61 -15.74
C PRO A 166 -7.65 -38.53 -15.01
N TYR A 167 -7.64 -38.59 -13.68
CA TYR A 167 -8.47 -37.69 -12.89
C TYR A 167 -7.87 -37.48 -11.50
N GLY A 168 -6.79 -36.71 -11.42
CA GLY A 168 -6.13 -36.42 -10.17
C GLY A 168 -4.67 -36.08 -10.40
N PRO A 169 -4.01 -35.47 -9.41
CA PRO A 169 -2.67 -34.91 -9.70
C PRO A 169 -1.56 -35.93 -9.81
N SER A 170 -1.56 -37.04 -9.05
CA SER A 170 -0.39 -37.92 -9.03
C SER A 170 -0.75 -39.35 -8.63
N GLY A 171 0.08 -40.29 -9.06
CA GLY A 171 -0.14 -41.69 -8.74
C GLY A 171 1.07 -42.35 -8.10
N ILE A 172 1.17 -43.68 -8.19
CA ILE A 172 2.24 -44.44 -7.53
C ILE A 172 2.75 -45.54 -8.45
N LYS A 173 3.98 -45.96 -8.19
CA LYS A 173 4.48 -47.20 -8.74
C LYS A 173 4.39 -48.29 -7.69
N GLN A 174 4.26 -49.53 -8.14
CA GLN A 174 4.48 -50.70 -7.30
C GLN A 174 5.36 -51.64 -8.11
N GLY A 175 6.58 -51.83 -7.67
CA GLY A 175 7.57 -52.48 -8.53
C GLY A 175 7.76 -51.68 -9.80
N ASP A 176 7.52 -52.32 -10.95
CA ASP A 176 7.57 -51.63 -12.24
C ASP A 176 6.20 -51.49 -12.90
N THR A 177 5.14 -51.45 -12.09
CA THR A 177 3.79 -51.12 -12.56
C THR A 177 3.39 -49.77 -12.00
N LEU A 178 2.93 -48.87 -12.88
CA LEU A 178 2.47 -47.54 -12.47
C LEU A 178 0.94 -47.49 -12.38
N TYR A 179 0.43 -46.71 -11.42
CA TYR A 179 -1.02 -46.50 -11.29
C TYR A 179 -1.31 -45.00 -11.22
N PHE A 180 -2.26 -44.53 -12.08
CA PHE A 180 -2.71 -43.12 -12.12
C PHE A 180 -4.14 -43.02 -11.59
N PRO A 181 -4.46 -42.04 -10.73
CA PRO A 181 -5.86 -41.79 -10.40
C PRO A 181 -6.63 -41.52 -11.68
N ALA A 182 -7.87 -42.02 -11.74
CA ALA A 182 -8.61 -42.05 -12.99
C ALA A 182 -10.10 -42.09 -12.69
N VAL A 183 -10.90 -42.05 -13.75
CA VAL A 183 -12.36 -42.09 -13.65
C VAL A 183 -12.88 -42.80 -14.88
N GLY A 184 -13.98 -43.54 -14.72
CA GLY A 184 -14.65 -44.21 -15.83
C GLY A 184 -16.04 -43.66 -16.02
N PHE A 185 -16.45 -43.54 -17.29
CA PHE A 185 -17.78 -43.05 -17.64
C PHE A 185 -18.68 -44.26 -17.95
N LEU A 186 -19.68 -44.51 -17.10
CA LEU A 186 -20.57 -45.66 -17.28
C LEU A 186 -21.97 -45.18 -17.62
N PRO A 187 -22.60 -45.66 -18.70
CA PRO A 187 -23.98 -45.24 -18.97
C PRO A 187 -24.86 -45.44 -17.74
N ARG A 188 -25.65 -44.41 -17.41
CA ARG A 188 -26.51 -44.48 -16.24
C ARG A 188 -27.46 -45.67 -16.31
N THR A 189 -27.96 -46.00 -17.51
CA THR A 189 -28.87 -47.13 -17.65
C THR A 189 -28.21 -48.46 -17.31
N GLU A 190 -26.88 -48.52 -17.25
CA GLU A 190 -26.17 -49.74 -16.89
C GLU A 190 -25.67 -49.74 -15.45
N PHE A 191 -25.99 -48.71 -14.67
CA PHE A 191 -25.50 -48.58 -13.31
C PHE A 191 -26.57 -49.06 -12.34
N GLN A 192 -26.25 -50.04 -11.52
CA GLN A 192 -27.21 -50.59 -10.58
C GLN A 192 -26.82 -50.21 -9.17
N TYR A 193 -27.80 -49.73 -8.41
CA TYR A 193 -27.57 -49.23 -7.06
C TYR A 193 -28.85 -49.47 -6.28
N ASN A 194 -28.75 -50.23 -5.20
CA ASN A 194 -29.90 -50.48 -4.33
C ASN A 194 -30.13 -49.26 -3.45
N ASP A 195 -31.30 -48.64 -3.59
CA ASP A 195 -31.64 -47.44 -2.85
C ASP A 195 -31.69 -47.68 -1.34
N SER A 196 -31.77 -48.94 -0.88
CA SER A 196 -31.61 -49.24 0.53
C SER A 196 -30.19 -49.00 1.04
N ASN A 197 -29.21 -48.90 0.14
CA ASN A 197 -27.85 -48.54 0.54
C ASN A 197 -27.68 -47.04 0.81
N CYS A 198 -28.76 -46.24 0.66
CA CYS A 198 -28.68 -44.79 0.80
C CYS A 198 -29.00 -44.38 2.23
N PRO A 199 -28.07 -43.85 3.00
CA PRO A 199 -28.33 -43.64 4.42
C PRO A 199 -29.15 -42.38 4.70
N ILE A 200 -30.48 -42.48 4.75
CA ILE A 200 -31.29 -41.28 4.90
C ILE A 200 -31.93 -41.17 6.28
N ILE A 201 -31.57 -42.04 7.22
CA ILE A 201 -32.13 -41.93 8.56
C ILE A 201 -31.62 -40.65 9.21
N HIS A 202 -32.52 -39.94 9.89
CA HIS A 202 -32.24 -38.64 10.53
C HIS A 202 -31.93 -37.56 9.50
N CYS A 203 -32.44 -37.73 8.28
CA CYS A 203 -32.29 -36.80 7.15
C CYS A 203 -33.68 -36.56 6.60
N LYS A 204 -34.43 -35.63 7.21
CA LYS A 204 -35.86 -35.50 6.89
C LYS A 204 -36.06 -35.17 5.41
N TYR A 205 -35.24 -34.29 4.85
CA TYR A 205 -35.39 -33.82 3.49
C TYR A 205 -34.75 -34.74 2.44
N SER A 206 -34.04 -35.79 2.85
CA SER A 206 -33.37 -36.68 1.88
C SER A 206 -34.32 -37.76 1.37
N LYS A 207 -34.17 -38.13 0.09
CA LYS A 207 -34.89 -39.27 -0.47
C LYS A 207 -33.93 -40.41 -0.81
N ALA A 208 -34.48 -41.64 -0.80
CA ALA A 208 -33.66 -42.84 -0.91
C ALA A 208 -32.96 -42.94 -2.26
N GLU A 209 -33.58 -42.36 -3.30
CA GLU A 209 -32.98 -42.30 -4.62
C GLU A 209 -31.78 -41.36 -4.73
N ASN A 210 -31.46 -40.59 -3.69
CA ASN A 210 -30.55 -39.45 -3.91
C ASN A 210 -29.13 -39.90 -4.18
N CYS A 211 -28.70 -41.00 -3.55
CA CYS A 211 -27.33 -41.49 -3.74
C CYS A 211 -27.10 -41.89 -5.19
N ARG A 212 -28.04 -42.63 -5.77
CA ARG A 212 -27.88 -43.11 -7.14
C ARG A 212 -27.97 -41.96 -8.13
N LEU A 213 -28.90 -41.03 -7.90
CA LEU A 213 -28.98 -39.87 -8.78
C LEU A 213 -27.72 -39.01 -8.73
N SER A 214 -27.08 -38.92 -7.58
CA SER A 214 -25.90 -38.04 -7.44
C SER A 214 -24.60 -38.72 -7.83
N MET A 215 -24.66 -39.90 -8.46
CA MET A 215 -23.46 -40.53 -9.00
C MET A 215 -23.10 -40.00 -10.39
N GLY A 216 -23.93 -39.12 -10.95
CA GLY A 216 -23.56 -38.33 -12.12
C GLY A 216 -23.70 -36.85 -11.80
N VAL A 217 -23.22 -36.00 -12.71
CA VAL A 217 -23.16 -34.57 -12.40
C VAL A 217 -24.54 -33.94 -12.36
N ASN A 218 -25.58 -34.61 -12.87
CA ASN A 218 -26.94 -34.19 -12.59
C ASN A 218 -27.83 -35.44 -12.66
N SER A 219 -29.04 -35.32 -12.07
CA SER A 219 -29.85 -36.51 -11.84
C SER A 219 -30.20 -37.24 -13.12
N LYS A 220 -30.20 -36.57 -14.27
CA LYS A 220 -30.54 -37.22 -15.53
C LYS A 220 -29.34 -37.36 -16.47
N SER A 221 -28.12 -37.19 -15.96
CA SER A 221 -26.93 -37.28 -16.80
C SER A 221 -26.89 -38.62 -17.54
N HIS A 222 -26.31 -38.60 -18.76
CA HIS A 222 -26.17 -39.83 -19.54
C HIS A 222 -25.22 -40.81 -18.86
N TYR A 223 -24.16 -40.30 -18.22
CA TYR A 223 -23.16 -41.12 -17.55
C TYR A 223 -23.24 -40.91 -16.04
N ILE A 224 -22.86 -41.95 -15.31
CA ILE A 224 -22.37 -41.78 -13.95
C ILE A 224 -20.85 -41.87 -14.01
N LEU A 225 -20.20 -41.42 -12.95
CA LEU A 225 -18.74 -41.37 -12.90
C LEU A 225 -18.25 -42.21 -11.75
N ARG A 226 -17.22 -43.00 -11.99
CA ARG A 226 -16.69 -43.93 -11.00
C ARG A 226 -15.18 -43.75 -10.91
N SER A 227 -14.66 -43.44 -9.71
CA SER A 227 -13.22 -43.27 -9.56
C SER A 227 -12.50 -44.62 -9.67
N GLY A 228 -11.19 -44.56 -9.85
CA GLY A 228 -10.43 -45.78 -10.03
C GLY A 228 -8.98 -45.51 -10.33
N LEU A 229 -8.28 -46.47 -10.93
CA LEU A 229 -6.91 -46.28 -11.37
C LEU A 229 -6.78 -46.70 -12.82
N LEU A 230 -5.82 -46.07 -13.52
CA LEU A 230 -5.34 -46.58 -14.80
C LEU A 230 -3.98 -47.19 -14.55
N LYS A 231 -3.85 -48.48 -14.88
CA LYS A 231 -2.66 -49.28 -14.60
C LYS A 231 -1.79 -49.36 -15.84
N TYR A 232 -0.48 -49.12 -15.65
CA TYR A 232 0.48 -49.07 -16.75
C TYR A 232 1.69 -49.95 -16.35
N ASN A 233 1.68 -51.20 -16.80
CA ASN A 233 2.66 -52.20 -16.40
C ASN A 233 3.82 -52.19 -17.38
N LEU A 234 4.95 -51.60 -16.97
CA LEU A 234 6.12 -51.49 -17.83
C LEU A 234 6.65 -52.85 -18.33
N SER A 235 6.30 -53.97 -17.68
CA SER A 235 6.83 -55.28 -18.10
C SER A 235 6.28 -55.78 -19.43
N LEU A 236 5.12 -55.27 -19.87
CA LEU A 236 4.52 -55.79 -21.09
C LEU A 236 5.22 -55.30 -22.35
N GLY A 237 5.87 -54.13 -22.30
CA GLY A 237 6.63 -53.62 -23.44
C GLY A 237 5.82 -53.08 -24.60
N GLY A 238 6.48 -52.30 -25.47
CA GLY A 238 5.83 -51.91 -26.70
C GLY A 238 4.74 -50.88 -26.46
N ASP A 239 3.77 -50.84 -27.37
CA ASP A 239 2.66 -49.91 -27.26
C ASP A 239 1.89 -50.13 -25.96
N ILE A 240 1.74 -49.06 -25.19
CA ILE A 240 1.15 -49.14 -23.86
C ILE A 240 -0.30 -49.62 -23.95
N ILE A 241 -0.66 -50.56 -23.09
CA ILE A 241 -2.06 -50.88 -22.81
C ILE A 241 -2.36 -50.38 -21.41
N LEU A 242 -3.26 -49.41 -21.30
CA LEU A 242 -3.73 -48.97 -20.00
C LEU A 242 -4.92 -49.83 -19.60
N GLN A 243 -4.97 -50.19 -18.32
CA GLN A 243 -6.08 -50.96 -17.79
C GLN A 243 -6.76 -50.18 -16.68
N PHE A 244 -8.08 -50.00 -16.80
CA PHE A 244 -8.86 -49.30 -15.78
C PHE A 244 -9.24 -50.26 -14.66
N ILE A 245 -9.04 -49.83 -13.42
CA ILE A 245 -9.42 -50.56 -12.20
C ILE A 245 -10.42 -49.70 -11.44
N GLU A 246 -11.67 -50.18 -11.29
CA GLU A 246 -12.68 -49.37 -10.61
C GLU A 246 -12.53 -49.47 -9.08
N ILE A 247 -12.87 -48.37 -8.40
CA ILE A 247 -12.88 -48.34 -6.94
C ILE A 247 -14.04 -49.17 -6.41
N ALA A 248 -13.83 -49.83 -5.28
CA ALA A 248 -14.86 -50.69 -4.70
C ALA A 248 -16.02 -49.84 -4.19
N ASP A 249 -17.13 -50.49 -3.87
CA ASP A 249 -18.35 -49.73 -3.62
C ASP A 249 -18.59 -49.42 -2.13
N ASN A 250 -17.56 -49.53 -1.29
CA ASN A 250 -17.70 -49.13 0.11
C ASN A 250 -17.55 -47.60 0.20
N ARG A 251 -18.55 -46.95 0.81
CA ARG A 251 -18.61 -45.49 0.88
C ARG A 251 -18.45 -44.86 -0.51
N LEU A 252 -19.31 -45.32 -1.42
CA LEU A 252 -19.22 -44.94 -2.82
C LEU A 252 -19.78 -43.54 -3.02
N THR A 253 -18.98 -42.65 -3.62
CA THR A 253 -19.44 -41.31 -4.02
C THR A 253 -19.03 -41.06 -5.46
N ILE A 254 -19.56 -39.97 -6.05
CA ILE A 254 -19.34 -39.72 -7.47
C ILE A 254 -17.84 -39.67 -7.77
N GLY A 255 -17.45 -40.25 -8.90
CA GLY A 255 -16.08 -40.24 -9.35
C GLY A 255 -15.56 -38.80 -9.40
N SER A 256 -14.35 -38.59 -8.93
CA SER A 256 -13.87 -37.24 -8.65
C SER A 256 -12.35 -37.28 -8.63
N PRO A 257 -11.71 -36.12 -8.69
CA PRO A 257 -10.24 -36.15 -8.75
C PRO A 257 -9.67 -36.70 -7.45
N SER A 258 -8.68 -37.59 -7.59
CA SER A 258 -8.18 -38.36 -6.46
C SER A 258 -6.65 -38.42 -6.55
N LYS A 259 -6.00 -38.99 -5.54
CA LYS A 259 -4.61 -39.30 -5.72
C LYS A 259 -4.24 -40.51 -4.87
N ILE A 260 -3.25 -41.25 -5.32
CA ILE A 260 -2.73 -42.38 -4.59
C ILE A 260 -1.25 -42.12 -4.38
N TYR A 261 -0.76 -42.43 -3.19
CA TYR A 261 0.61 -42.08 -2.86
C TYR A 261 1.12 -43.05 -1.81
N ASN A 262 2.44 -43.20 -1.77
CA ASN A 262 3.07 -44.06 -0.77
C ASN A 262 3.41 -43.24 0.47
N SER A 263 3.11 -43.78 1.65
CA SER A 263 3.56 -43.11 2.85
C SER A 263 3.98 -44.17 3.86
N LEU A 264 5.18 -44.01 4.41
CA LEU A 264 5.73 -44.95 5.38
C LEU A 264 5.63 -46.39 4.90
N GLY A 265 5.88 -46.59 3.60
CA GLY A 265 5.96 -47.93 3.02
C GLY A 265 4.66 -48.51 2.49
N GLN A 266 3.52 -47.84 2.64
CA GLN A 266 2.26 -48.41 2.18
C GLN A 266 1.46 -47.38 1.40
N PRO A 267 0.61 -47.83 0.46
CA PRO A 267 -0.21 -46.90 -0.33
C PRO A 267 -1.40 -46.33 0.44
N VAL A 268 -1.69 -45.06 0.17
CA VAL A 268 -2.78 -44.27 0.77
C VAL A 268 -3.54 -43.62 -0.39
N PHE A 269 -4.85 -43.44 -0.23
CA PHE A 269 -5.72 -42.89 -1.28
C PHE A 269 -6.52 -41.70 -0.74
N TYR A 270 -6.65 -40.64 -1.54
CA TYR A 270 -7.55 -39.53 -1.24
C TYR A 270 -8.50 -39.35 -2.41
N GLN A 271 -9.80 -39.19 -2.13
CA GLN A 271 -10.79 -38.88 -3.18
C GLN A 271 -11.52 -37.60 -2.80
N ALA A 272 -11.55 -36.61 -3.70
CA ALA A 272 -12.26 -35.37 -3.39
C ALA A 272 -13.76 -35.63 -3.20
N SER A 273 -14.38 -34.86 -2.31
CA SER A 273 -15.81 -35.04 -2.00
C SER A 273 -16.63 -34.10 -2.89
N TYR A 274 -17.07 -34.60 -4.04
CA TYR A 274 -17.78 -33.73 -4.99
C TYR A 274 -19.30 -33.87 -4.92
N SER A 275 -19.85 -34.49 -3.88
CA SER A 275 -21.30 -34.51 -3.71
C SER A 275 -21.71 -34.43 -2.24
N TRP A 276 -22.66 -35.27 -1.80
CA TRP A 276 -23.37 -35.00 -0.55
C TRP A 276 -22.62 -35.50 0.69
N ASP A 277 -21.71 -36.47 0.51
CA ASP A 277 -20.86 -36.95 1.59
C ASP A 277 -19.65 -36.02 1.62
N THR A 278 -19.72 -34.97 2.48
CA THR A 278 -18.75 -33.87 2.37
C THR A 278 -17.56 -34.04 3.30
N MET A 279 -17.53 -35.11 4.10
CA MET A 279 -16.41 -35.29 5.01
C MET A 279 -15.23 -35.88 4.23
N ILE A 280 -14.01 -35.59 4.67
CA ILE A 280 -12.84 -35.93 3.85
C ILE A 280 -12.74 -37.45 3.68
N LYS A 281 -12.38 -37.88 2.45
CA LYS A 281 -12.29 -39.30 2.09
C LYS A 281 -10.82 -39.63 1.83
N LEU A 282 -10.20 -40.31 2.78
CA LEU A 282 -8.85 -40.82 2.58
C LEU A 282 -8.68 -42.03 3.46
N GLY A 283 -7.69 -42.84 3.12
CA GLY A 283 -7.34 -43.96 3.97
C GLY A 283 -6.28 -44.82 3.33
N ASP A 284 -5.79 -45.76 4.14
CA ASP A 284 -4.84 -46.74 3.65
C ASP A 284 -5.48 -47.64 2.59
N VAL A 285 -4.72 -47.94 1.55
CA VAL A 285 -5.22 -48.82 0.49
C VAL A 285 -5.16 -50.27 1.00
N ASP A 286 -6.30 -50.96 0.98
CA ASP A 286 -6.34 -52.38 1.39
C ASP A 286 -5.79 -53.27 0.28
N THR A 287 -6.35 -53.13 -0.92
CA THR A 287 -5.83 -53.80 -2.11
C THR A 287 -5.80 -52.79 -3.24
N VAL A 288 -4.79 -52.91 -4.11
CA VAL A 288 -4.70 -52.01 -5.25
C VAL A 288 -5.56 -52.51 -6.42
N ASP A 289 -5.63 -53.84 -6.62
CA ASP A 289 -6.40 -54.44 -7.69
C ASP A 289 -6.99 -55.75 -7.20
N PRO A 290 -8.31 -55.83 -6.99
CA PRO A 290 -9.31 -54.74 -7.09
C PRO A 290 -9.02 -53.63 -6.07
N LEU A 291 -9.35 -52.38 -6.42
CA LEU A 291 -8.99 -51.23 -5.58
C LEU A 291 -9.99 -51.09 -4.45
N ARG A 292 -9.51 -51.09 -3.20
CA ARG A 292 -10.36 -50.92 -2.03
C ARG A 292 -9.61 -50.12 -0.98
N VAL A 293 -10.24 -49.04 -0.51
CA VAL A 293 -9.65 -48.09 0.43
C VAL A 293 -10.35 -48.25 1.77
N GLN A 294 -9.58 -48.25 2.87
CA GLN A 294 -10.18 -48.24 4.21
C GLN A 294 -10.39 -46.79 4.67
N TRP A 295 -11.47 -46.19 4.19
CA TRP A 295 -11.70 -44.76 4.46
C TRP A 295 -11.69 -44.48 5.95
N ARG A 296 -11.02 -43.39 6.34
CA ARG A 296 -11.12 -42.91 7.72
C ARG A 296 -12.54 -42.46 8.03
N ASN A 297 -12.93 -42.63 9.29
CA ASN A 297 -14.14 -41.98 9.78
C ASN A 297 -13.72 -40.66 10.41
N ASN A 298 -13.44 -39.70 9.52
CA ASN A 298 -12.94 -38.41 9.92
C ASN A 298 -14.12 -37.44 10.06
N SER A 299 -14.21 -36.79 11.23
CA SER A 299 -15.30 -35.89 11.54
C SER A 299 -14.89 -34.42 11.55
N VAL A 300 -13.63 -34.08 11.29
CA VAL A 300 -13.18 -32.70 11.49
C VAL A 300 -12.82 -31.98 10.21
N ILE A 301 -12.48 -32.67 9.12
CA ILE A 301 -12.10 -32.01 7.87
C ILE A 301 -13.19 -32.24 6.83
N SER A 302 -13.67 -31.17 6.22
CA SER A 302 -14.68 -31.26 5.17
C SER A 302 -14.24 -30.41 3.99
N ARG A 303 -15.17 -29.89 3.18
CA ARG A 303 -14.84 -28.95 2.12
C ARG A 303 -16.03 -28.04 1.93
N PRO A 304 -15.81 -26.78 1.51
CA PRO A 304 -16.93 -25.88 1.21
C PRO A 304 -17.75 -26.41 0.03
N GLY A 305 -19.07 -26.19 0.11
CA GLY A 305 -19.96 -26.59 -0.95
C GLY A 305 -20.89 -25.46 -1.36
N GLN A 306 -22.09 -25.83 -1.79
CA GLN A 306 -23.10 -24.82 -2.10
C GLN A 306 -24.28 -25.06 -1.17
N SER A 307 -25.46 -24.52 -1.50
CA SER A 307 -26.54 -24.54 -0.51
C SER A 307 -27.02 -25.96 -0.25
N GLN A 308 -27.10 -26.79 -1.29
CA GLN A 308 -27.63 -28.15 -1.15
C GLN A 308 -26.70 -29.06 -0.33
N CYS A 309 -25.38 -28.96 -0.54
CA CYS A 309 -24.38 -29.82 0.11
C CYS A 309 -23.23 -28.96 0.66
N PRO A 310 -23.50 -28.15 1.68
CA PRO A 310 -22.51 -27.25 2.28
C PRO A 310 -21.52 -28.04 3.13
N ARG A 311 -20.50 -27.34 3.63
CA ARG A 311 -19.49 -27.99 4.46
C ARG A 311 -20.16 -28.72 5.61
N PHE A 312 -19.64 -29.92 5.92
CA PHE A 312 -20.08 -30.81 7.01
C PHE A 312 -21.43 -31.47 6.73
N ASN A 313 -22.04 -31.26 5.58
CA ASN A 313 -23.27 -31.98 5.28
C ASN A 313 -23.00 -33.49 5.21
N VAL A 314 -23.92 -34.30 5.76
CA VAL A 314 -23.82 -35.76 5.62
C VAL A 314 -25.12 -36.40 5.17
N CYS A 315 -26.09 -35.62 4.76
CA CYS A 315 -27.38 -36.18 4.32
C CYS A 315 -27.43 -36.31 2.81
N PRO A 316 -27.87 -37.46 2.24
CA PRO A 316 -27.84 -37.61 0.78
C PRO A 316 -28.72 -36.58 0.08
N GLU A 317 -28.12 -35.96 -0.95
CA GLU A 317 -28.76 -34.96 -1.78
C GLU A 317 -28.26 -35.18 -3.19
N VAL A 318 -28.95 -34.60 -4.16
CA VAL A 318 -28.49 -34.61 -5.54
C VAL A 318 -27.70 -33.31 -5.72
N CYS A 319 -26.37 -33.43 -5.76
CA CYS A 319 -25.53 -32.23 -5.87
C CYS A 319 -24.20 -32.63 -6.49
N TRP A 320 -23.59 -31.68 -7.20
CA TRP A 320 -22.22 -31.82 -7.71
C TRP A 320 -21.51 -30.54 -7.25
N GLU A 321 -20.82 -30.61 -6.11
CA GLU A 321 -20.30 -29.41 -5.44
C GLU A 321 -19.03 -29.80 -4.70
N GLY A 322 -18.09 -28.86 -4.57
CA GLY A 322 -16.93 -29.12 -3.74
C GLY A 322 -15.63 -28.78 -4.44
N THR A 323 -14.55 -28.93 -3.69
CA THR A 323 -13.20 -28.61 -4.18
C THR A 323 -12.27 -29.74 -3.80
N TYR A 324 -11.18 -29.89 -4.58
CA TYR A 324 -10.11 -30.86 -4.29
C TYR A 324 -9.15 -30.23 -3.27
N ASN A 325 -9.10 -30.78 -2.04
CA ASN A 325 -8.15 -30.32 -1.00
C ASN A 325 -7.62 -31.57 -0.29
N ASP A 326 -6.47 -32.08 -0.75
CA ASP A 326 -6.03 -33.41 -0.30
C ASP A 326 -5.26 -33.28 1.02
N ALA A 327 -4.88 -34.42 1.58
CA ALA A 327 -4.04 -34.45 2.77
C ALA A 327 -3.09 -35.64 2.65
N PHE A 328 -1.97 -35.55 3.35
CA PHE A 328 -0.88 -36.51 3.24
C PHE A 328 -0.62 -37.14 4.62
N LEU A 329 -0.75 -38.46 4.71
CA LEU A 329 -0.44 -39.18 5.94
C LEU A 329 1.02 -39.01 6.33
N ILE A 330 1.27 -38.57 7.56
CA ILE A 330 2.63 -38.41 8.05
C ILE A 330 2.96 -39.31 9.24
N ASP A 331 1.97 -39.99 9.80
CA ASP A 331 2.24 -40.86 10.96
C ASP A 331 1.18 -41.96 10.94
N ARG A 332 1.57 -43.20 10.57
CA ARG A 332 0.52 -44.22 10.46
C ARG A 332 0.09 -44.74 11.82
N LEU A 333 1.00 -44.80 12.77
CA LEU A 333 0.70 -45.41 14.08
C LEU A 333 -0.43 -44.65 14.76
N ASN A 334 -0.39 -43.34 14.68
CA ASN A 334 -1.42 -42.46 15.26
C ASN A 334 -2.39 -41.95 14.18
N TRP A 335 -2.18 -42.31 12.92
CA TRP A 335 -3.00 -41.88 11.77
C TRP A 335 -3.19 -40.35 11.70
N VAL A 336 -2.08 -39.63 11.67
CA VAL A 336 -2.02 -38.16 11.56
C VAL A 336 -1.66 -37.79 10.12
N SER A 337 -2.40 -36.85 9.56
CA SER A 337 -2.20 -36.40 8.19
C SER A 337 -2.02 -34.88 8.19
N ALA A 338 -1.50 -34.36 7.09
CA ALA A 338 -1.34 -32.92 6.92
C ALA A 338 -1.91 -32.48 5.59
N GLY A 339 -2.65 -31.36 5.58
CA GLY A 339 -3.14 -30.81 4.34
C GLY A 339 -3.73 -29.42 4.54
N VAL A 340 -4.11 -28.80 3.43
CA VAL A 340 -4.73 -27.47 3.44
C VAL A 340 -6.23 -27.63 3.17
N TYR A 341 -7.07 -27.20 4.10
CA TYR A 341 -8.51 -27.13 3.85
C TYR A 341 -8.95 -25.68 3.72
N LEU A 342 -10.15 -25.49 3.14
CA LEU A 342 -10.75 -24.17 2.98
C LEU A 342 -11.74 -23.96 4.11
N ASN A 343 -11.42 -23.01 4.99
CA ASN A 343 -12.20 -22.80 6.21
C ASN A 343 -13.43 -21.91 5.93
N SER A 344 -14.40 -22.48 5.20
CA SER A 344 -15.58 -21.69 4.84
C SER A 344 -16.70 -22.63 4.41
N ASN A 345 -17.95 -22.22 4.59
CA ASN A 345 -19.03 -23.21 4.48
C ASN A 345 -19.56 -23.33 3.06
N GLN A 346 -19.77 -22.19 2.39
CA GLN A 346 -20.39 -22.18 1.07
C GLN A 346 -19.66 -21.26 0.11
N THR A 347 -18.38 -20.95 0.39
CA THR A 347 -17.52 -20.23 -0.52
C THR A 347 -16.13 -20.85 -0.45
N ALA A 348 -15.38 -20.76 -1.55
CA ALA A 348 -14.02 -21.30 -1.63
C ALA A 348 -13.04 -20.24 -1.13
N GLU A 349 -12.89 -20.18 0.19
CA GLU A 349 -12.07 -19.14 0.80
C GLU A 349 -11.36 -19.65 2.04
N ASN A 350 -10.34 -18.88 2.45
N ASN A 350 -10.33 -18.91 2.43
CA ASN A 350 -9.66 -19.03 3.74
CA ASN A 350 -9.66 -19.04 3.71
C ASN A 350 -8.86 -20.33 3.84
C ASN A 350 -8.85 -20.33 3.84
N PRO A 351 -7.78 -20.47 3.08
CA PRO A 351 -6.95 -21.70 3.19
C PRO A 351 -6.22 -21.79 4.53
N VAL A 352 -6.27 -22.98 5.12
CA VAL A 352 -5.70 -23.24 6.43
C VAL A 352 -4.85 -24.52 6.35
N PHE A 353 -3.56 -24.42 6.67
CA PHE A 353 -2.72 -25.62 6.74
C PHE A 353 -2.91 -26.29 8.08
N ALA A 354 -3.27 -27.58 8.07
CA ALA A 354 -3.62 -28.26 9.31
C ALA A 354 -2.98 -29.66 9.40
N VAL A 355 -2.65 -30.02 10.63
CA VAL A 355 -2.19 -31.37 10.97
C VAL A 355 -3.27 -31.98 11.85
N PHE A 356 -3.81 -33.14 11.43
CA PHE A 356 -5.05 -33.63 12.02
C PHE A 356 -5.09 -35.15 12.13
N LYS A 357 -5.77 -35.60 13.18
CA LYS A 357 -6.25 -36.97 13.33
C LYS A 357 -7.69 -37.06 12.83
N ASP A 358 -8.23 -38.30 12.84
CA ASP A 358 -9.61 -38.53 12.39
C ASP A 358 -10.59 -37.55 13.02
N ASN A 359 -10.46 -37.30 14.33
CA ASN A 359 -11.45 -36.52 15.05
C ASN A 359 -10.88 -35.28 15.74
N GLU A 360 -9.65 -34.86 15.41
CA GLU A 360 -9.11 -33.68 16.08
C GLU A 360 -8.07 -33.00 15.19
N ILE A 361 -8.19 -31.68 15.03
CA ILE A 361 -7.09 -30.91 14.47
C ILE A 361 -6.10 -30.61 15.59
N LEU A 362 -4.85 -31.08 15.44
CA LEU A 362 -3.85 -30.88 16.48
C LEU A 362 -3.29 -29.45 16.45
N TYR A 363 -2.88 -28.98 15.28
CA TYR A 363 -2.41 -27.60 15.15
C TYR A 363 -2.61 -27.20 13.69
N GLN A 364 -2.78 -25.90 13.48
CA GLN A 364 -3.19 -25.42 12.16
C GLN A 364 -2.87 -23.93 12.10
N VAL A 365 -2.73 -23.41 10.88
CA VAL A 365 -2.41 -21.99 10.72
C VAL A 365 -3.01 -21.50 9.40
N PRO A 366 -3.68 -20.35 9.41
CA PRO A 366 -4.16 -19.76 8.15
C PRO A 366 -2.98 -19.41 7.24
N LEU A 367 -3.12 -19.71 5.95
CA LEU A 367 -2.09 -19.35 5.00
C LEU A 367 -2.25 -17.90 4.51
N ALA A 368 -3.38 -17.26 4.77
CA ALA A 368 -3.58 -15.89 4.29
C ALA A 368 -4.60 -15.17 5.18
N GLU A 369 -5.13 -14.07 4.68
CA GLU A 369 -6.08 -13.29 5.47
C GLU A 369 -7.46 -13.93 5.41
N ASP A 370 -8.30 -13.58 6.38
CA ASP A 370 -9.71 -13.91 6.27
C ASP A 370 -10.23 -13.36 4.95
N ASP A 371 -11.05 -14.17 4.27
CA ASP A 371 -11.73 -13.83 3.03
C ASP A 371 -10.82 -13.92 1.82
N THR A 372 -9.69 -14.59 1.92
CA THR A 372 -8.87 -14.79 0.74
C THR A 372 -9.44 -15.94 -0.09
N ASN A 373 -9.73 -15.68 -1.36
CA ASN A 373 -10.21 -16.75 -2.24
C ASN A 373 -9.11 -17.77 -2.44
N ALA A 374 -9.48 -19.05 -2.43
CA ALA A 374 -8.53 -20.12 -2.72
C ALA A 374 -9.29 -21.34 -3.19
N GLN A 375 -8.63 -22.18 -4.00
CA GLN A 375 -9.32 -23.33 -4.59
C GLN A 375 -8.57 -24.66 -4.35
N LYS A 376 -8.03 -25.27 -5.40
CA LYS A 376 -7.39 -26.57 -5.28
C LYS A 376 -6.19 -26.49 -4.34
N THR A 377 -6.01 -27.52 -3.49
CA THR A 377 -4.76 -27.62 -2.73
C THR A 377 -4.24 -29.05 -2.82
N ILE A 378 -2.91 -29.18 -2.92
CA ILE A 378 -2.23 -30.46 -3.12
C ILE A 378 -1.03 -30.48 -2.19
N THR A 379 -0.99 -31.43 -1.25
CA THR A 379 0.05 -31.49 -0.22
C THR A 379 0.82 -32.80 -0.33
N ASP A 380 2.15 -32.70 -0.28
CA ASP A 380 3.02 -33.89 -0.23
C ASP A 380 4.09 -33.65 0.83
N CYS A 381 4.34 -34.66 1.66
CA CYS A 381 5.33 -34.54 2.72
C CYS A 381 6.45 -35.59 2.56
N PHE A 382 7.59 -35.31 3.19
CA PHE A 382 8.80 -36.12 3.00
C PHE A 382 9.76 -35.79 4.11
N LEU A 383 10.83 -36.57 4.19
CA LEU A 383 11.93 -36.36 5.13
C LEU A 383 13.04 -35.61 4.42
N LEU A 384 13.55 -34.58 5.07
CA LEU A 384 14.74 -33.88 4.63
C LEU A 384 15.72 -34.05 5.78
N GLU A 385 16.74 -34.89 5.57
CA GLU A 385 17.55 -35.44 6.66
C GLU A 385 16.57 -36.12 7.60
N ASN A 386 16.51 -35.79 8.89
CA ASN A 386 15.54 -36.43 9.76
C ASN A 386 14.35 -35.53 10.10
N VAL A 387 14.08 -34.52 9.28
CA VAL A 387 13.05 -33.51 9.55
C VAL A 387 11.92 -33.68 8.54
N ILE A 388 10.69 -33.71 9.05
CA ILE A 388 9.50 -33.82 8.21
C ILE A 388 9.12 -32.45 7.69
N TRP A 389 9.04 -32.33 6.37
CA TRP A 389 8.59 -31.14 5.67
C TRP A 389 7.40 -31.50 4.80
N CYS A 390 6.50 -30.54 4.61
CA CYS A 390 5.39 -30.64 3.68
C CYS A 390 5.46 -29.50 2.69
N ILE A 391 5.19 -29.79 1.43
CA ILE A 391 5.06 -28.78 0.39
C ILE A 391 3.61 -28.84 -0.09
N SER A 392 2.95 -27.68 -0.09
CA SER A 392 1.53 -27.55 -0.45
C SER A 392 1.42 -26.56 -1.60
N LEU A 393 0.87 -27.02 -2.72
CA LEU A 393 0.45 -26.14 -3.80
C LEU A 393 -0.95 -25.65 -3.47
N VAL A 394 -1.14 -24.33 -3.49
CA VAL A 394 -2.44 -23.73 -3.18
C VAL A 394 -2.78 -22.74 -4.28
N GLU A 395 -3.91 -22.95 -4.95
CA GLU A 395 -4.45 -21.87 -5.78
C GLU A 395 -4.97 -20.78 -4.86
N ILE A 396 -4.44 -19.55 -4.97
CA ILE A 396 -4.77 -18.53 -3.96
C ILE A 396 -4.80 -17.15 -4.61
N TYR A 397 -5.68 -16.29 -4.10
CA TYR A 397 -5.85 -14.93 -4.65
C TYR A 397 -5.33 -13.88 -3.67
N SER A 402 -3.47 -8.98 -10.12
CA SER A 402 -4.46 -9.31 -9.10
C SER A 402 -5.38 -10.46 -9.55
N VAL A 403 -4.95 -11.71 -9.38
CA VAL A 403 -5.73 -12.86 -9.82
C VAL A 403 -5.25 -14.12 -9.11
N ILE A 404 -6.15 -15.10 -8.99
CA ILE A 404 -5.82 -16.38 -8.36
C ILE A 404 -4.66 -17.04 -9.08
N ARG A 405 -3.74 -17.61 -8.32
CA ARG A 405 -2.49 -18.15 -8.85
C ARG A 405 -2.00 -19.29 -7.97
N PRO A 406 -1.32 -20.29 -8.56
CA PRO A 406 -0.70 -21.34 -7.72
C PRO A 406 0.49 -20.75 -6.95
N LYS A 407 0.49 -20.96 -5.64
CA LYS A 407 1.66 -20.66 -4.81
C LYS A 407 2.06 -21.95 -4.12
N LEU A 408 3.35 -22.10 -3.85
CA LEU A 408 3.87 -23.29 -3.18
C LEU A 408 4.34 -22.86 -1.80
N PHE A 409 3.81 -23.51 -0.76
CA PHE A 409 4.23 -23.27 0.61
C PHE A 409 5.05 -24.45 1.13
N ALA A 410 6.00 -24.17 2.02
CA ALA A 410 6.77 -25.22 2.68
C ALA A 410 6.58 -25.07 4.19
N VAL A 411 6.33 -26.18 4.87
CA VAL A 411 5.99 -26.18 6.28
C VAL A 411 6.77 -27.27 6.97
N LYS A 412 7.57 -26.90 7.97
CA LYS A 412 8.27 -27.89 8.78
C LYS A 412 7.32 -28.44 9.84
N ILE A 413 7.20 -29.76 9.93
CA ILE A 413 6.33 -30.37 10.95
C ILE A 413 7.11 -30.56 12.25
N PRO A 414 6.61 -30.10 13.39
CA PRO A 414 7.40 -30.20 14.63
C PRO A 414 7.53 -31.63 15.12
N ALA A 415 8.75 -32.01 15.51
CA ALA A 415 8.97 -33.35 16.04
C ALA A 415 8.51 -33.48 17.48
N GLN A 416 8.45 -32.39 18.23
CA GLN A 416 7.87 -32.39 19.56
C GLN A 416 7.12 -31.09 19.79
N CYS A 417 6.27 -31.08 20.81
CA CYS A 417 5.42 -29.91 21.08
C CYS A 417 6.18 -28.82 21.84
N SER A 418 7.02 -29.24 22.78
CA SER A 418 7.90 -28.43 23.61
C SER A 418 8.65 -29.40 24.50
N GLU A 419 9.83 -28.99 24.99
CA GLU A 419 10.64 -29.92 25.77
C GLU A 419 9.94 -30.31 27.06
N SER A 420 9.20 -29.38 27.70
CA SER A 420 8.58 -29.75 28.98
C SER A 420 7.39 -30.69 28.77
N GLU A 421 6.58 -30.44 27.72
CA GLU A 421 5.50 -31.37 27.41
C GLU A 421 6.04 -32.75 27.08
N ASN A 422 7.12 -32.80 26.29
CA ASN A 422 7.76 -34.05 25.94
C ASN A 422 8.22 -34.81 27.18
N LEU A 423 8.90 -34.12 28.11
CA LEU A 423 9.31 -34.79 29.35
C LEU A 423 8.10 -35.17 30.22
N TYR A 424 7.06 -34.33 30.25
CA TYR A 424 5.91 -34.65 31.08
C TYR A 424 5.25 -35.95 30.64
N PHE A 425 5.00 -36.08 29.35
CA PHE A 425 4.25 -37.23 28.83
C PHE A 425 5.09 -38.50 28.74
N GLN A 426 6.38 -38.37 28.43
CA GLN A 426 7.28 -39.50 28.26
C GLN A 426 7.84 -39.98 29.58
N GLY A 427 8.06 -39.10 30.54
CA GLY A 427 8.59 -39.59 31.79
C GLY A 427 10.03 -40.03 31.58
N HIS A 428 10.41 -41.09 32.29
CA HIS A 428 11.74 -41.71 32.23
C HIS A 428 12.82 -40.74 32.65
N GLN B 3 -12.17 -8.35 16.99
CA GLN B 3 -12.82 -8.16 15.71
C GLN B 3 -13.45 -6.77 15.61
N ILE B 4 -14.70 -6.62 16.02
CA ILE B 4 -15.40 -5.33 15.93
C ILE B 4 -15.88 -4.87 17.32
N CYS B 5 -16.12 -3.56 17.43
CA CYS B 5 -16.71 -2.97 18.63
C CYS B 5 -18.11 -3.52 18.84
N LEU B 6 -18.36 -4.15 19.99
CA LEU B 6 -19.64 -4.83 20.22
C LEU B 6 -20.47 -4.22 21.33
N GLN B 7 -20.13 -3.01 21.79
CA GLN B 7 -20.86 -2.35 22.86
C GLN B 7 -21.56 -1.11 22.32
N LYS B 8 -22.67 -0.76 22.95
CA LYS B 8 -23.33 0.48 22.57
C LYS B 8 -22.42 1.66 22.89
N THR B 9 -22.31 2.59 21.96
CA THR B 9 -21.39 3.71 22.10
C THR B 9 -22.12 4.96 21.61
N THR B 10 -22.30 5.91 22.51
CA THR B 10 -22.92 7.17 22.15
C THR B 10 -21.96 8.10 21.41
N SER B 11 -20.69 7.72 21.30
CA SER B 11 -19.65 8.65 20.85
C SER B 11 -19.43 8.52 19.35
N THR B 12 -18.37 9.16 18.86
CA THR B 12 -18.18 9.52 17.46
C THR B 12 -17.20 8.59 16.77
N ILE B 13 -17.47 7.28 16.81
CA ILE B 13 -16.52 6.31 16.29
C ILE B 13 -16.75 5.99 14.82
N LEU B 14 -17.74 6.61 14.18
CA LEU B 14 -17.98 6.43 12.75
C LEU B 14 -17.76 7.75 12.03
N LYS B 15 -16.91 7.75 10.99
CA LYS B 15 -16.55 8.96 10.26
C LYS B 15 -16.62 8.68 8.76
N PRO B 16 -17.84 8.67 8.20
CA PRO B 16 -18.02 8.33 6.78
C PRO B 16 -17.32 9.29 5.82
N ARG B 17 -16.90 8.75 4.68
CA ARG B 17 -16.19 9.55 3.68
C ARG B 17 -16.86 9.39 2.33
N LEU B 18 -16.84 10.46 1.53
CA LEU B 18 -17.43 10.42 0.18
C LEU B 18 -16.44 9.81 -0.81
N ILE B 19 -16.89 8.87 -1.65
CA ILE B 19 -15.97 8.16 -2.54
C ILE B 19 -16.43 8.16 -4.00
N SER B 20 -17.45 8.96 -4.32
CA SER B 20 -17.88 8.98 -5.72
C SER B 20 -17.00 9.81 -6.62
N TYR B 21 -16.09 10.64 -6.08
CA TYR B 21 -15.36 11.58 -6.92
C TYR B 21 -14.44 10.88 -7.92
N THR B 22 -14.16 9.58 -7.73
CA THR B 22 -13.34 8.86 -8.71
C THR B 22 -14.16 8.21 -9.82
N LEU B 23 -15.50 8.33 -9.78
CA LEU B 23 -16.36 7.64 -10.75
C LEU B 23 -17.04 8.64 -11.68
N PRO B 24 -17.39 8.24 -12.89
CA PRO B 24 -18.05 9.19 -13.81
C PRO B 24 -19.55 9.36 -13.53
N ILE B 25 -19.88 9.75 -12.30
CA ILE B 25 -21.23 10.19 -11.95
C ILE B 25 -21.18 11.72 -11.90
N ASN B 26 -21.51 12.37 -13.02
CA ASN B 26 -21.32 13.81 -13.15
C ASN B 26 -22.66 14.52 -13.25
N THR B 27 -22.97 15.34 -12.25
CA THR B 27 -24.25 16.05 -12.25
C THR B 27 -24.27 17.11 -13.34
N ARG B 28 -25.46 17.36 -13.86
CA ARG B 28 -25.67 18.46 -14.79
C ARG B 28 -27.01 19.08 -14.43
N GLU B 29 -27.08 20.41 -14.43
CA GLU B 29 -28.33 21.08 -14.14
C GLU B 29 -29.38 20.58 -15.12
N GLY B 30 -30.56 20.25 -14.61
CA GLY B 30 -31.65 19.85 -15.48
C GLY B 30 -31.70 18.37 -15.77
N VAL B 31 -30.76 17.60 -15.23
CA VAL B 31 -30.74 16.15 -15.37
C VAL B 31 -30.89 15.52 -13.99
N CYS B 32 -31.84 14.61 -13.87
CA CYS B 32 -32.02 13.81 -12.67
C CYS B 32 -31.38 12.44 -12.85
N ILE B 33 -30.72 11.95 -11.80
CA ILE B 33 -30.07 10.63 -11.86
C ILE B 33 -30.80 9.69 -10.92
N THR B 34 -31.48 8.68 -11.48
CA THR B 34 -32.48 7.91 -10.75
C THR B 34 -32.22 6.40 -10.92
N ASP B 35 -33.04 5.59 -10.25
CA ASP B 35 -33.05 4.12 -10.36
C ASP B 35 -31.66 3.49 -10.25
N PRO B 36 -30.87 3.76 -9.22
CA PRO B 36 -29.54 3.23 -9.13
C PRO B 36 -29.44 1.78 -8.62
N LEU B 37 -28.28 1.21 -8.84
CA LEU B 37 -27.96 -0.14 -8.35
C LEU B 37 -26.48 -0.14 -8.01
N LEU B 38 -26.13 -0.86 -6.96
CA LEU B 38 -24.73 -1.09 -6.61
C LEU B 38 -24.55 -2.55 -6.20
N ALA B 39 -23.49 -3.17 -6.68
CA ALA B 39 -23.12 -4.51 -6.27
C ALA B 39 -21.62 -4.51 -6.04
N VAL B 40 -21.14 -5.25 -5.02
CA VAL B 40 -19.71 -5.32 -4.72
C VAL B 40 -19.38 -6.78 -4.42
N ASP B 41 -18.39 -7.36 -5.13
CA ASP B 41 -17.96 -8.74 -4.88
C ASP B 41 -16.49 -8.92 -5.29
N ASN B 42 -15.69 -9.55 -4.43
CA ASN B 42 -14.36 -10.04 -4.80
C ASN B 42 -13.46 -8.92 -5.36
N GLY B 43 -13.58 -7.70 -4.80
CA GLY B 43 -12.77 -6.59 -5.28
C GLY B 43 -13.24 -5.93 -6.57
N PHE B 44 -14.44 -6.24 -7.05
CA PHE B 44 -15.06 -5.61 -8.21
C PHE B 44 -16.43 -5.06 -7.81
N PHE B 45 -17.02 -4.23 -8.68
CA PHE B 45 -18.33 -3.64 -8.40
C PHE B 45 -19.10 -3.50 -9.71
N ALA B 46 -20.42 -3.46 -9.59
CA ALA B 46 -21.29 -3.10 -10.69
C ALA B 46 -22.13 -1.90 -10.25
N TYR B 47 -22.49 -1.05 -11.21
CA TYR B 47 -23.18 0.19 -10.92
C TYR B 47 -24.11 0.48 -12.10
N SER B 48 -25.29 1.01 -11.80
CA SER B 48 -26.19 1.45 -12.87
C SER B 48 -27.00 2.63 -12.38
N HIS B 49 -27.40 3.49 -13.31
CA HIS B 49 -28.37 4.54 -13.01
C HIS B 49 -29.03 4.93 -14.32
N LEU B 50 -30.11 5.71 -14.22
CA LEU B 50 -30.82 6.26 -15.37
C LEU B 50 -30.81 7.78 -15.23
N GLU B 51 -30.32 8.45 -16.26
CA GLU B 51 -30.34 9.90 -16.37
C GLU B 51 -31.59 10.32 -17.11
N LYS B 52 -32.31 11.27 -16.56
CA LYS B 52 -33.52 11.78 -17.17
CA LYS B 52 -33.55 11.79 -17.13
C LYS B 52 -33.46 13.30 -17.21
N ILE B 53 -33.85 13.87 -18.34
CA ILE B 53 -33.84 15.31 -18.52
C ILE B 53 -35.19 15.82 -18.02
N GLY B 54 -35.17 16.64 -16.98
CA GLY B 54 -36.39 17.11 -16.36
C GLY B 54 -36.82 16.28 -15.17
N SER B 55 -38.12 16.00 -15.07
CA SER B 55 -38.65 15.20 -13.97
C SER B 55 -37.99 13.84 -13.84
N CYS B 56 -37.72 13.45 -12.58
CA CYS B 56 -37.20 12.12 -12.28
C CYS B 56 -38.15 11.03 -12.72
N THR B 57 -39.46 11.29 -12.74
CA THR B 57 -40.42 10.25 -13.11
C THR B 57 -40.98 10.42 -14.51
N ARG B 58 -41.12 11.64 -15.00
CA ARG B 58 -41.77 11.84 -16.28
C ARG B 58 -40.83 12.45 -17.32
N GLY B 59 -39.59 12.77 -16.97
CA GLY B 59 -38.68 13.38 -17.90
C GLY B 59 -38.25 12.43 -19.01
N ILE B 60 -37.47 13.00 -19.93
CA ILE B 60 -36.97 12.27 -21.09
C ILE B 60 -35.82 11.38 -20.66
N ALA B 61 -35.93 10.08 -20.93
CA ALA B 61 -34.81 9.18 -20.63
C ALA B 61 -33.63 9.54 -21.50
N LYS B 62 -32.52 9.91 -20.87
CA LYS B 62 -31.35 10.35 -21.60
C LYS B 62 -30.38 9.20 -21.79
N GLN B 63 -30.05 8.49 -20.72
CA GLN B 63 -28.98 7.51 -20.79
C GLN B 63 -29.08 6.56 -19.61
N ARG B 64 -29.04 5.27 -19.89
CA ARG B 64 -28.95 4.25 -18.86
C ARG B 64 -27.51 3.75 -18.80
N ILE B 65 -26.83 4.01 -17.68
CA ILE B 65 -25.45 3.57 -17.49
C ILE B 65 -25.48 2.21 -16.83
N ILE B 66 -24.77 1.24 -17.41
CA ILE B 66 -24.50 -0.04 -16.77
C ILE B 66 -22.99 -0.24 -16.82
N GLY B 67 -22.34 -0.20 -15.65
CA GLY B 67 -20.90 -0.14 -15.60
C GLY B 67 -20.37 -1.11 -14.56
N VAL B 68 -19.10 -1.49 -14.74
CA VAL B 68 -18.40 -2.33 -13.77
C VAL B 68 -17.01 -1.76 -13.59
N GLY B 69 -16.37 -2.15 -12.50
CA GLY B 69 -15.05 -1.64 -12.22
C GLY B 69 -14.39 -2.37 -11.06
N GLU B 70 -13.34 -1.77 -10.55
CA GLU B 70 -12.53 -2.35 -9.49
C GLU B 70 -12.65 -1.54 -8.22
N VAL B 71 -12.58 -2.23 -7.08
CA VAL B 71 -12.46 -1.63 -5.78
C VAL B 71 -11.03 -1.92 -5.31
N LEU B 72 -10.18 -0.88 -5.27
CA LEU B 72 -8.75 -1.02 -5.00
C LEU B 72 -8.36 -0.41 -3.67
N ASP B 73 -7.36 -1.01 -3.01
CA ASP B 73 -6.59 -0.35 -1.97
C ASP B 73 -5.35 0.22 -2.63
N ARG B 74 -5.31 1.54 -2.81
CA ARG B 74 -4.22 2.15 -3.55
C ARG B 74 -2.96 2.35 -2.71
N GLY B 75 -2.94 1.87 -1.47
CA GLY B 75 -1.82 2.12 -0.58
C GLY B 75 -2.13 3.06 0.56
N ASP B 76 -3.30 3.69 0.55
CA ASP B 76 -3.72 4.56 1.64
C ASP B 76 -4.76 3.87 2.53
N LYS B 77 -4.93 2.56 2.38
CA LYS B 77 -5.72 1.72 3.31
C LYS B 77 -7.19 2.14 3.34
N VAL B 78 -7.70 2.58 2.19
CA VAL B 78 -9.13 2.82 2.01
C VAL B 78 -9.54 2.17 0.70
N PRO B 79 -10.84 1.85 0.54
CA PRO B 79 -11.28 1.30 -0.75
C PRO B 79 -11.60 2.42 -1.73
N SER B 80 -11.02 2.36 -2.93
CA SER B 80 -11.27 3.34 -3.97
C SER B 80 -11.88 2.62 -5.18
N MET B 81 -12.81 3.27 -5.85
CA MET B 81 -13.62 2.67 -6.90
C MET B 81 -13.25 3.27 -8.25
N PHE B 82 -12.87 2.42 -9.21
CA PHE B 82 -12.56 2.88 -10.55
C PHE B 82 -13.38 2.08 -11.56
N MET B 83 -14.11 2.79 -12.41
CA MET B 83 -14.91 2.15 -13.47
C MET B 83 -13.97 1.64 -14.56
N THR B 84 -14.25 0.43 -15.07
CA THR B 84 -13.45 -0.15 -16.15
C THR B 84 -14.20 -0.38 -17.44
N ASN B 85 -15.52 -0.43 -17.42
CA ASN B 85 -16.24 -0.94 -18.57
C ASN B 85 -17.67 -0.43 -18.48
N VAL B 86 -18.10 0.39 -19.44
CA VAL B 86 -19.44 0.98 -19.40
C VAL B 86 -20.17 0.64 -20.68
N TRP B 87 -21.46 0.34 -20.55
CA TRP B 87 -22.38 0.03 -21.65
C TRP B 87 -23.67 0.83 -21.48
N THR B 88 -24.21 1.33 -22.59
CA THR B 88 -25.48 2.06 -22.56
C THR B 88 -26.39 1.51 -23.65
N PRO B 89 -27.62 1.08 -23.30
CA PRO B 89 -28.53 0.60 -24.33
C PRO B 89 -29.08 1.74 -25.18
N PRO B 90 -29.43 1.49 -26.43
CA PRO B 90 -29.87 2.59 -27.30
C PRO B 90 -31.28 3.09 -27.04
N ASN B 91 -32.12 2.34 -26.32
CA ASN B 91 -33.48 2.78 -25.97
C ASN B 91 -33.61 2.75 -24.45
N PRO B 92 -33.00 3.72 -23.76
CA PRO B 92 -32.94 3.65 -22.29
C PRO B 92 -34.30 3.63 -21.60
N SER B 93 -35.34 4.16 -22.21
CA SER B 93 -36.65 4.14 -21.57
C SER B 93 -37.22 2.73 -21.44
N THR B 94 -36.66 1.73 -22.13
CA THR B 94 -37.27 0.40 -22.11
C THR B 94 -36.62 -0.57 -21.12
N ILE B 95 -35.51 -0.19 -20.48
CA ILE B 95 -34.79 -1.07 -19.56
C ILE B 95 -35.25 -0.77 -18.13
N HIS B 96 -35.69 -1.80 -17.40
CA HIS B 96 -36.22 -1.65 -16.06
C HIS B 96 -35.65 -2.73 -15.13
N HIS B 97 -35.50 -2.37 -13.84
CA HIS B 97 -35.27 -3.33 -12.76
C HIS B 97 -34.03 -4.21 -12.99
N CYS B 98 -32.93 -3.59 -13.35
CA CYS B 98 -31.67 -4.31 -13.49
C CYS B 98 -31.19 -4.90 -12.16
N SER B 99 -30.48 -6.04 -12.25
CA SER B 99 -29.93 -6.76 -11.11
C SER B 99 -28.61 -7.40 -11.53
N SER B 100 -27.55 -7.23 -10.74
CA SER B 100 -26.18 -7.60 -11.12
C SER B 100 -25.62 -8.68 -10.21
N THR B 101 -24.98 -9.68 -10.81
CA THR B 101 -24.36 -10.77 -10.07
C THR B 101 -23.00 -11.07 -10.69
N TYR B 102 -21.99 -11.16 -9.85
CA TYR B 102 -20.60 -11.38 -10.27
C TYR B 102 -20.27 -12.86 -10.41
N HIS B 103 -19.54 -13.22 -11.47
CA HIS B 103 -18.97 -14.57 -11.59
C HIS B 103 -17.71 -14.52 -12.43
N GLU B 104 -16.59 -14.98 -11.86
CA GLU B 104 -15.27 -15.04 -12.49
C GLU B 104 -14.86 -13.77 -13.22
N ASP B 105 -14.99 -13.75 -14.53
CA ASP B 105 -14.49 -12.58 -15.23
C ASP B 105 -15.53 -11.46 -15.39
N PHE B 106 -16.76 -11.69 -15.00
CA PHE B 106 -17.83 -10.83 -15.45
C PHE B 106 -18.76 -10.43 -14.32
N TYR B 107 -19.45 -9.30 -14.53
CA TYR B 107 -20.74 -9.05 -13.91
C TYR B 107 -21.81 -9.33 -14.95
N TYR B 108 -22.80 -10.10 -14.54
CA TYR B 108 -23.97 -10.39 -15.34
C TYR B 108 -25.11 -9.53 -14.81
N THR B 109 -25.70 -8.71 -15.66
CA THR B 109 -26.79 -7.82 -15.24
C THR B 109 -28.06 -8.22 -15.98
N LEU B 110 -29.05 -8.67 -15.22
CA LEU B 110 -30.35 -9.11 -15.74
C LEU B 110 -31.36 -7.95 -15.64
N CYS B 111 -32.01 -7.61 -16.76
CA CYS B 111 -32.95 -6.50 -16.77
C CYS B 111 -34.27 -6.92 -17.42
N ALA B 112 -35.33 -6.19 -17.10
CA ALA B 112 -36.61 -6.32 -17.76
C ALA B 112 -36.68 -5.35 -18.94
N VAL B 113 -37.23 -5.80 -20.06
CA VAL B 113 -37.45 -4.94 -21.21
C VAL B 113 -38.95 -4.69 -21.33
N SER B 114 -39.34 -3.41 -21.45
CA SER B 114 -40.75 -3.08 -21.42
C SER B 114 -41.04 -1.89 -22.31
N HIS B 115 -42.18 -1.94 -23.00
CA HIS B 115 -42.68 -0.83 -23.80
C HIS B 115 -43.93 -0.21 -23.20
N VAL B 116 -44.26 -0.57 -21.96
CA VAL B 116 -45.47 -0.08 -21.32
C VAL B 116 -45.11 0.54 -19.98
N GLY B 117 -43.84 0.88 -19.80
CA GLY B 117 -43.41 1.46 -18.55
C GLY B 117 -43.01 0.41 -17.52
N ASP B 118 -43.03 0.82 -16.27
CA ASP B 118 -42.64 -0.05 -15.16
C ASP B 118 -43.59 -1.24 -15.09
N PRO B 119 -43.09 -2.48 -15.22
CA PRO B 119 -44.02 -3.62 -15.19
C PRO B 119 -44.76 -3.77 -13.87
N ILE B 120 -44.22 -3.25 -12.77
CA ILE B 120 -44.93 -3.34 -11.49
C ILE B 120 -46.23 -2.54 -11.52
N LEU B 121 -46.24 -1.42 -12.24
CA LEU B 121 -47.40 -0.55 -12.35
C LEU B 121 -48.27 -0.85 -13.57
N ASN B 122 -47.82 -1.70 -14.49
CA ASN B 122 -48.56 -2.04 -15.70
C ASN B 122 -48.46 -3.55 -15.93
N SER B 123 -48.83 -4.33 -14.91
CA SER B 123 -48.47 -5.74 -14.87
C SER B 123 -49.22 -6.57 -15.93
N THR B 124 -50.52 -6.34 -16.10
CA THR B 124 -51.27 -7.14 -17.07
C THR B 124 -50.81 -6.80 -18.50
N SER B 125 -50.52 -5.53 -18.77
CA SER B 125 -50.10 -5.10 -20.10
C SER B 125 -48.63 -5.41 -20.43
N TRP B 126 -47.79 -5.72 -19.45
CA TRP B 126 -46.38 -6.03 -19.74
C TRP B 126 -46.26 -7.43 -20.33
N THR B 127 -45.68 -7.54 -21.52
CA THR B 127 -45.25 -8.83 -22.03
C THR B 127 -43.88 -9.20 -21.46
N GLU B 128 -43.79 -10.35 -20.80
CA GLU B 128 -42.55 -10.76 -20.13
C GLU B 128 -41.39 -10.76 -21.14
N SER B 129 -40.35 -10.00 -20.84
CA SER B 129 -39.21 -9.88 -21.73
C SER B 129 -37.98 -9.54 -20.90
N LEU B 130 -37.00 -10.43 -20.90
CA LEU B 130 -35.83 -10.32 -20.05
C LEU B 130 -34.58 -10.37 -20.90
N SER B 131 -33.56 -9.60 -20.50
CA SER B 131 -32.30 -9.60 -21.21
C SER B 131 -31.18 -9.56 -20.19
N LEU B 132 -29.98 -9.86 -20.66
CA LEU B 132 -28.80 -9.88 -19.82
C LEU B 132 -27.68 -9.16 -20.56
N ILE B 133 -26.99 -8.26 -19.87
CA ILE B 133 -25.76 -7.66 -20.39
C ILE B 133 -24.62 -8.21 -19.54
N ARG B 134 -23.63 -8.79 -20.20
CA ARG B 134 -22.47 -9.35 -19.53
C ARG B 134 -21.27 -8.46 -19.78
N LEU B 135 -20.58 -8.04 -18.72
CA LEU B 135 -19.47 -7.10 -18.87
C LEU B 135 -18.22 -7.66 -18.18
N ALA B 136 -17.11 -7.68 -18.91
CA ALA B 136 -15.82 -8.04 -18.32
C ALA B 136 -15.42 -7.00 -17.28
N VAL B 137 -14.95 -7.46 -16.11
CA VAL B 137 -14.50 -6.49 -15.13
C VAL B 137 -13.11 -5.96 -15.48
N ARG B 138 -12.34 -6.69 -16.28
CA ARG B 138 -11.03 -6.23 -16.73
C ARG B 138 -10.99 -6.52 -18.23
N PRO B 139 -11.47 -5.58 -19.05
CA PRO B 139 -11.58 -5.85 -20.48
C PRO B 139 -10.21 -5.81 -21.14
N LYS B 140 -10.09 -6.57 -22.25
CA LYS B 140 -8.80 -6.82 -22.89
C LYS B 140 -8.89 -6.53 -24.38
N SER B 141 -7.80 -6.00 -24.93
CA SER B 141 -7.75 -5.58 -26.32
C SER B 141 -7.84 -6.79 -27.25
N ASP B 142 -8.35 -6.54 -28.46
CA ASP B 142 -8.80 -7.60 -29.38
C ASP B 142 -9.75 -8.47 -28.58
N SER B 143 -9.56 -9.79 -28.52
CA SER B 143 -10.22 -10.67 -27.55
C SER B 143 -11.74 -10.50 -27.59
N GLY B 144 -12.31 -10.81 -28.75
CA GLY B 144 -13.68 -10.42 -29.03
C GLY B 144 -14.72 -11.16 -28.21
N ASP B 145 -15.91 -10.54 -28.14
CA ASP B 145 -17.12 -11.00 -27.45
C ASP B 145 -16.98 -10.98 -25.93
N TYR B 146 -15.76 -10.92 -25.44
CA TYR B 146 -15.52 -11.03 -24.01
C TYR B 146 -15.94 -9.75 -23.28
N ASN B 147 -15.66 -8.58 -23.86
CA ASN B 147 -15.81 -7.33 -23.12
C ASN B 147 -17.27 -7.03 -22.81
N GLN B 148 -18.14 -7.10 -23.81
CA GLN B 148 -19.55 -6.80 -23.66
C GLN B 148 -20.37 -7.77 -24.49
N LYS B 149 -21.44 -8.31 -23.90
CA LYS B 149 -22.29 -9.27 -24.61
C LYS B 149 -23.73 -9.07 -24.16
N TYR B 150 -24.63 -8.86 -25.12
CA TYR B 150 -26.05 -8.66 -24.88
C TYR B 150 -26.81 -9.90 -25.31
N ILE B 151 -27.69 -10.39 -24.43
CA ILE B 151 -28.45 -11.62 -24.68
C ILE B 151 -29.91 -11.38 -24.31
N ALA B 152 -30.81 -11.56 -25.28
CA ALA B 152 -32.21 -11.72 -24.96
C ALA B 152 -32.45 -13.12 -24.42
N ILE B 153 -33.11 -13.23 -23.28
CA ILE B 153 -33.47 -14.53 -22.71
C ILE B 153 -34.70 -15.05 -23.42
N THR B 154 -34.66 -16.31 -23.87
CA THR B 154 -35.80 -16.92 -24.53
C THR B 154 -36.46 -18.03 -23.73
N LYS B 155 -35.75 -18.64 -22.78
CA LYS B 155 -36.28 -19.79 -22.04
C LYS B 155 -36.34 -19.43 -20.56
N VAL B 156 -37.57 -19.33 -20.04
CA VAL B 156 -37.84 -18.97 -18.66
C VAL B 156 -38.77 -20.02 -18.07
N GLU B 157 -38.34 -20.67 -17.00
CA GLU B 157 -39.17 -21.66 -16.30
C GLU B 157 -39.78 -20.97 -15.09
N ARG B 158 -41.10 -20.81 -15.09
CA ARG B 158 -41.72 -19.95 -14.08
C ARG B 158 -42.76 -20.68 -13.26
N GLY B 159 -42.93 -21.99 -13.47
CA GLY B 159 -43.83 -22.73 -12.62
C GLY B 159 -45.24 -22.20 -12.75
N LYS B 160 -45.88 -21.96 -11.61
CA LYS B 160 -47.26 -21.50 -11.60
C LYS B 160 -47.42 -20.00 -11.85
N TYR B 161 -46.32 -19.21 -11.86
CA TYR B 161 -46.43 -17.77 -12.03
C TYR B 161 -46.72 -17.41 -13.49
N ASP B 162 -47.54 -16.40 -13.69
CA ASP B 162 -47.81 -15.93 -15.05
C ASP B 162 -46.59 -15.28 -15.66
N LYS B 163 -45.80 -14.55 -14.86
CA LYS B 163 -44.59 -13.92 -15.39
C LYS B 163 -43.65 -13.66 -14.22
N VAL B 164 -42.36 -13.46 -14.54
CA VAL B 164 -41.33 -13.24 -13.53
C VAL B 164 -40.37 -12.17 -14.03
N MET B 165 -39.58 -11.60 -13.09
CA MET B 165 -38.77 -10.41 -13.36
C MET B 165 -37.69 -10.27 -12.30
N PRO B 166 -36.49 -9.79 -12.64
CA PRO B 166 -35.52 -9.44 -11.60
C PRO B 166 -36.09 -8.34 -10.73
N TYR B 167 -35.71 -8.33 -9.45
CA TYR B 167 -36.32 -7.38 -8.55
C TYR B 167 -35.42 -7.16 -7.34
N GLY B 168 -34.33 -6.40 -7.53
CA GLY B 168 -33.38 -6.13 -6.46
C GLY B 168 -32.02 -5.85 -7.04
N PRO B 169 -31.12 -5.19 -6.28
CA PRO B 169 -29.90 -4.67 -6.93
C PRO B 169 -28.86 -5.74 -7.26
N SER B 170 -28.77 -6.84 -6.50
CA SER B 170 -27.63 -7.74 -6.71
C SER B 170 -27.93 -9.13 -6.19
N GLY B 171 -27.28 -10.12 -6.80
CA GLY B 171 -27.43 -11.51 -6.37
C GLY B 171 -26.09 -12.15 -6.05
N ILE B 172 -26.05 -13.49 -6.04
CA ILE B 172 -24.83 -14.26 -5.70
C ILE B 172 -24.62 -15.35 -6.74
N LYS B 173 -23.36 -15.79 -6.84
CA LYS B 173 -23.02 -17.06 -7.48
C LYS B 173 -22.78 -18.12 -6.42
N GLN B 174 -23.06 -19.37 -6.80
CA GLN B 174 -22.56 -20.52 -6.05
C GLN B 174 -22.03 -21.48 -7.10
N GLY B 175 -20.75 -21.81 -7.02
CA GLY B 175 -20.17 -22.61 -8.08
C GLY B 175 -20.24 -21.85 -9.38
N ASP B 176 -20.88 -22.45 -10.39
CA ASP B 176 -21.14 -21.79 -11.66
C ASP B 176 -22.63 -21.53 -11.88
N THR B 177 -23.39 -21.32 -10.81
CA THR B 177 -24.79 -20.95 -10.91
C THR B 177 -25.02 -19.56 -10.32
N LEU B 178 -25.74 -18.73 -11.06
CA LEU B 178 -26.08 -17.36 -10.65
C LEU B 178 -27.50 -17.32 -10.12
N TYR B 179 -27.72 -16.50 -9.07
CA TYR B 179 -29.02 -16.32 -8.46
C TYR B 179 -29.27 -14.82 -8.33
N PHE B 180 -30.35 -14.33 -8.97
CA PHE B 180 -30.76 -12.93 -8.93
C PHE B 180 -32.02 -12.79 -8.06
N PRO B 181 -32.12 -11.74 -7.24
CA PRO B 181 -33.40 -11.46 -6.58
C PRO B 181 -34.43 -11.18 -7.65
N ALA B 182 -35.65 -11.63 -7.43
CA ALA B 182 -36.65 -11.63 -8.48
C ALA B 182 -38.04 -11.62 -7.85
N VAL B 183 -39.05 -11.52 -8.71
CA VAL B 183 -40.44 -11.51 -8.27
C VAL B 183 -41.29 -12.24 -9.29
N GLY B 184 -42.33 -12.92 -8.81
CA GLY B 184 -43.28 -13.60 -9.69
C GLY B 184 -44.66 -12.98 -9.57
N PHE B 185 -45.34 -12.85 -10.71
CA PHE B 185 -46.69 -12.30 -10.78
C PHE B 185 -47.67 -13.47 -10.84
N LEU B 186 -48.51 -13.60 -9.81
CA LEU B 186 -49.52 -14.67 -9.78
C LEU B 186 -50.91 -14.05 -9.75
N PRO B 187 -51.81 -14.42 -10.67
CA PRO B 187 -53.18 -13.87 -10.60
C PRO B 187 -53.74 -14.01 -9.20
N ARG B 188 -54.37 -12.93 -8.73
CA ARG B 188 -54.95 -12.93 -7.39
C ARG B 188 -55.94 -14.07 -7.16
N THR B 189 -56.64 -14.49 -8.22
CA THR B 189 -57.62 -15.56 -8.06
C THR B 189 -56.95 -16.90 -7.76
N GLU B 190 -55.71 -17.09 -8.21
CA GLU B 190 -54.98 -18.33 -7.99
C GLU B 190 -54.20 -18.35 -6.69
N PHE B 191 -54.20 -17.25 -5.94
CA PHE B 191 -53.40 -17.15 -4.73
C PHE B 191 -54.13 -17.83 -3.58
N GLN B 192 -53.49 -18.82 -2.97
CA GLN B 192 -54.06 -19.53 -1.82
C GLN B 192 -53.54 -18.89 -0.54
N TYR B 193 -54.45 -18.42 0.30
CA TYR B 193 -54.06 -17.82 1.56
C TYR B 193 -55.20 -17.98 2.55
N ASN B 194 -54.85 -18.33 3.78
CA ASN B 194 -55.82 -18.57 4.86
C ASN B 194 -55.88 -17.34 5.76
N ASP B 195 -57.00 -16.60 5.68
CA ASP B 195 -57.13 -15.32 6.37
C ASP B 195 -57.00 -15.43 7.88
N SER B 196 -57.18 -16.63 8.44
CA SER B 196 -57.06 -16.77 9.88
C SER B 196 -55.62 -16.66 10.35
N ASN B 197 -54.64 -16.88 9.46
CA ASN B 197 -53.23 -16.78 9.80
C ASN B 197 -52.72 -15.34 9.83
N CYS B 198 -53.49 -14.40 9.31
CA CYS B 198 -53.14 -12.99 9.37
C CYS B 198 -53.05 -12.55 10.84
N PRO B 199 -51.89 -12.03 11.31
CA PRO B 199 -51.72 -11.78 12.75
C PRO B 199 -52.42 -10.52 13.23
N ILE B 200 -53.70 -10.61 13.59
CA ILE B 200 -54.47 -9.45 13.99
C ILE B 200 -54.74 -9.44 15.49
N ILE B 201 -54.09 -10.32 16.25
CA ILE B 201 -54.54 -10.67 17.60
C ILE B 201 -54.71 -9.44 18.48
N HIS B 202 -53.70 -8.58 18.52
CA HIS B 202 -53.74 -7.40 19.38
C HIS B 202 -53.79 -6.11 18.57
N CYS B 203 -54.48 -6.16 17.43
CA CYS B 203 -54.57 -5.07 16.46
C CYS B 203 -56.04 -4.71 16.26
N LYS B 204 -56.51 -3.68 16.98
CA LYS B 204 -57.94 -3.41 17.10
C LYS B 204 -58.60 -3.08 15.77
N TYR B 205 -57.90 -2.38 14.88
CA TYR B 205 -58.51 -1.88 13.66
C TYR B 205 -58.13 -2.68 12.43
N SER B 206 -57.47 -3.82 12.59
CA SER B 206 -57.05 -4.65 11.47
C SER B 206 -58.05 -5.78 11.26
N LYS B 207 -58.37 -6.07 10.00
CA LYS B 207 -59.27 -7.16 9.66
C LYS B 207 -58.49 -8.31 9.03
N ALA B 208 -59.05 -9.52 9.17
CA ALA B 208 -58.31 -10.73 8.81
C ALA B 208 -57.95 -10.75 7.34
N GLU B 209 -58.73 -10.08 6.49
CA GLU B 209 -58.44 -10.03 5.06
C GLU B 209 -57.21 -9.18 4.73
N ASN B 210 -56.64 -8.47 5.70
CA ASN B 210 -55.69 -7.40 5.37
C ASN B 210 -54.38 -7.95 4.80
N CYS B 211 -53.91 -9.10 5.30
CA CYS B 211 -52.65 -9.64 4.78
C CYS B 211 -52.80 -10.02 3.30
N ARG B 212 -53.88 -10.72 2.96
CA ARG B 212 -54.08 -11.19 1.59
C ARG B 212 -54.30 -10.01 0.64
N LEU B 213 -55.04 -9.00 1.08
CA LEU B 213 -55.30 -7.85 0.22
C LEU B 213 -54.01 -7.06 -0.07
N SER B 214 -53.09 -7.01 0.88
CA SER B 214 -51.87 -6.25 0.66
C SER B 214 -50.72 -7.10 0.08
N MET B 215 -51.03 -8.27 -0.50
CA MET B 215 -50.04 -9.03 -1.28
C MET B 215 -49.99 -8.60 -2.75
N GLY B 216 -50.83 -7.63 -3.15
CA GLY B 216 -50.65 -6.94 -4.42
C GLY B 216 -50.59 -5.44 -4.17
N VAL B 217 -50.23 -4.69 -5.22
CA VAL B 217 -49.98 -3.25 -5.07
C VAL B 217 -51.25 -2.46 -4.75
N ASN B 218 -52.43 -3.06 -4.92
CA ASN B 218 -53.63 -2.51 -4.32
C ASN B 218 -54.60 -3.66 -4.07
N SER B 219 -55.67 -3.38 -3.30
CA SER B 219 -56.54 -4.46 -2.82
C SER B 219 -57.23 -5.20 -3.95
N LYS B 220 -57.41 -4.55 -5.10
CA LYS B 220 -58.13 -5.18 -6.21
C LYS B 220 -57.20 -5.52 -7.38
N SER B 221 -55.90 -5.54 -7.14
CA SER B 221 -54.95 -5.82 -8.22
C SER B 221 -55.21 -7.19 -8.83
N HIS B 222 -55.03 -7.25 -10.15
CA HIS B 222 -55.15 -8.53 -10.84
C HIS B 222 -54.11 -9.55 -10.36
N TYR B 223 -52.88 -9.10 -10.06
CA TYR B 223 -51.82 -9.98 -9.60
C TYR B 223 -51.47 -9.74 -8.14
N ILE B 224 -50.99 -10.78 -7.46
CA ILE B 224 -50.21 -10.64 -6.25
C ILE B 224 -48.74 -10.81 -6.64
N LEU B 225 -47.83 -10.29 -5.80
CA LEU B 225 -46.38 -10.34 -6.05
C LEU B 225 -45.70 -11.22 -5.02
N ARG B 226 -44.82 -12.10 -5.47
CA ARG B 226 -44.10 -13.01 -4.59
C ARG B 226 -42.60 -12.95 -4.90
N SER B 227 -41.82 -12.62 -3.88
CA SER B 227 -40.38 -12.53 -4.07
C SER B 227 -39.78 -13.93 -4.28
N GLY B 228 -38.53 -13.95 -4.72
CA GLY B 228 -37.87 -15.21 -5.02
C GLY B 228 -36.53 -14.96 -5.67
N LEU B 229 -36.06 -15.95 -6.42
CA LEU B 229 -34.79 -15.89 -7.12
C LEU B 229 -34.97 -16.36 -8.56
N LEU B 230 -34.13 -15.82 -9.43
CA LEU B 230 -34.00 -16.33 -10.80
C LEU B 230 -32.62 -16.97 -10.91
N LYS B 231 -32.62 -18.28 -11.16
CA LYS B 231 -31.42 -19.11 -11.20
C LYS B 231 -30.94 -19.25 -12.64
N TYR B 232 -29.64 -19.06 -12.84
CA TYR B 232 -29.01 -19.15 -14.16
C TYR B 232 -27.74 -20.01 -14.03
N ASN B 233 -27.83 -21.28 -14.41
CA ASN B 233 -26.70 -22.20 -14.30
C ASN B 233 -25.83 -22.09 -15.55
N LEU B 234 -24.61 -21.56 -15.39
CA LEU B 234 -23.71 -21.34 -16.52
C LEU B 234 -23.08 -22.63 -17.05
N SER B 235 -23.16 -23.72 -16.31
CA SER B 235 -22.57 -24.98 -16.79
C SER B 235 -23.38 -25.57 -17.94
N LEU B 236 -24.70 -25.32 -17.95
CA LEU B 236 -25.57 -25.94 -18.94
C LEU B 236 -25.12 -25.63 -20.36
N GLY B 237 -24.79 -24.37 -20.63
CA GLY B 237 -24.34 -23.98 -21.95
C GLY B 237 -25.45 -23.98 -22.99
N GLY B 238 -25.19 -23.36 -24.13
CA GLY B 238 -26.21 -23.24 -25.15
C GLY B 238 -27.22 -22.16 -24.80
N ASP B 239 -28.50 -22.43 -25.02
CA ASP B 239 -29.54 -21.45 -24.71
C ASP B 239 -29.61 -21.20 -23.21
N ILE B 240 -29.71 -19.93 -22.84
CA ILE B 240 -29.85 -19.56 -21.44
C ILE B 240 -31.23 -19.96 -20.94
N ILE B 241 -31.27 -20.61 -19.77
CA ILE B 241 -32.53 -20.98 -19.11
C ILE B 241 -32.52 -20.35 -17.72
N LEU B 242 -33.48 -19.45 -17.49
CA LEU B 242 -33.72 -18.90 -16.16
C LEU B 242 -34.82 -19.70 -15.50
N GLN B 243 -34.63 -20.03 -14.23
CA GLN B 243 -35.64 -20.76 -13.47
C GLN B 243 -36.00 -19.93 -12.24
N PHE B 244 -37.30 -19.74 -12.01
CA PHE B 244 -37.74 -18.97 -10.86
C PHE B 244 -37.87 -19.88 -9.65
N ILE B 245 -37.42 -19.38 -8.50
CA ILE B 245 -37.49 -20.06 -7.21
C ILE B 245 -38.27 -19.16 -6.25
N GLU B 246 -39.48 -19.58 -5.83
CA GLU B 246 -40.29 -18.69 -5.00
C GLU B 246 -39.81 -18.72 -3.55
N ILE B 247 -39.97 -17.59 -2.86
CA ILE B 247 -39.63 -17.56 -1.44
C ILE B 247 -40.68 -18.32 -0.64
N ALA B 248 -40.24 -19.01 0.42
CA ALA B 248 -41.15 -19.77 1.28
C ALA B 248 -42.09 -18.80 2.02
N ASP B 249 -43.17 -19.35 2.61
CA ASP B 249 -44.25 -18.50 3.12
C ASP B 249 -44.14 -18.15 4.61
N ASN B 250 -42.98 -18.37 5.24
CA ASN B 250 -42.77 -17.89 6.60
C ASN B 250 -42.56 -16.38 6.59
N ARG B 251 -43.37 -15.64 7.37
CA ARG B 251 -43.37 -14.16 7.38
C ARG B 251 -43.48 -13.60 5.96
N LEU B 252 -44.51 -14.03 5.25
CA LEU B 252 -44.71 -13.61 3.87
C LEU B 252 -45.18 -12.16 3.79
N THR B 253 -44.46 -11.33 3.03
CA THR B 253 -44.94 -9.99 2.69
C THR B 253 -44.98 -9.86 1.17
N ILE B 254 -45.61 -8.79 0.67
CA ILE B 254 -45.68 -8.58 -0.76
C ILE B 254 -44.27 -8.63 -1.39
N GLY B 255 -44.16 -9.31 -2.53
CA GLY B 255 -42.93 -9.35 -3.30
C GLY B 255 -42.40 -7.93 -3.46
N SER B 256 -41.10 -7.76 -3.29
CA SER B 256 -40.53 -6.43 -3.13
C SER B 256 -39.03 -6.51 -3.44
N PRO B 257 -38.38 -5.38 -3.71
CA PRO B 257 -36.95 -5.43 -4.08
C PRO B 257 -36.13 -6.07 -2.96
N SER B 258 -35.26 -7.00 -3.33
CA SER B 258 -34.57 -7.82 -2.35
C SER B 258 -33.11 -7.96 -2.77
N LYS B 259 -32.28 -8.55 -1.91
CA LYS B 259 -30.96 -8.92 -2.43
C LYS B 259 -30.45 -10.11 -1.63
N ILE B 260 -29.62 -10.92 -2.29
CA ILE B 260 -28.99 -12.07 -1.66
C ILE B 260 -27.48 -11.88 -1.81
N TYR B 261 -26.76 -12.15 -0.73
CA TYR B 261 -25.33 -11.89 -0.71
C TYR B 261 -24.65 -12.89 0.20
N ASN B 262 -23.36 -13.14 -0.04
CA ASN B 262 -22.53 -13.93 0.84
C ASN B 262 -21.90 -13.06 1.92
N SER B 263 -21.96 -13.52 3.17
CA SER B 263 -21.18 -12.93 4.25
C SER B 263 -20.59 -14.05 5.10
N LEU B 264 -19.28 -13.99 5.36
CA LEU B 264 -18.61 -15.03 6.16
C LEU B 264 -18.96 -16.44 5.67
N GLY B 265 -18.99 -16.63 4.35
CA GLY B 265 -19.07 -17.95 3.79
C GLY B 265 -20.45 -18.57 3.64
N GLN B 266 -21.53 -17.83 3.89
CA GLN B 266 -22.90 -18.36 3.74
C GLN B 266 -23.80 -17.26 3.20
N PRO B 267 -24.87 -17.61 2.48
CA PRO B 267 -25.74 -16.57 1.90
C PRO B 267 -26.68 -15.95 2.94
N VAL B 268 -27.04 -14.70 2.68
CA VAL B 268 -27.91 -13.88 3.52
C VAL B 268 -28.87 -13.16 2.58
N PHE B 269 -30.09 -12.87 3.07
CA PHE B 269 -31.17 -12.31 2.26
C PHE B 269 -31.75 -11.08 2.96
N TYR B 270 -32.04 -10.03 2.18
CA TYR B 270 -32.78 -8.86 2.66
C TYR B 270 -33.97 -8.67 1.74
N GLN B 271 -35.15 -8.44 2.31
CA GLN B 271 -36.32 -8.12 1.50
C GLN B 271 -36.91 -6.80 1.97
N ALA B 272 -37.09 -5.84 1.06
CA ALA B 272 -37.64 -4.55 1.48
C ALA B 272 -39.06 -4.72 2.01
N SER B 273 -39.41 -3.89 3.00
CA SER B 273 -40.74 -3.95 3.63
C SER B 273 -41.68 -3.00 2.90
N TYR B 274 -42.44 -3.50 1.91
CA TYR B 274 -43.27 -2.62 1.10
C TYR B 274 -44.74 -2.67 1.49
N SER B 275 -45.07 -3.19 2.67
CA SER B 275 -46.46 -3.20 3.13
CA SER B 275 -46.45 -3.23 3.13
C SER B 275 -46.55 -2.98 4.63
N TRP B 276 -47.47 -3.67 5.30
CA TRP B 276 -47.82 -3.35 6.69
C TRP B 276 -46.81 -3.87 7.71
N ASP B 277 -46.02 -4.89 7.38
CA ASP B 277 -45.00 -5.41 8.28
C ASP B 277 -43.73 -4.61 8.04
N THR B 278 -43.53 -3.56 8.84
CA THR B 278 -42.53 -2.54 8.52
C THR B 278 -41.17 -2.76 9.19
N MET B 279 -41.04 -3.75 10.07
CA MET B 279 -39.74 -4.01 10.69
C MET B 279 -38.84 -4.73 9.69
N ILE B 280 -37.52 -4.47 9.77
CA ILE B 280 -36.60 -4.93 8.72
C ILE B 280 -36.65 -6.45 8.58
N LYS B 281 -36.59 -6.91 7.33
CA LYS B 281 -36.62 -8.34 6.99
C LYS B 281 -35.25 -8.73 6.42
N LEU B 282 -34.48 -9.45 7.21
CA LEU B 282 -33.21 -10.00 6.72
C LEU B 282 -32.89 -11.24 7.55
N GLY B 283 -32.02 -12.08 7.01
CA GLY B 283 -31.65 -13.29 7.74
C GLY B 283 -30.75 -14.20 6.93
N ASP B 284 -30.14 -15.15 7.64
CA ASP B 284 -29.39 -16.19 6.93
C ASP B 284 -30.33 -17.02 6.07
N VAL B 285 -29.86 -17.39 4.90
CA VAL B 285 -30.62 -18.24 3.99
C VAL B 285 -30.44 -19.69 4.46
N ASP B 286 -31.54 -20.35 4.82
CA ASP B 286 -31.46 -21.77 5.20
C ASP B 286 -31.20 -22.64 3.98
N THR B 287 -32.00 -22.46 2.93
CA THR B 287 -31.83 -23.16 1.66
C THR B 287 -32.07 -22.16 0.54
N VAL B 288 -31.30 -22.31 -0.54
CA VAL B 288 -31.43 -21.43 -1.69
C VAL B 288 -32.56 -21.93 -2.61
N ASP B 289 -32.73 -23.25 -2.69
CA ASP B 289 -33.71 -23.86 -3.59
C ASP B 289 -34.23 -25.12 -2.91
N PRO B 290 -35.45 -25.09 -2.35
CA PRO B 290 -36.38 -23.97 -2.28
C PRO B 290 -35.85 -22.84 -1.38
N LEU B 291 -36.27 -21.60 -1.62
CA LEU B 291 -35.70 -20.46 -0.89
C LEU B 291 -36.40 -20.27 0.44
N ARG B 292 -35.65 -20.39 1.54
CA ARG B 292 -36.20 -20.15 2.87
C ARG B 292 -35.20 -19.34 3.66
N VAL B 293 -35.68 -18.27 4.27
CA VAL B 293 -34.87 -17.32 5.02
C VAL B 293 -35.23 -17.44 6.49
N GLN B 294 -34.20 -17.42 7.33
CA GLN B 294 -34.38 -17.41 8.79
C GLN B 294 -34.39 -15.94 9.25
N TRP B 295 -35.56 -15.31 9.10
CA TRP B 295 -35.68 -13.87 9.37
C TRP B 295 -35.32 -13.55 10.81
N ARG B 296 -34.51 -12.51 11.01
CA ARG B 296 -34.26 -12.01 12.36
C ARG B 296 -35.54 -11.44 12.97
N ASN B 297 -35.66 -11.57 14.30
CA ASN B 297 -36.67 -10.83 15.06
C ASN B 297 -36.08 -9.49 15.46
N ASN B 298 -36.01 -8.59 14.49
CA ASN B 298 -35.37 -7.29 14.72
C ASN B 298 -36.41 -6.25 15.15
N SER B 299 -36.16 -5.62 16.29
CA SER B 299 -37.11 -4.67 16.90
C SER B 299 -36.65 -3.22 16.82
N VAL B 300 -35.51 -2.93 16.20
CA VAL B 300 -34.99 -1.57 16.22
C VAL B 300 -34.93 -0.91 14.85
N ILE B 301 -34.92 -1.64 13.74
CA ILE B 301 -34.75 -1.06 12.41
C ILE B 301 -36.05 -1.19 11.63
N SER B 302 -36.55 -0.07 11.10
CA SER B 302 -37.80 -0.10 10.34
C SER B 302 -37.56 0.73 9.07
N ARG B 303 -38.64 1.28 8.49
CA ARG B 303 -38.53 2.17 7.32
C ARG B 303 -39.70 3.13 7.33
N PRO B 304 -39.56 4.30 6.68
CA PRO B 304 -40.68 5.24 6.67
C PRO B 304 -41.77 4.79 5.72
N GLY B 305 -42.99 5.14 6.06
CA GLY B 305 -44.11 4.79 5.21
C GLY B 305 -44.89 6.03 4.85
N GLN B 306 -46.21 5.84 4.76
CA GLN B 306 -47.13 6.94 4.61
C GLN B 306 -48.17 6.85 5.72
N SER B 307 -49.42 7.18 5.42
CA SER B 307 -50.41 7.31 6.47
C SER B 307 -50.71 5.97 7.14
N GLN B 308 -50.96 4.94 6.34
CA GLN B 308 -51.53 3.72 6.92
C GLN B 308 -50.49 2.79 7.51
N CYS B 309 -49.27 2.79 6.99
CA CYS B 309 -48.21 1.91 7.46
C CYS B 309 -46.95 2.70 7.73
N PRO B 310 -46.95 3.52 8.75
CA PRO B 310 -45.77 4.33 9.05
C PRO B 310 -44.70 3.49 9.72
N ARG B 311 -43.52 4.08 9.90
CA ARG B 311 -42.41 3.39 10.54
C ARG B 311 -42.86 2.76 11.86
N PHE B 312 -42.37 1.55 12.12
CA PHE B 312 -42.62 0.74 13.30
C PHE B 312 -44.03 0.14 13.36
N ASN B 313 -44.89 0.40 12.37
CA ASN B 313 -46.17 -0.29 12.29
C ASN B 313 -45.97 -1.80 12.24
N VAL B 314 -46.79 -2.54 12.98
CA VAL B 314 -46.78 -4.00 12.95
C VAL B 314 -48.16 -4.60 12.82
N CYS B 315 -49.23 -3.80 12.70
CA CYS B 315 -50.54 -4.39 12.55
C CYS B 315 -50.93 -4.50 11.07
N PRO B 316 -51.52 -5.61 10.64
CA PRO B 316 -51.90 -5.76 9.23
C PRO B 316 -52.80 -4.65 8.73
N GLU B 317 -52.42 -4.05 7.60
CA GLU B 317 -53.21 -3.03 6.93
C GLU B 317 -53.13 -3.26 5.42
N VAL B 318 -54.02 -2.60 4.69
CA VAL B 318 -53.98 -2.58 3.24
C VAL B 318 -53.11 -1.40 2.84
N CYS B 319 -51.88 -1.69 2.40
CA CYS B 319 -50.75 -0.77 2.28
C CYS B 319 -49.81 -1.24 1.19
N TRP B 320 -49.37 -0.32 0.32
CA TRP B 320 -48.21 -0.54 -0.55
C TRP B 320 -47.34 0.71 -0.43
N GLU B 321 -46.34 0.65 0.44
CA GLU B 321 -45.60 1.80 0.93
C GLU B 321 -44.25 1.33 1.48
N GLY B 322 -43.24 2.20 1.40
CA GLY B 322 -41.92 1.92 1.97
C GLY B 322 -40.79 2.18 0.98
N THR B 323 -39.57 2.00 1.47
CA THR B 323 -38.38 2.18 0.66
C THR B 323 -37.40 1.05 0.92
N TYR B 324 -36.57 0.77 -0.09
CA TYR B 324 -35.50 -0.21 -0.01
C TYR B 324 -34.32 0.38 0.76
N ASN B 325 -34.00 -0.18 1.95
CA ASN B 325 -32.86 0.30 2.75
C ASN B 325 -32.21 -0.95 3.36
N ASP B 326 -31.21 -1.53 2.68
CA ASP B 326 -30.81 -2.88 3.08
C ASP B 326 -29.76 -2.83 4.20
N ALA B 327 -29.34 -3.99 4.65
CA ALA B 327 -28.27 -4.07 5.64
C ALA B 327 -27.44 -5.32 5.39
N PHE B 328 -26.18 -5.27 5.81
CA PHE B 328 -25.18 -6.26 5.46
C PHE B 328 -24.61 -6.86 6.75
N LEU B 329 -24.79 -8.17 6.91
CA LEU B 329 -24.28 -8.89 8.07
C LEU B 329 -22.76 -8.83 8.10
N ILE B 330 -22.18 -8.38 9.22
CA ILE B 330 -20.73 -8.29 9.35
C ILE B 330 -20.17 -9.18 10.45
N ASP B 331 -21.02 -9.87 11.22
CA ASP B 331 -20.56 -10.72 12.31
C ASP B 331 -21.70 -11.70 12.59
N ARG B 332 -21.50 -12.96 12.21
CA ARG B 332 -22.60 -13.91 12.37
C ARG B 332 -22.72 -14.39 13.80
N LEU B 333 -21.61 -14.55 14.49
CA LEU B 333 -21.67 -15.11 15.86
C LEU B 333 -22.56 -14.25 16.73
N ASN B 334 -22.42 -12.93 16.63
CA ASN B 334 -23.22 -11.96 17.41
C ASN B 334 -24.35 -11.37 16.58
N TRP B 335 -24.52 -11.77 15.32
CA TRP B 335 -25.60 -11.26 14.42
C TRP B 335 -25.68 -9.73 14.38
N VAL B 336 -24.57 -9.13 14.07
CA VAL B 336 -24.41 -7.67 13.93
C VAL B 336 -24.40 -7.33 12.43
N SER B 337 -25.13 -6.29 12.03
CA SER B 337 -25.28 -5.85 10.62
C SER B 337 -25.02 -4.34 10.48
N ALA B 338 -24.68 -3.91 9.27
CA ALA B 338 -24.47 -2.48 9.00
C ALA B 338 -25.32 -2.05 7.81
N GLY B 339 -26.02 -0.93 7.94
CA GLY B 339 -26.80 -0.41 6.82
C GLY B 339 -27.22 1.03 7.06
N VAL B 340 -27.78 1.63 6.03
CA VAL B 340 -28.33 2.98 6.15
C VAL B 340 -29.85 2.90 6.30
N TYR B 341 -30.39 3.49 7.36
CA TYR B 341 -31.83 3.60 7.48
C TYR B 341 -32.25 5.06 7.43
N LEU B 342 -33.53 5.30 7.15
CA LEU B 342 -34.09 6.63 7.01
C LEU B 342 -34.81 7.00 8.30
N ASN B 343 -34.25 7.94 9.05
CA ASN B 343 -34.75 8.27 10.38
C ASN B 343 -35.93 9.24 10.26
N SER B 344 -37.06 8.67 9.83
CA SER B 344 -38.27 9.48 9.67
C SER B 344 -39.46 8.53 9.61
N ASN B 345 -40.62 9.03 10.03
CA ASN B 345 -41.77 8.17 10.22
C ASN B 345 -42.64 8.05 8.98
N GLN B 346 -42.96 9.18 8.33
CA GLN B 346 -43.86 9.17 7.18
C GLN B 346 -43.27 9.88 5.97
N THR B 347 -41.98 10.22 6.00
CA THR B 347 -41.35 10.76 4.80
C THR B 347 -39.99 10.12 4.61
N ALA B 348 -39.57 10.02 3.36
CA ALA B 348 -38.25 9.47 3.04
C ALA B 348 -37.22 10.58 3.25
N GLU B 349 -36.53 10.54 4.40
CA GLU B 349 -35.64 11.60 4.86
C GLU B 349 -34.63 11.06 5.86
N ASN B 350 -33.50 11.79 5.98
CA ASN B 350 -32.53 11.67 7.08
C ASN B 350 -31.77 10.34 7.11
N PRO B 351 -30.88 10.09 6.13
CA PRO B 351 -30.12 8.82 6.10
C PRO B 351 -29.16 8.72 7.28
N VAL B 352 -29.21 7.60 7.99
CA VAL B 352 -28.33 7.34 9.13
C VAL B 352 -27.61 6.01 8.90
N PHE B 353 -26.28 6.02 9.00
CA PHE B 353 -25.51 4.77 8.93
C PHE B 353 -25.46 4.15 10.32
N ALA B 354 -25.87 2.89 10.43
CA ALA B 354 -26.00 2.26 11.73
C ALA B 354 -25.41 0.86 11.74
N VAL B 355 -24.82 0.51 12.87
CA VAL B 355 -24.34 -0.84 13.14
C VAL B 355 -25.23 -1.40 14.24
N PHE B 356 -25.88 -2.54 14.01
CA PHE B 356 -26.96 -2.90 14.92
C PHE B 356 -27.07 -4.41 15.10
N LYS B 357 -27.62 -4.80 16.24
CA LYS B 357 -28.04 -6.17 16.51
C LYS B 357 -29.55 -6.24 16.38
N ASP B 358 -30.12 -7.43 16.66
CA ASP B 358 -31.56 -7.62 16.55
C ASP B 358 -32.32 -6.59 17.37
N ASN B 359 -31.84 -6.30 18.57
CA ASN B 359 -32.63 -5.49 19.50
C ASN B 359 -31.91 -4.24 20.00
N GLU B 360 -30.81 -3.85 19.36
CA GLU B 360 -30.16 -2.63 19.82
C GLU B 360 -29.25 -2.11 18.74
N ILE B 361 -29.30 -0.81 18.53
CA ILE B 361 -28.37 -0.10 17.67
C ILE B 361 -27.12 0.18 18.50
N LEU B 362 -25.97 -0.33 18.05
CA LEU B 362 -24.74 -0.13 18.82
C LEU B 362 -24.18 1.28 18.63
N TYR B 363 -24.05 1.73 17.38
CA TYR B 363 -23.54 3.07 17.11
C TYR B 363 -23.97 3.45 15.71
N GLN B 364 -24.08 4.76 15.47
CA GLN B 364 -24.71 5.26 14.26
C GLN B 364 -24.31 6.71 14.07
N VAL B 365 -24.34 7.17 12.83
CA VAL B 365 -23.99 8.55 12.48
C VAL B 365 -24.90 9.02 11.33
N PRO B 366 -25.45 10.23 11.41
CA PRO B 366 -26.19 10.77 10.27
C PRO B 366 -25.27 10.97 9.07
N LEU B 367 -25.78 10.71 7.88
CA LEU B 367 -24.96 10.92 6.68
C LEU B 367 -25.10 12.33 6.11
N ALA B 368 -26.03 13.14 6.61
CA ALA B 368 -26.21 14.51 6.14
C ALA B 368 -26.36 15.45 7.34
N GLU B 369 -25.90 16.69 7.15
CA GLU B 369 -25.75 17.63 8.27
C GLU B 369 -27.06 18.28 8.68
N ASP B 370 -28.07 18.26 7.83
CA ASP B 370 -29.41 18.68 8.23
C ASP B 370 -30.41 17.76 7.55
N ASP B 371 -31.69 17.95 7.87
CA ASP B 371 -32.70 17.04 7.36
C ASP B 371 -32.74 17.11 5.83
N THR B 372 -32.65 15.95 5.20
CA THR B 372 -32.40 15.83 3.77
C THR B 372 -33.26 14.71 3.19
N ASN B 373 -33.91 14.96 2.04
CA ASN B 373 -34.66 13.91 1.37
C ASN B 373 -33.70 12.82 0.87
N ALA B 374 -33.99 11.56 1.20
CA ALA B 374 -33.20 10.43 0.73
C ALA B 374 -34.12 9.23 0.52
N GLN B 375 -33.72 8.35 -0.41
CA GLN B 375 -34.55 7.20 -0.74
C GLN B 375 -33.78 5.88 -0.57
N LYS B 376 -33.63 5.14 -1.66
CA LYS B 376 -33.04 3.81 -1.60
C LYS B 376 -31.63 3.87 -1.05
N THR B 377 -31.27 2.87 -0.19
CA THR B 377 -29.86 2.73 0.19
C THR B 377 -29.42 1.30 0.04
N ILE B 378 -28.16 1.12 -0.37
CA ILE B 378 -27.58 -0.20 -0.67
C ILE B 378 -26.19 -0.24 -0.04
N THR B 379 -25.95 -1.20 0.86
CA THR B 379 -24.74 -1.29 1.66
C THR B 379 -24.09 -2.65 1.41
N ASP B 380 -22.80 -2.66 1.09
CA ASP B 380 -22.02 -3.90 0.92
C ASP B 380 -20.72 -3.77 1.71
N CYS B 381 -20.35 -4.81 2.47
CA CYS B 381 -19.16 -4.70 3.30
C CYS B 381 -18.18 -5.83 2.98
N PHE B 382 -16.91 -5.63 3.38
CA PHE B 382 -15.81 -6.51 2.98
C PHE B 382 -14.60 -6.12 3.82
N LEU B 383 -13.57 -6.95 3.73
CA LEU B 383 -12.33 -6.72 4.45
C LEU B 383 -11.31 -6.08 3.53
N LEU B 384 -10.58 -5.11 4.05
CA LEU B 384 -9.35 -4.61 3.46
C LEU B 384 -8.25 -4.99 4.44
N GLU B 385 -7.42 -5.96 4.05
CA GLU B 385 -6.51 -6.62 4.97
C GLU B 385 -7.35 -7.17 6.12
N ASN B 386 -7.24 -6.60 7.31
CA ASN B 386 -8.16 -7.08 8.34
C ASN B 386 -8.98 -5.95 8.93
N VAL B 387 -9.35 -4.97 8.12
CA VAL B 387 -10.25 -3.89 8.52
C VAL B 387 -11.57 -4.05 7.77
N ILE B 388 -12.68 -4.05 8.50
CA ILE B 388 -14.00 -4.16 7.89
C ILE B 388 -14.40 -2.79 7.34
N TRP B 389 -14.67 -2.73 6.04
CA TRP B 389 -15.18 -1.53 5.40
C TRP B 389 -16.56 -1.81 4.83
N CYS B 390 -17.41 -0.79 4.84
CA CYS B 390 -18.68 -0.84 4.13
C CYS B 390 -18.72 0.29 3.10
N ILE B 391 -19.27 0.01 1.92
CA ILE B 391 -19.63 1.03 0.95
C ILE B 391 -21.16 1.11 0.89
N SER B 392 -21.73 2.32 1.00
CA SER B 392 -23.17 2.53 0.93
C SER B 392 -23.50 3.48 -0.20
N LEU B 393 -24.36 3.05 -1.12
CA LEU B 393 -24.94 3.98 -2.08
C LEU B 393 -26.19 4.60 -1.44
N VAL B 394 -26.32 5.93 -1.51
CA VAL B 394 -27.50 6.61 -0.98
C VAL B 394 -28.08 7.52 -2.05
N GLU B 395 -29.32 7.27 -2.45
CA GLU B 395 -30.05 8.13 -3.38
C GLU B 395 -30.56 9.34 -2.60
N ILE B 396 -30.18 10.55 -3.03
CA ILE B 396 -30.30 11.72 -2.15
C ILE B 396 -30.58 12.99 -2.96
N TYR B 397 -31.25 13.93 -2.31
CA TYR B 397 -31.29 15.30 -2.81
C TYR B 397 -29.98 15.98 -2.41
N ASP B 398 -29.20 16.41 -3.38
CA ASP B 398 -27.91 17.04 -3.12
C ASP B 398 -28.07 18.56 -3.12
N THR B 399 -27.83 19.17 -1.97
CA THR B 399 -28.05 20.60 -1.78
C THR B 399 -27.08 21.45 -2.61
N GLY B 400 -25.81 21.01 -2.71
CA GLY B 400 -24.81 21.83 -3.36
C GLY B 400 -25.19 22.23 -4.77
N ASP B 401 -25.67 21.27 -5.56
CA ASP B 401 -25.99 21.52 -6.96
C ASP B 401 -27.46 21.40 -7.28
N SER B 402 -28.32 21.18 -6.27
CA SER B 402 -29.77 21.13 -6.46
C SER B 402 -30.16 20.02 -7.44
N VAL B 403 -29.72 18.80 -7.11
CA VAL B 403 -29.88 17.64 -7.97
C VAL B 403 -30.26 16.42 -7.12
N ILE B 404 -31.07 15.54 -7.70
CA ILE B 404 -31.30 14.20 -7.16
C ILE B 404 -30.22 13.27 -7.73
N ARG B 405 -29.52 12.54 -6.87
CA ARG B 405 -28.40 11.73 -7.36
C ARG B 405 -27.96 10.71 -6.29
N PRO B 406 -27.36 9.62 -6.71
CA PRO B 406 -26.68 8.71 -5.77
C PRO B 406 -25.35 9.27 -5.29
N LYS B 407 -25.09 9.12 -4.00
CA LYS B 407 -23.79 9.40 -3.43
C LYS B 407 -23.28 8.12 -2.80
N LEU B 408 -21.97 7.94 -2.84
CA LEU B 408 -21.32 6.75 -2.32
C LEU B 408 -20.44 7.15 -1.14
N PHE B 409 -20.63 6.48 -0.02
CA PHE B 409 -19.86 6.69 1.19
C PHE B 409 -19.06 5.43 1.48
N ALA B 410 -17.90 5.59 2.11
CA ALA B 410 -17.17 4.45 2.64
C ALA B 410 -17.03 4.67 4.14
N VAL B 411 -17.32 3.64 4.93
CA VAL B 411 -17.34 3.74 6.38
C VAL B 411 -16.51 2.61 6.95
N LYS B 412 -15.48 2.96 7.71
CA LYS B 412 -14.65 1.96 8.36
C LYS B 412 -15.29 1.56 9.68
N ILE B 413 -15.47 0.26 9.89
CA ILE B 413 -16.09 -0.23 11.12
C ILE B 413 -15.02 -0.35 12.21
N PRO B 414 -15.21 0.26 13.38
CA PRO B 414 -14.12 0.30 14.37
C PRO B 414 -13.91 -1.07 15.01
N ALA B 415 -12.63 -1.41 15.21
CA ALA B 415 -12.31 -2.65 15.92
C ALA B 415 -12.38 -2.47 17.43
N GLN B 416 -12.12 -1.25 17.90
CA GLN B 416 -12.13 -0.93 19.32
C GLN B 416 -13.31 -0.01 19.62
N CYS B 417 -13.96 -0.27 20.75
CA CYS B 417 -15.19 0.42 21.14
C CYS B 417 -14.94 1.81 21.68
N SER B 418 -13.74 2.08 22.18
CA SER B 418 -13.53 3.17 23.10
C SER B 418 -12.36 4.01 22.65
N GLU B 419 -12.39 5.27 23.07
CA GLU B 419 -11.27 6.17 22.87
C GLU B 419 -10.04 5.67 23.61
N SER B 420 -10.22 5.17 24.84
CA SER B 420 -9.13 4.69 25.67
C SER B 420 -9.46 3.30 26.21
N GLU B 421 -8.49 2.71 26.93
CA GLU B 421 -8.63 1.34 27.41
C GLU B 421 -9.57 1.23 28.61
N ASN B 422 -9.69 2.29 29.41
CA ASN B 422 -10.53 2.35 30.61
C ASN B 422 -9.97 1.50 31.74
N LEU B 423 -9.17 2.12 32.60
CA LEU B 423 -8.55 1.42 33.72
C LEU B 423 -9.54 1.16 34.85
N TYR B 424 -10.67 1.86 34.89
CA TYR B 424 -11.65 1.60 35.94
C TYR B 424 -12.24 0.20 35.81
N PHE B 425 -12.75 -0.13 34.61
CA PHE B 425 -13.39 -1.41 34.38
C PHE B 425 -12.39 -2.57 34.39
N GLN B 426 -11.19 -2.35 33.82
CA GLN B 426 -10.25 -3.47 33.72
C GLN B 426 -9.43 -3.65 35.00
N GLY B 427 -9.28 -2.59 35.79
CA GLY B 427 -8.42 -2.67 36.97
C GLY B 427 -6.97 -2.87 36.57
N HIS B 428 -6.13 -3.03 37.59
CA HIS B 428 -4.70 -3.19 37.39
C HIS B 428 -4.29 -4.67 37.34
N GLN C 1 7.39 6.26 -5.28
CA GLN C 1 6.55 7.22 -4.58
C GLN C 1 6.09 8.31 -5.55
N VAL C 2 4.86 8.81 -5.40
CA VAL C 2 4.42 9.94 -6.22
C VAL C 2 5.19 11.19 -5.81
N GLN C 3 5.62 11.97 -6.80
CA GLN C 3 6.10 13.32 -6.50
C GLN C 3 5.52 14.31 -7.51
N LEU C 4 5.38 15.56 -7.06
CA LEU C 4 4.69 16.63 -7.78
C LEU C 4 5.60 17.83 -7.98
N VAL C 5 5.88 18.17 -9.24
CA VAL C 5 6.78 19.27 -9.60
C VAL C 5 5.99 20.27 -10.43
N GLN C 6 5.89 21.50 -9.94
CA GLN C 6 5.12 22.56 -10.58
C GLN C 6 6.02 23.47 -11.40
N SER C 7 5.39 24.24 -12.30
CA SER C 7 6.09 25.21 -13.11
C SER C 7 6.53 26.41 -12.28
N GLY C 8 7.31 27.30 -12.90
CA GLY C 8 7.91 28.44 -12.22
C GLY C 8 6.99 29.65 -12.05
N ALA C 9 7.53 30.66 -11.38
CA ALA C 9 6.79 31.87 -11.04
C ALA C 9 6.34 32.60 -12.28
N GLU C 10 5.28 33.40 -12.12
CA GLU C 10 4.62 34.11 -13.21
C GLU C 10 4.20 35.48 -12.72
N VAL C 11 4.37 36.48 -13.57
CA VAL C 11 3.96 37.86 -13.31
C VAL C 11 3.00 38.26 -14.41
N LYS C 12 1.84 38.77 -14.02
CA LYS C 12 0.72 38.93 -14.93
C LYS C 12 0.01 40.24 -14.67
N LYS C 13 -0.54 40.82 -15.74
CA LYS C 13 -1.36 42.01 -15.65
C LYS C 13 -2.78 41.64 -15.23
N PRO C 14 -3.48 42.53 -14.53
CA PRO C 14 -4.89 42.27 -14.20
C PRO C 14 -5.70 42.09 -15.47
N GLY C 15 -6.61 41.12 -15.44
CA GLY C 15 -7.44 40.83 -16.59
C GLY C 15 -6.88 39.78 -17.53
N SER C 16 -5.62 39.41 -17.38
CA SER C 16 -5.04 38.32 -18.15
C SER C 16 -5.35 36.99 -17.46
N SER C 17 -4.77 35.91 -17.99
CA SER C 17 -4.87 34.58 -17.41
C SER C 17 -3.49 33.96 -17.31
N VAL C 18 -3.42 32.86 -16.57
CA VAL C 18 -2.17 32.14 -16.32
C VAL C 18 -2.47 30.65 -16.26
N LYS C 19 -1.58 29.84 -16.82
CA LYS C 19 -1.72 28.39 -16.83
C LYS C 19 -0.53 27.76 -16.11
N VAL C 20 -0.81 27.15 -14.94
CA VAL C 20 0.18 26.53 -14.07
C VAL C 20 0.16 25.03 -14.27
N SER C 21 1.34 24.43 -14.30
CA SER C 21 1.46 22.99 -14.53
C SER C 21 1.89 22.28 -13.25
N CYS C 22 1.53 21.01 -13.18
CA CYS C 22 1.85 20.13 -12.05
C CYS C 22 2.25 18.80 -12.68
N LYS C 23 3.54 18.54 -12.78
CA LYS C 23 3.99 17.25 -13.34
C LYS C 23 3.96 16.16 -12.28
N VAL C 24 3.25 15.06 -12.57
CA VAL C 24 3.10 13.91 -11.66
C VAL C 24 4.06 12.81 -12.11
N SER C 25 4.95 12.38 -11.21
CA SER C 25 5.82 11.23 -11.49
C SER C 25 5.68 10.18 -10.39
N GLY C 26 5.77 8.92 -10.80
CA GLY C 26 5.42 7.83 -9.92
C GLY C 26 3.90 7.65 -9.87
N GLY C 27 3.47 6.62 -9.14
CA GLY C 27 2.05 6.37 -9.02
C GLY C 27 1.47 5.88 -10.34
N ILE C 28 0.16 6.07 -10.49
CA ILE C 28 -0.54 5.70 -11.71
C ILE C 28 -1.38 6.91 -12.12
N PHE C 29 -0.98 7.57 -13.21
CA PHE C 29 -1.45 8.94 -13.48
C PHE C 29 -2.97 9.01 -13.54
N ASN C 30 -3.60 8.05 -14.22
CA ASN C 30 -5.04 8.12 -14.45
C ASN C 30 -5.83 8.02 -13.15
N ARG C 31 -5.29 7.39 -12.12
CA ARG C 31 -6.01 7.15 -10.89
C ARG C 31 -5.61 8.10 -9.74
N GLU C 32 -4.65 9.01 -9.96
CA GLU C 32 -4.34 10.03 -8.94
C GLU C 32 -5.34 11.18 -9.02
N THR C 33 -5.79 11.65 -7.85
CA THR C 33 -6.71 12.79 -7.77
C THR C 33 -5.92 14.02 -7.34
N ILE C 34 -5.68 14.95 -8.28
CA ILE C 34 -4.84 16.11 -8.03
C ILE C 34 -5.72 17.30 -7.71
N ASN C 35 -5.49 17.89 -6.54
CA ASN C 35 -6.21 19.04 -6.06
C ASN C 35 -5.33 20.29 -6.21
N TRP C 36 -5.98 21.44 -6.24
CA TRP C 36 -5.29 22.72 -6.25
C TRP C 36 -5.71 23.52 -5.02
N VAL C 37 -4.73 24.18 -4.42
CA VAL C 37 -4.92 24.93 -3.19
C VAL C 37 -4.04 26.17 -3.31
N ARG C 38 -4.58 27.32 -2.97
CA ARG C 38 -3.80 28.55 -3.06
C ARG C 38 -3.63 29.15 -1.68
N GLN C 39 -2.51 29.83 -1.50
CA GLN C 39 -2.16 30.47 -0.23
C GLN C 39 -1.89 31.93 -0.54
N ALA C 40 -2.86 32.79 -0.22
CA ALA C 40 -2.65 34.22 -0.32
C ALA C 40 -1.86 34.72 0.89
N PRO C 41 -1.12 35.82 0.73
CA PRO C 41 -0.39 36.38 1.88
C PRO C 41 -1.33 36.68 3.04
N GLY C 42 -0.83 36.43 4.25
CA GLY C 42 -1.61 36.73 5.45
C GLY C 42 -3.00 36.12 5.44
N GLN C 43 -3.13 34.91 4.92
CA GLN C 43 -4.42 34.25 4.81
C GLN C 43 -4.19 32.76 4.69
N GLY C 44 -5.17 31.98 5.15
CA GLY C 44 -5.03 30.54 5.17
C GLY C 44 -5.06 29.96 3.76
N LEU C 45 -5.12 28.63 3.72
CA LEU C 45 -5.18 27.93 2.46
C LEU C 45 -6.61 27.83 1.96
N GLU C 46 -6.78 27.78 0.64
CA GLU C 46 -8.10 27.84 0.02
C GLU C 46 -8.20 26.80 -1.09
N TRP C 47 -9.13 25.85 -0.94
CA TRP C 47 -9.26 24.79 -1.93
C TRP C 47 -9.88 25.34 -3.22
N MET C 48 -9.35 24.90 -4.37
CA MET C 48 -9.75 25.45 -5.65
C MET C 48 -10.41 24.46 -6.60
N GLY C 49 -10.20 23.17 -6.41
CA GLY C 49 -10.78 22.17 -7.29
C GLY C 49 -9.86 20.96 -7.41
N ARG C 50 -10.27 20.05 -8.29
CA ARG C 50 -9.58 18.77 -8.42
C ARG C 50 -9.97 18.12 -9.74
N ILE C 51 -9.19 17.10 -10.11
CA ILE C 51 -9.49 16.28 -11.27
C ILE C 51 -8.89 14.90 -11.04
N THR C 52 -9.55 13.90 -11.57
CA THR C 52 -9.06 12.53 -11.58
C THR C 52 -8.98 12.13 -13.05
N PRO C 53 -7.80 11.96 -13.64
CA PRO C 53 -7.72 11.92 -15.11
C PRO C 53 -8.47 10.75 -15.75
N ILE C 54 -8.72 9.65 -15.03
CA ILE C 54 -9.55 8.60 -15.60
C ILE C 54 -10.99 9.08 -15.81
N VAL C 55 -11.49 9.96 -14.96
CA VAL C 55 -12.78 10.58 -15.22
C VAL C 55 -12.63 11.76 -16.17
N ASP C 56 -11.59 12.59 -15.97
CA ASP C 56 -11.28 13.73 -16.81
C ASP C 56 -12.35 14.81 -16.74
N VAL C 57 -13.17 14.82 -15.70
CA VAL C 57 -14.17 15.87 -15.50
C VAL C 57 -13.80 16.58 -14.21
N PRO C 58 -13.31 17.81 -14.26
CA PRO C 58 -12.93 18.52 -13.04
C PRO C 58 -14.16 18.97 -12.25
N ASN C 59 -13.95 19.26 -10.97
CA ASN C 59 -14.96 19.97 -10.23
C ASN C 59 -14.30 21.01 -9.34
N TYR C 60 -15.07 22.03 -9.00
CA TYR C 60 -14.62 23.26 -8.36
C TYR C 60 -15.66 23.69 -7.35
N PRO C 61 -15.26 24.44 -6.31
CA PRO C 61 -16.24 25.16 -5.51
C PRO C 61 -16.87 26.26 -6.34
N ARG C 62 -18.07 26.67 -5.91
CA ARG C 62 -18.81 27.67 -6.70
C ARG C 62 -18.03 28.97 -6.84
N LYS C 63 -17.19 29.32 -5.86
CA LYS C 63 -16.33 30.49 -5.99
C LYS C 63 -15.56 30.49 -7.29
N PHE C 64 -14.90 29.37 -7.61
CA PHE C 64 -13.90 29.33 -8.67
C PHE C 64 -14.44 28.80 -9.99
N ARG C 65 -15.69 28.33 -10.03
CA ARG C 65 -16.28 27.96 -11.31
C ARG C 65 -16.34 29.20 -12.19
N GLY C 66 -16.06 29.02 -13.47
CA GLY C 66 -16.05 30.12 -14.40
C GLY C 66 -14.77 30.90 -14.45
N ARG C 67 -13.93 30.83 -13.41
CA ARG C 67 -12.60 31.45 -13.42
C ARG C 67 -11.45 30.46 -13.41
N VAL C 68 -11.65 29.24 -12.92
CA VAL C 68 -10.60 28.22 -12.86
C VAL C 68 -10.94 27.09 -13.82
N THR C 69 -9.96 26.69 -14.63
CA THR C 69 -10.10 25.56 -15.55
C THR C 69 -8.98 24.56 -15.29
N ILE C 70 -9.34 23.34 -14.93
CA ILE C 70 -8.37 22.29 -14.63
C ILE C 70 -8.47 21.19 -15.68
N THR C 71 -7.32 20.79 -16.23
CA THR C 71 -7.25 19.76 -17.27
C THR C 71 -6.10 18.81 -16.98
N ALA C 72 -6.10 17.67 -17.67
CA ALA C 72 -5.09 16.63 -17.45
C ALA C 72 -4.60 16.07 -18.78
N ASP C 73 -3.30 15.82 -18.87
CA ASP C 73 -2.68 15.31 -20.09
C ASP C 73 -1.87 14.06 -19.75
N LYS C 74 -2.46 12.89 -20.01
CA LYS C 74 -1.78 11.65 -19.68
C LYS C 74 -0.52 11.45 -20.52
N SER C 75 -0.40 12.11 -21.66
CA SER C 75 0.79 11.95 -22.51
C SER C 75 2.01 12.60 -21.85
N THR C 76 1.81 13.64 -21.06
CA THR C 76 2.89 14.26 -20.28
C THR C 76 2.76 14.02 -18.78
N SER C 77 1.74 13.28 -18.33
CA SER C 77 1.47 13.07 -16.90
C SER C 77 1.49 14.40 -16.15
N THR C 78 0.84 15.39 -16.74
CA THR C 78 0.77 16.74 -16.19
C THR C 78 -0.68 17.14 -16.00
N VAL C 79 -0.96 17.78 -14.87
CA VAL C 79 -2.24 18.40 -14.57
C VAL C 79 -2.04 19.90 -14.63
N TYR C 80 -3.00 20.60 -15.25
CA TYR C 80 -2.91 22.04 -15.42
C TYR C 80 -4.05 22.74 -14.70
N MET C 81 -3.77 23.95 -14.23
CA MET C 81 -4.74 24.83 -13.62
C MET C 81 -4.61 26.18 -14.29
N GLU C 82 -5.68 26.65 -14.92
CA GLU C 82 -5.70 27.95 -15.58
C GLU C 82 -6.68 28.85 -14.84
N LEU C 83 -6.18 30.01 -14.43
CA LEU C 83 -7.00 31.01 -13.74
C LEU C 83 -7.10 32.22 -14.66
N SER C 84 -8.32 32.55 -15.09
CA SER C 84 -8.57 33.67 -15.98
C SER C 84 -9.10 34.87 -15.21
N GLY C 85 -9.19 36.00 -15.91
CA GLY C 85 -9.58 37.28 -15.35
C GLY C 85 -8.83 37.71 -14.11
N LEU C 86 -7.50 37.64 -14.14
CA LEU C 86 -6.73 37.77 -12.90
C LEU C 86 -7.00 39.09 -12.23
N ARG C 87 -7.05 39.07 -10.90
CA ARG C 87 -7.18 40.25 -10.07
C ARG C 87 -5.97 40.38 -9.15
N PHE C 88 -5.83 41.56 -8.53
CA PHE C 88 -4.78 41.75 -7.52
C PHE C 88 -4.87 40.68 -6.44
N GLU C 89 -6.10 40.37 -6.01
CA GLU C 89 -6.31 39.43 -4.91
C GLU C 89 -6.06 37.98 -5.32
N ASP C 90 -5.79 37.70 -6.59
CA ASP C 90 -5.30 36.39 -6.97
C ASP C 90 -3.81 36.22 -6.70
N THR C 91 -3.09 37.28 -6.27
CA THR C 91 -1.68 37.11 -5.91
C THR C 91 -1.55 36.11 -4.77
N ALA C 92 -0.86 35.01 -5.02
CA ALA C 92 -0.78 33.91 -4.06
C ALA C 92 0.19 32.87 -4.57
N ILE C 93 0.52 31.91 -3.71
CA ILE C 93 1.22 30.71 -4.12
C ILE C 93 0.18 29.63 -4.37
N TYR C 94 0.25 28.99 -5.54
CA TYR C 94 -0.67 27.91 -5.89
C TYR C 94 0.04 26.58 -5.75
N PHE C 95 -0.57 25.66 -4.98
CA PHE C 95 -0.05 24.31 -4.80
C PHE C 95 -0.97 23.30 -5.47
N CYS C 96 -0.38 22.29 -6.09
CA CYS C 96 -1.10 21.04 -6.31
C CYS C 96 -0.77 20.07 -5.20
N ALA C 97 -1.66 19.10 -4.99
CA ALA C 97 -1.49 18.12 -3.92
C ALA C 97 -2.31 16.88 -4.26
N ARG C 98 -1.80 15.70 -3.87
CA ARG C 98 -2.48 14.45 -4.19
C ARG C 98 -3.40 14.00 -3.06
N PHE C 99 -4.63 13.65 -3.41
CA PHE C 99 -5.64 13.21 -2.43
C PHE C 99 -5.29 11.84 -1.89
N ARG C 100 -5.38 11.67 -0.58
CA ARG C 100 -5.16 10.35 0.01
C ARG C 100 -6.27 10.06 1.02
N GLY C 101 -6.61 8.78 1.17
CA GLY C 101 -7.58 8.38 2.18
C GLY C 101 -8.99 8.92 1.96
N HIS C 102 -9.23 9.48 0.79
CA HIS C 102 -10.49 10.19 0.46
C HIS C 102 -10.62 11.39 1.42
N ASN C 103 -9.52 11.95 1.93
CA ASN C 103 -9.70 12.95 2.98
C ASN C 103 -8.54 13.95 3.17
N TYR C 104 -7.30 13.58 2.87
CA TYR C 104 -6.14 14.44 3.16
C TYR C 104 -5.22 14.52 1.96
N PHE C 105 -4.16 15.31 2.07
CA PHE C 105 -3.28 15.56 0.95
C PHE C 105 -1.86 15.09 1.23
N ASP C 106 -1.31 14.28 0.33
CA ASP C 106 0.07 13.82 0.46
C ASP C 106 0.54 13.14 -0.82
N PRO C 107 1.58 13.67 -1.48
CA PRO C 107 2.34 14.87 -1.13
C PRO C 107 1.79 16.16 -1.77
N TRP C 108 2.53 17.25 -1.56
CA TRP C 108 2.27 18.55 -2.17
C TRP C 108 3.33 18.88 -3.21
N GLY C 109 2.97 19.71 -4.17
CA GLY C 109 3.97 20.29 -5.04
C GLY C 109 4.72 21.38 -4.32
N GLN C 110 5.79 21.86 -4.95
CA GLN C 110 6.60 22.89 -4.31
C GLN C 110 5.96 24.26 -4.36
N GLY C 111 4.86 24.42 -5.08
CA GLY C 111 4.17 25.70 -5.14
C GLY C 111 4.66 26.57 -6.28
N THR C 112 3.74 27.37 -6.81
CA THR C 112 4.02 28.32 -7.89
C THR C 112 3.50 29.68 -7.46
N LEU C 113 4.38 30.68 -7.42
CA LEU C 113 3.95 32.03 -7.10
C LEU C 113 3.36 32.70 -8.35
N VAL C 114 2.24 33.39 -8.17
CA VAL C 114 1.62 34.18 -9.22
C VAL C 114 1.43 35.56 -8.63
N THR C 115 2.15 36.55 -9.18
CA THR C 115 2.00 37.94 -8.78
C THR C 115 1.22 38.69 -9.85
N VAL C 116 0.20 39.44 -9.43
CA VAL C 116 -0.64 40.19 -10.37
C VAL C 116 -0.48 41.68 -10.07
N SER C 117 -0.05 42.45 -11.06
CA SER C 117 0.23 43.86 -10.85
C SER C 117 -0.01 44.64 -12.13
N SER C 118 -0.31 45.93 -11.96
CA SER C 118 -0.43 46.85 -13.06
C SER C 118 0.92 47.36 -13.56
N ALA C 119 2.00 47.12 -12.81
CA ALA C 119 3.29 47.70 -13.14
C ALA C 119 3.88 47.07 -14.40
N SER C 120 4.63 47.86 -15.15
CA SER C 120 5.41 47.36 -16.27
C SER C 120 6.81 47.00 -15.80
N PHE C 121 7.45 46.07 -16.51
CA PHE C 121 8.81 45.68 -16.16
C PHE C 121 9.72 46.88 -16.30
N LYS C 122 10.63 47.04 -15.34
CA LYS C 122 11.48 48.23 -15.29
C LYS C 122 12.78 47.88 -14.57
N GLY C 123 13.90 48.20 -15.20
CA GLY C 123 15.19 48.07 -14.58
C GLY C 123 15.40 49.11 -13.49
N PRO C 124 16.28 48.81 -12.54
CA PRO C 124 16.45 49.69 -11.37
C PRO C 124 17.43 50.82 -11.61
N SER C 125 17.30 51.84 -10.78
CA SER C 125 18.30 52.88 -10.64
C SER C 125 19.17 52.52 -9.44
N VAL C 126 20.48 52.67 -9.59
CA VAL C 126 21.44 52.28 -8.57
C VAL C 126 22.14 53.53 -8.09
N PHE C 127 21.98 53.84 -6.81
CA PHE C 127 22.62 55.00 -6.21
C PHE C 127 23.61 54.55 -5.15
N PRO C 128 24.83 55.09 -5.16
CA PRO C 128 25.81 54.67 -4.16
C PRO C 128 25.44 55.20 -2.79
N LEU C 129 25.71 54.40 -1.77
CA LEU C 129 25.51 54.79 -0.38
C LEU C 129 26.90 55.01 0.21
N ALA C 130 27.28 56.26 0.38
CA ALA C 130 28.65 56.58 0.77
C ALA C 130 28.87 56.32 2.26
N PRO C 131 30.02 55.77 2.64
CA PRO C 131 30.32 55.61 4.07
C PRO C 131 30.71 56.93 4.71
N SER C 132 30.72 56.93 6.05
CA SER C 132 31.06 58.12 6.82
C SER C 132 32.40 57.95 7.52
N ALA C 142 30.47 51.68 6.95
CA ALA C 142 29.94 50.75 5.96
C ALA C 142 29.45 51.49 4.72
N LEU C 143 29.46 50.80 3.58
CA LEU C 143 29.02 51.38 2.32
C LEU C 143 28.11 50.38 1.62
N GLY C 144 27.24 50.90 0.75
CA GLY C 144 26.27 50.04 0.11
C GLY C 144 25.76 50.62 -1.19
N CYS C 145 24.80 49.91 -1.76
CA CYS C 145 24.16 50.27 -3.02
C CYS C 145 22.65 50.23 -2.84
N LEU C 146 21.97 51.28 -3.29
CA LEU C 146 20.52 51.38 -3.26
C LEU C 146 19.99 51.02 -4.64
N VAL C 147 19.28 49.90 -4.73
CA VAL C 147 18.71 49.39 -5.97
C VAL C 147 17.24 49.78 -5.96
N LYS C 148 16.89 50.82 -6.71
CA LYS C 148 15.63 51.53 -6.52
C LYS C 148 14.73 51.42 -7.74
N ASP C 149 13.44 51.17 -7.49
CA ASP C 149 12.35 51.33 -8.46
C ASP C 149 12.46 50.35 -9.62
N TYR C 150 12.49 49.06 -9.29
CA TYR C 150 12.50 48.03 -10.30
C TYR C 150 11.24 47.17 -10.17
N PHE C 151 10.94 46.43 -11.25
CA PHE C 151 9.82 45.50 -11.25
C PHE C 151 10.00 44.53 -12.39
N PRO C 152 9.75 43.21 -12.18
CA PRO C 152 9.39 42.61 -10.90
C PRO C 152 10.59 42.04 -10.14
N GLU C 153 10.36 41.41 -9.00
CA GLU C 153 11.40 40.62 -8.37
C GLU C 153 11.87 39.54 -9.33
N PRO C 154 13.11 39.06 -9.19
CA PRO C 154 14.16 39.46 -8.25
C PRO C 154 15.35 40.17 -8.87
N VAL C 155 16.13 40.87 -8.05
CA VAL C 155 17.45 41.36 -8.44
C VAL C 155 18.50 40.53 -7.71
N THR C 156 19.70 40.52 -8.27
CA THR C 156 20.86 39.89 -7.63
C THR C 156 22.00 40.89 -7.56
N VAL C 157 22.61 41.03 -6.39
CA VAL C 157 23.68 41.98 -6.15
C VAL C 157 24.94 41.21 -5.76
N SER C 158 26.01 41.39 -6.53
CA SER C 158 27.33 40.91 -6.16
C SER C 158 28.30 42.08 -6.14
N TRP C 159 29.40 41.90 -5.41
CA TRP C 159 30.39 42.95 -5.21
C TRP C 159 31.70 42.53 -5.84
N ASN C 160 32.28 43.44 -6.62
CA ASN C 160 33.53 43.19 -7.35
C ASN C 160 33.44 41.92 -8.19
N SER C 161 32.22 41.64 -8.67
CA SER C 161 31.93 40.49 -9.54
C SER C 161 32.20 39.17 -8.82
N GLY C 162 31.64 39.04 -7.62
CA GLY C 162 31.76 37.82 -6.85
C GLY C 162 33.01 37.69 -6.02
N ALA C 163 34.02 38.54 -6.26
CA ALA C 163 35.29 38.43 -5.55
C ALA C 163 35.19 38.85 -4.09
N LEU C 164 34.07 39.45 -3.67
CA LEU C 164 33.87 39.86 -2.28
C LEU C 164 32.54 39.25 -1.82
N THR C 165 32.62 38.12 -1.12
CA THR C 165 31.45 37.45 -0.59
C THR C 165 31.41 37.48 0.94
N SER C 166 32.26 38.27 1.58
CA SER C 166 32.40 38.28 3.03
C SER C 166 32.15 39.69 3.55
N GLY C 167 31.15 39.83 4.42
CA GLY C 167 30.79 41.13 4.97
C GLY C 167 29.68 41.84 4.22
N VAL C 168 29.08 41.20 3.23
CA VAL C 168 28.01 41.78 2.43
C VAL C 168 26.68 41.26 2.94
N HIS C 169 25.73 42.16 3.17
CA HIS C 169 24.36 41.79 3.52
C HIS C 169 23.41 42.48 2.56
N THR C 170 22.73 41.70 1.72
CA THR C 170 21.69 42.20 0.83
C THR C 170 20.35 42.06 1.54
N PHE C 171 19.71 43.19 1.79
CA PHE C 171 18.46 43.15 2.53
C PHE C 171 17.28 42.85 1.60
N PRO C 172 16.25 42.18 2.12
CA PRO C 172 15.08 41.89 1.27
C PRO C 172 14.37 43.18 0.86
N ALA C 173 13.76 43.13 -0.32
CA ALA C 173 13.25 44.33 -0.97
C ALA C 173 12.04 44.89 -0.22
N VAL C 174 11.64 46.08 -0.65
CA VAL C 174 10.46 46.75 -0.14
C VAL C 174 9.61 47.11 -1.35
N LEU C 175 8.29 47.06 -1.18
CA LEU C 175 7.34 47.34 -2.26
C LEU C 175 6.60 48.62 -1.92
N GLN C 176 6.82 49.66 -2.71
CA GLN C 176 6.20 50.96 -2.47
C GLN C 176 4.84 51.05 -3.17
N SER C 177 4.10 52.13 -2.85
CA SER C 177 2.76 52.33 -3.39
C SER C 177 2.75 52.42 -4.90
N SER C 178 3.88 52.75 -5.53
CA SER C 178 3.94 52.79 -6.98
C SER C 178 3.91 51.42 -7.62
N GLY C 179 4.04 50.34 -6.83
CA GLY C 179 4.13 49.01 -7.37
C GLY C 179 5.53 48.58 -7.77
N LEU C 180 6.54 49.42 -7.54
CA LEU C 180 7.92 49.11 -7.82
C LEU C 180 8.66 48.80 -6.52
N TYR C 181 9.69 47.95 -6.62
CA TYR C 181 10.47 47.50 -5.49
C TYR C 181 11.77 48.30 -5.37
N SER C 182 12.28 48.35 -4.14
CA SER C 182 13.62 48.84 -3.84
C SER C 182 14.26 47.88 -2.84
N LEU C 183 15.59 47.78 -2.88
CA LEU C 183 16.33 47.06 -1.86
C LEU C 183 17.71 47.68 -1.72
N SER C 184 18.45 47.22 -0.71
CA SER C 184 19.76 47.74 -0.40
C SER C 184 20.73 46.60 -0.11
N SER C 185 21.99 46.81 -0.49
CA SER C 185 23.07 45.85 -0.24
C SER C 185 24.23 46.62 0.37
N VAL C 186 24.57 46.30 1.62
CA VAL C 186 25.61 47.03 2.35
C VAL C 186 26.74 46.07 2.69
N VAL C 187 27.98 46.57 2.55
CA VAL C 187 29.18 45.79 2.83
C VAL C 187 30.00 46.54 3.87
N THR C 188 30.40 45.84 4.93
CA THR C 188 31.25 46.41 5.98
C THR C 188 32.71 46.11 5.67
N VAL C 189 33.53 47.15 5.62
CA VAL C 189 34.92 47.00 5.18
C VAL C 189 35.83 47.68 6.20
N PRO C 190 37.09 47.26 6.26
CA PRO C 190 38.05 47.92 7.16
C PRO C 190 38.16 49.41 6.89
N SER C 191 38.15 50.20 7.97
CA SER C 191 38.22 51.65 7.86
C SER C 191 39.40 52.13 7.04
N SER C 192 40.49 51.35 6.98
CA SER C 192 41.67 51.74 6.24
C SER C 192 41.61 51.36 4.76
N SER C 193 40.76 50.40 4.40
CA SER C 193 40.71 49.89 3.04
C SER C 193 40.18 50.89 2.03
N LEU C 194 39.64 52.03 2.48
CA LEU C 194 39.03 52.97 1.56
C LEU C 194 40.04 53.55 0.58
N GLY C 195 41.33 53.54 0.94
CA GLY C 195 42.32 54.21 0.12
C GLY C 195 42.70 53.41 -1.12
N THR C 196 42.89 52.09 -0.97
CA THR C 196 43.51 51.30 -2.02
C THR C 196 42.68 50.08 -2.39
N GLN C 197 41.36 50.14 -2.23
CA GLN C 197 40.50 49.07 -2.68
C GLN C 197 39.26 49.64 -3.34
N THR C 198 38.95 49.15 -4.54
CA THR C 198 37.82 49.62 -5.31
C THR C 198 36.61 48.74 -5.05
N TYR C 199 35.51 49.35 -4.64
CA TYR C 199 34.29 48.63 -4.27
C TYR C 199 33.22 48.90 -5.33
N ILE C 200 32.84 47.84 -6.06
CA ILE C 200 31.87 47.94 -7.15
C ILE C 200 30.76 46.95 -6.86
N CYS C 201 29.54 47.45 -6.75
CA CYS C 201 28.39 46.56 -6.67
C CYS C 201 27.88 46.31 -8.08
N ASN C 202 27.58 45.05 -8.38
CA ASN C 202 27.11 44.61 -9.68
C ASN C 202 25.67 44.15 -9.52
N VAL C 203 24.73 44.91 -10.10
CA VAL C 203 23.31 44.64 -9.98
C VAL C 203 22.83 44.04 -11.29
N ASN C 204 22.10 42.93 -11.20
CA ASN C 204 21.51 42.28 -12.36
C ASN C 204 20.01 42.12 -12.19
N HIS C 205 19.25 42.67 -13.13
CA HIS C 205 17.81 42.51 -13.19
C HIS C 205 17.49 41.75 -14.48
N LYS C 206 17.58 40.42 -14.40
CA LYS C 206 17.30 39.61 -15.59
C LYS C 206 15.88 39.77 -16.11
N PRO C 207 14.85 39.95 -15.29
CA PRO C 207 13.50 40.19 -15.86
C PRO C 207 13.44 41.33 -16.87
N SER C 208 14.15 42.44 -16.63
CA SER C 208 14.24 43.52 -17.59
C SER C 208 15.54 43.46 -18.40
N ASN C 209 16.37 42.45 -18.18
CA ASN C 209 17.67 42.31 -18.83
C ASN C 209 18.51 43.58 -18.69
N THR C 210 18.59 44.07 -17.45
CA THR C 210 19.43 45.23 -17.13
C THR C 210 20.53 44.79 -16.18
N LYS C 211 21.76 45.17 -16.49
CA LYS C 211 22.90 45.02 -15.60
C LYS C 211 23.48 46.40 -15.35
N VAL C 212 23.71 46.73 -14.08
CA VAL C 212 24.34 47.99 -13.70
C VAL C 212 25.57 47.69 -12.85
N ASP C 213 26.66 48.42 -13.11
CA ASP C 213 27.89 48.34 -12.34
C ASP C 213 28.15 49.71 -11.75
N LYS C 214 28.17 49.79 -10.42
CA LYS C 214 28.30 51.06 -9.71
C LYS C 214 29.51 51.02 -8.78
N LYS C 215 30.46 51.92 -9.00
CA LYS C 215 31.61 52.04 -8.12
C LYS C 215 31.24 52.87 -6.89
N VAL C 216 31.47 52.32 -5.71
CA VAL C 216 31.18 53.01 -4.45
C VAL C 216 32.46 53.23 -3.67
N SER D 1 -18.39 28.15 4.31
CA SER D 1 -19.32 27.36 5.09
C SER D 1 -18.69 26.95 6.42
N TYR D 2 -18.22 25.70 6.49
CA TYR D 2 -17.56 25.21 7.69
C TYR D 2 -16.26 25.97 7.93
N VAL D 3 -15.97 26.26 9.20
CA VAL D 3 -14.83 27.11 9.56
C VAL D 3 -14.02 26.41 10.64
N LEU D 4 -12.69 26.40 10.45
CA LEU D 4 -11.76 25.96 11.47
C LEU D 4 -11.06 27.19 12.05
N THR D 5 -10.97 27.26 13.37
CA THR D 5 -10.35 28.39 14.06
C THR D 5 -9.08 27.93 14.77
N GLN D 6 -7.95 28.56 14.42
CA GLN D 6 -6.65 28.28 15.00
C GLN D 6 -6.07 29.52 15.66
N PRO D 7 -5.36 29.37 16.78
CA PRO D 7 -4.63 30.50 17.36
C PRO D 7 -3.51 30.94 16.43
N PRO D 8 -3.31 32.24 16.25
CA PRO D 8 -2.31 32.69 15.27
C PRO D 8 -0.87 32.35 15.63
N SER D 9 -0.51 32.41 16.91
CA SER D 9 0.88 32.24 17.29
C SER D 9 0.97 31.50 18.62
N VAL D 10 2.06 30.74 18.78
CA VAL D 10 2.46 30.17 20.07
C VAL D 10 3.98 30.16 20.13
N SER D 11 4.52 30.33 21.33
CA SER D 11 5.96 30.36 21.56
C SER D 11 6.32 29.31 22.62
N VAL D 12 7.28 28.46 22.29
CA VAL D 12 7.78 27.46 23.22
C VAL D 12 9.30 27.46 23.15
N ALA D 13 9.95 27.14 24.29
CA ALA D 13 11.39 27.02 24.39
C ALA D 13 11.81 25.57 24.13
N PRO D 14 13.04 25.35 23.67
CA PRO D 14 13.48 23.99 23.33
C PRO D 14 13.36 23.03 24.49
N GLY D 15 13.00 21.78 24.16
CA GLY D 15 12.77 20.74 25.15
C GLY D 15 11.39 20.73 25.75
N GLN D 16 10.66 21.85 25.70
CA GLN D 16 9.32 21.93 26.28
C GLN D 16 8.31 21.30 25.32
N THR D 17 7.02 21.46 25.63
CA THR D 17 5.94 20.85 24.85
C THR D 17 5.02 21.94 24.33
N ALA D 18 4.80 21.93 23.02
CA ALA D 18 3.90 22.89 22.36
C ALA D 18 2.58 22.21 22.02
N ARG D 19 1.48 22.89 22.30
CA ARG D 19 0.14 22.36 22.06
C ARG D 19 -0.62 23.34 21.19
N ILE D 20 -0.92 22.93 19.95
CA ILE D 20 -1.63 23.75 18.99
C ILE D 20 -3.07 23.27 18.91
N THR D 21 -4.01 24.20 18.89
CA THR D 21 -5.43 23.86 18.87
C THR D 21 -6.04 24.19 17.51
N CYS D 22 -7.19 23.57 17.26
CA CYS D 22 -7.97 23.80 16.04
C CYS D 22 -9.43 23.56 16.41
N GLY D 23 -10.23 24.62 16.41
CA GLY D 23 -11.60 24.54 16.89
C GLY D 23 -12.60 24.47 15.75
N GLY D 24 -13.66 23.68 15.97
CA GLY D 24 -14.74 23.62 15.01
C GLY D 24 -15.96 22.98 15.65
N ASN D 25 -17.14 23.42 15.22
CA ASN D 25 -18.36 22.85 15.76
C ASN D 25 -18.39 21.35 15.50
N ASN D 26 -18.36 20.57 16.58
CA ASN D 26 -18.37 19.10 16.53
C ASN D 26 -17.29 18.57 15.59
N ILE D 27 -16.10 19.19 15.66
CA ILE D 27 -14.95 18.71 14.90
C ILE D 27 -14.58 17.29 15.30
N GLY D 28 -14.97 16.85 16.50
CA GLY D 28 -14.69 15.49 16.93
C GLY D 28 -15.36 14.44 16.06
N GLY D 29 -16.42 14.82 15.33
CA GLY D 29 -17.05 13.89 14.40
C GLY D 29 -16.38 13.76 13.04
N LYS D 30 -15.48 14.69 12.69
CA LYS D 30 -14.75 14.64 11.45
C LYS D 30 -13.33 14.15 11.69
N SER D 31 -12.69 13.71 10.62
CA SER D 31 -11.28 13.35 10.68
C SER D 31 -10.46 14.62 10.50
N VAL D 32 -9.47 14.85 11.38
CA VAL D 32 -8.64 16.05 11.39
C VAL D 32 -7.22 15.66 11.00
N HIS D 33 -6.63 16.42 10.08
CA HIS D 33 -5.29 16.17 9.58
C HIS D 33 -4.47 17.44 9.77
N TRP D 34 -3.16 17.27 9.91
CA TRP D 34 -2.25 18.36 10.29
C TRP D 34 -1.07 18.40 9.35
N TYR D 35 -0.65 19.62 8.97
CA TYR D 35 0.47 19.82 8.07
C TYR D 35 1.46 20.81 8.70
N GLN D 36 2.74 20.60 8.41
CA GLN D 36 3.80 21.51 8.83
C GLN D 36 4.34 22.23 7.60
N GLN D 37 4.40 23.55 7.65
CA GLN D 37 4.92 24.33 6.53
C GLN D 37 5.99 25.31 7.01
N LYS D 38 7.19 25.15 6.51
CA LYS D 38 8.25 26.11 6.80
C LYS D 38 8.30 27.16 5.71
N PRO D 39 8.77 28.38 6.04
CA PRO D 39 8.80 29.46 5.06
C PRO D 39 9.42 29.05 3.74
N GLY D 40 8.76 29.44 2.64
CA GLY D 40 9.23 29.08 1.31
C GLY D 40 9.14 27.62 0.94
N GLN D 41 8.45 26.80 1.73
CA GLN D 41 8.38 25.37 1.47
C GLN D 41 6.94 24.90 1.30
N ALA D 42 6.80 23.69 0.78
CA ALA D 42 5.51 23.03 0.65
C ALA D 42 5.07 22.45 1.99
N PRO D 43 3.77 22.43 2.26
CA PRO D 43 3.29 21.79 3.49
C PRO D 43 3.65 20.31 3.51
N VAL D 44 3.85 19.81 4.73
CA VAL D 44 4.23 18.42 4.93
C VAL D 44 3.25 17.84 5.92
N LEU D 45 2.67 16.69 5.56
CA LEU D 45 1.71 16.02 6.43
C LEU D 45 2.43 15.45 7.65
N VAL D 46 2.01 15.84 8.85
CA VAL D 46 2.59 15.31 10.07
C VAL D 46 1.63 14.45 10.89
N VAL D 47 0.31 14.68 10.78
CA VAL D 47 -0.69 13.84 11.44
C VAL D 47 -1.90 13.70 10.51
N TYR D 48 -2.42 12.48 10.39
CA TYR D 48 -3.65 12.27 9.66
C TYR D 48 -4.58 11.37 10.48
N ASP D 49 -5.88 11.40 10.13
CA ASP D 49 -6.92 10.63 10.80
C ASP D 49 -6.86 10.85 12.32
N ASP D 50 -6.82 12.13 12.72
CA ASP D 50 -6.86 12.59 14.11
C ASP D 50 -5.57 12.34 14.89
N ARG D 51 -4.99 11.14 14.76
CA ARG D 51 -3.97 10.68 15.69
C ARG D 51 -2.88 9.81 15.09
N ASP D 52 -2.89 9.58 13.77
CA ASP D 52 -1.93 8.68 13.13
C ASP D 52 -0.75 9.46 12.56
N ARG D 53 0.44 8.83 12.56
CA ARG D 53 1.67 9.46 12.10
C ARG D 53 2.12 8.84 10.79
N PRO D 54 2.42 9.66 9.79
CA PRO D 54 3.01 9.14 8.55
C PRO D 54 4.42 8.60 8.81
N SER D 55 4.85 7.76 7.87
CA SER D 55 6.24 7.29 7.90
C SER D 55 7.19 8.48 7.85
N GLY D 56 8.29 8.37 8.61
CA GLY D 56 9.28 9.42 8.67
C GLY D 56 8.99 10.52 9.64
N ILE D 57 7.77 10.60 10.18
CA ILE D 57 7.44 11.64 11.16
C ILE D 57 7.75 11.10 12.55
N PRO D 58 8.49 11.85 13.38
CA PRO D 58 8.91 11.30 14.67
C PRO D 58 7.76 11.16 15.65
N GLU D 59 7.92 10.23 16.58
CA GLU D 59 6.93 9.92 17.60
C GLU D 59 6.58 11.12 18.47
N ARG D 60 7.39 12.18 18.44
CA ARG D 60 7.12 13.35 19.28
C ARG D 60 5.89 14.10 18.82
N PHE D 61 5.51 13.98 17.55
CA PHE D 61 4.28 14.60 17.05
C PHE D 61 3.09 13.72 17.40
N SER D 62 2.13 14.27 18.15
CA SER D 62 0.95 13.56 18.61
C SER D 62 -0.30 14.36 18.30
N GLY D 63 -1.40 13.66 18.04
CA GLY D 63 -2.65 14.31 17.67
C GLY D 63 -3.84 13.75 18.42
N SER D 64 -4.78 14.63 18.73
CA SER D 64 -6.01 14.25 19.41
C SER D 64 -7.16 15.09 18.87
N ASN D 65 -8.36 14.51 18.88
CA ASN D 65 -9.55 15.18 18.40
C ASN D 65 -10.74 14.70 19.21
N SER D 66 -11.48 15.65 19.79
CA SER D 66 -12.66 15.32 20.57
C SER D 66 -13.49 16.58 20.75
N GLY D 67 -14.80 16.41 20.88
CA GLY D 67 -15.67 17.53 21.18
C GLY D 67 -15.60 18.60 20.11
N ASP D 68 -15.29 19.82 20.54
CA ASP D 68 -15.13 20.96 19.65
C ASP D 68 -13.68 21.39 19.47
N THR D 69 -12.72 20.55 19.89
CA THR D 69 -11.31 20.95 19.84
C THR D 69 -10.44 19.77 19.40
N ALA D 70 -9.66 19.99 18.34
CA ALA D 70 -8.59 19.08 17.95
C ALA D 70 -7.25 19.70 18.33
N SER D 71 -6.27 18.85 18.62
CA SER D 71 -5.00 19.31 19.15
C SER D 71 -3.85 18.59 18.47
N LEU D 72 -2.80 19.36 18.16
CA LEU D 72 -1.50 18.85 17.78
C LEU D 72 -0.51 19.22 18.87
N THR D 73 0.09 18.22 19.50
CA THR D 73 1.04 18.45 20.59
C THR D 73 2.40 17.94 20.17
N ILE D 74 3.40 18.80 20.25
CA ILE D 74 4.77 18.47 19.88
C ILE D 74 5.57 18.36 21.17
N SER D 75 6.13 17.17 21.41
CA SER D 75 6.93 16.90 22.58
C SER D 75 8.39 17.28 22.33
N ARG D 76 9.03 17.81 23.37
CA ARG D 76 10.46 18.10 23.37
C ARG D 76 10.86 18.84 22.09
N VAL D 77 10.37 20.08 22.01
CA VAL D 77 10.42 20.81 20.74
C VAL D 77 11.86 21.21 20.42
N ASP D 78 12.31 20.85 19.24
CA ASP D 78 13.59 21.26 18.70
C ASP D 78 13.45 22.62 18.02
N ALA D 79 14.60 23.21 17.67
CA ALA D 79 14.56 24.42 16.85
C ALA D 79 13.99 24.11 15.46
N GLY D 80 14.30 22.94 14.92
CA GLY D 80 13.82 22.50 13.63
C GLY D 80 12.33 22.26 13.55
N ASP D 81 11.61 22.43 14.65
CA ASP D 81 10.16 22.35 14.68
C ASP D 81 9.49 23.68 14.36
N GLU D 82 10.28 24.74 14.15
CA GLU D 82 9.75 26.06 13.87
C GLU D 82 9.05 26.08 12.51
N ALA D 83 7.76 26.40 12.50
CA ALA D 83 6.96 26.32 11.29
C ALA D 83 5.55 26.82 11.57
N ASP D 84 4.75 26.91 10.52
CA ASP D 84 3.33 27.18 10.61
C ASP D 84 2.60 25.84 10.51
N TYR D 85 1.69 25.59 11.45
CA TYR D 85 0.97 24.32 11.53
C TYR D 85 -0.51 24.57 11.21
N PHE D 86 -1.02 23.89 10.17
CA PHE D 86 -2.39 24.04 9.68
C PHE D 86 -3.20 22.78 9.97
N CYS D 87 -4.43 22.93 10.48
CA CYS D 87 -5.33 21.79 10.54
C CYS D 87 -6.25 21.78 9.31
N GLN D 88 -6.85 20.62 9.05
CA GLN D 88 -7.62 20.44 7.83
C GLN D 88 -8.65 19.35 8.03
N VAL D 89 -9.85 19.57 7.49
CA VAL D 89 -10.88 18.55 7.41
C VAL D 89 -11.43 18.54 5.99
N TRP D 90 -12.25 17.54 5.70
CA TRP D 90 -13.04 17.51 4.48
C TRP D 90 -14.50 17.66 4.87
N ASP D 91 -15.15 18.70 4.37
CA ASP D 91 -16.53 18.98 4.73
C ASP D 91 -17.43 18.20 3.79
N ASN D 92 -18.09 17.15 4.30
CA ASN D 92 -18.94 16.32 3.47
C ASN D 92 -20.15 17.08 2.94
N ALA D 93 -20.60 18.11 3.66
CA ALA D 93 -21.76 18.89 3.22
C ALA D 93 -21.48 19.60 1.89
N SER D 94 -20.44 20.42 1.86
CA SER D 94 -20.08 21.13 0.64
C SER D 94 -19.17 20.32 -0.28
N ASP D 95 -18.65 19.18 0.19
CA ASP D 95 -17.66 18.37 -0.54
C ASP D 95 -16.43 19.21 -0.90
N GLU D 96 -15.82 19.80 0.13
CA GLU D 96 -14.64 20.62 -0.05
C GLU D 96 -13.72 20.44 1.15
N ALA D 97 -12.42 20.58 0.90
CA ALA D 97 -11.45 20.69 1.98
C ALA D 97 -11.59 22.05 2.66
N VAL D 98 -11.38 22.07 3.98
CA VAL D 98 -11.35 23.31 4.75
C VAL D 98 -10.05 23.30 5.56
N PHE D 99 -9.39 24.46 5.63
CA PHE D 99 -8.14 24.60 6.36
C PHE D 99 -8.29 25.61 7.49
N GLY D 100 -7.63 25.33 8.61
CA GLY D 100 -7.49 26.33 9.64
C GLY D 100 -6.57 27.46 9.21
N GLY D 101 -6.61 28.54 9.99
CA GLY D 101 -5.78 29.69 9.66
C GLY D 101 -4.29 29.43 9.82
N GLY D 102 -3.90 28.36 10.50
CA GLY D 102 -2.50 28.10 10.74
C GLY D 102 -2.01 28.77 12.01
N THR D 103 -1.15 28.06 12.75
CA THR D 103 -0.60 28.55 14.00
C THR D 103 0.91 28.63 13.87
N LYS D 104 1.44 29.85 13.97
CA LYS D 104 2.88 30.09 13.84
C LYS D 104 3.58 29.72 15.14
N LEU D 105 4.42 28.68 15.09
CA LEU D 105 5.16 28.23 16.25
C LEU D 105 6.59 28.76 16.20
N THR D 106 7.02 29.41 17.30
CA THR D 106 8.37 29.93 17.41
C THR D 106 9.11 29.20 18.52
N VAL D 107 10.29 28.68 18.20
CA VAL D 107 11.18 28.05 19.17
C VAL D 107 12.24 29.08 19.58
N LEU D 108 12.27 29.42 20.87
CA LEU D 108 13.25 30.38 21.41
C LEU D 108 14.58 29.67 21.65
N GLY D 109 15.35 29.52 20.57
CA GLY D 109 16.58 28.75 20.66
C GLY D 109 17.86 29.53 20.89
N GLN D 110 17.79 30.84 21.06
CA GLN D 110 18.96 31.70 21.13
C GLN D 110 18.69 32.80 22.15
N PRO D 111 19.73 33.48 22.62
CA PRO D 111 19.52 34.61 23.54
C PRO D 111 19.06 35.85 22.79
N LYS D 112 18.47 36.77 23.55
CA LYS D 112 17.93 38.00 22.98
C LYS D 112 19.06 38.88 22.48
N ALA D 113 19.23 38.94 21.16
CA ALA D 113 20.18 39.86 20.53
C ALA D 113 19.45 41.12 20.07
N ASN D 114 20.08 42.26 20.27
CA ASN D 114 19.49 43.55 19.97
C ASN D 114 20.07 44.13 18.67
N PRO D 115 19.33 45.00 17.99
CA PRO D 115 19.65 45.30 16.59
C PRO D 115 20.93 46.10 16.43
N THR D 116 21.30 46.27 15.16
CA THR D 116 22.37 47.15 14.71
C THR D 116 21.81 48.03 13.61
N VAL D 117 21.77 49.33 13.83
CA VAL D 117 21.09 50.26 12.94
C VAL D 117 22.11 51.01 12.09
N THR D 118 21.80 51.16 10.81
CA THR D 118 22.64 51.91 9.86
C THR D 118 21.72 52.79 9.03
N LEU D 119 21.89 54.10 9.14
CA LEU D 119 21.05 55.07 8.44
C LEU D 119 21.89 55.83 7.42
N PHE D 120 21.42 55.83 6.16
CA PHE D 120 22.09 56.50 5.07
C PHE D 120 21.28 57.69 4.57
N PRO D 121 21.93 58.83 4.31
CA PRO D 121 21.22 60.00 3.80
C PRO D 121 20.95 59.85 2.31
N PRO D 122 20.14 60.72 1.72
CA PRO D 122 19.95 60.65 0.25
C PRO D 122 21.26 60.98 -0.45
N SER D 123 21.65 60.13 -1.40
CA SER D 123 22.88 60.36 -2.15
C SER D 123 22.79 61.68 -2.92
N SER D 124 23.96 62.27 -3.19
CA SER D 124 23.98 63.46 -4.03
C SER D 124 23.45 63.15 -5.43
N GLU D 125 23.82 61.98 -5.96
CA GLU D 125 23.34 61.57 -7.28
C GLU D 125 21.82 61.45 -7.29
N GLU D 126 21.23 60.96 -6.19
CA GLU D 126 19.79 60.80 -6.13
C GLU D 126 19.09 62.15 -6.12
N LEU D 127 19.61 63.11 -5.36
CA LEU D 127 19.01 64.43 -5.32
C LEU D 127 19.04 65.09 -6.69
N GLN D 128 20.11 64.87 -7.46
CA GLN D 128 20.15 65.37 -8.83
C GLN D 128 19.04 64.76 -9.69
N ALA D 129 18.44 63.67 -9.24
CA ALA D 129 17.27 63.08 -9.91
C ALA D 129 15.96 63.57 -9.32
N ASN D 130 15.99 64.66 -8.54
CA ASN D 130 14.80 65.26 -7.94
C ASN D 130 14.08 64.30 -6.99
N LYS D 131 14.84 63.41 -6.35
CA LYS D 131 14.29 62.46 -5.41
C LYS D 131 15.23 62.33 -4.22
N ALA D 132 14.69 61.84 -3.11
CA ALA D 132 15.45 61.66 -1.88
C ALA D 132 14.93 60.43 -1.15
N THR D 133 15.82 59.54 -0.75
CA THR D 133 15.45 58.32 -0.02
C THR D 133 16.45 58.09 1.10
N LEU D 134 15.96 58.09 2.33
CA LEU D 134 16.77 57.73 3.49
C LEU D 134 16.56 56.24 3.78
N VAL D 135 17.67 55.53 3.99
CA VAL D 135 17.64 54.07 4.09
C VAL D 135 18.05 53.67 5.50
N CYS D 136 17.21 52.86 6.12
CA CYS D 136 17.25 52.55 7.54
C CYS D 136 17.40 51.03 7.65
N LEU D 137 18.63 50.54 7.84
CA LEU D 137 18.92 49.12 7.72
C LEU D 137 19.18 48.52 9.09
N ILE D 138 18.32 47.58 9.49
CA ILE D 138 18.35 46.96 10.82
C ILE D 138 18.77 45.51 10.67
N SER D 139 19.84 45.12 11.35
CA SER D 139 20.41 43.79 11.19
C SER D 139 20.73 43.18 12.54
N ASP D 140 20.95 41.86 12.52
CA ASP D 140 21.41 41.07 13.66
C ASP D 140 20.63 41.42 14.93
N PHE D 141 19.37 40.97 14.92
CA PHE D 141 18.50 41.16 16.07
C PHE D 141 17.68 39.89 16.34
N GLY D 144 13.25 38.76 17.73
CA GLY D 144 12.69 38.23 16.50
C GLY D 144 11.95 39.25 15.65
N ALA D 145 11.63 40.39 16.25
CA ALA D 145 10.93 41.46 15.55
C ALA D 145 11.18 42.78 16.27
N VAL D 146 10.97 43.87 15.55
CA VAL D 146 11.24 45.21 16.04
C VAL D 146 10.15 46.16 15.55
N THR D 147 10.17 47.38 16.10
CA THR D 147 9.27 48.45 15.68
C THR D 147 10.12 49.63 15.24
N VAL D 148 10.00 50.02 13.96
CA VAL D 148 10.75 51.14 13.41
C VAL D 148 9.93 52.41 13.58
N ALA D 149 10.62 53.54 13.74
CA ALA D 149 9.95 54.81 13.99
C ALA D 149 10.71 55.93 13.30
N TRP D 150 10.00 56.75 12.53
CA TRP D 150 10.61 57.91 11.88
C TRP D 150 10.14 59.22 12.52
N ALA D 159 4.25 60.86 6.36
CA ALA D 159 4.62 59.51 6.76
C ALA D 159 4.68 58.57 5.57
N GLY D 160 5.40 58.97 4.53
CA GLY D 160 5.63 58.10 3.38
C GLY D 160 6.70 57.08 3.64
N VAL D 161 6.38 56.08 4.46
CA VAL D 161 7.35 55.09 4.94
C VAL D 161 6.99 53.72 4.38
N GLU D 162 8.02 52.94 4.06
CA GLU D 162 7.86 51.54 3.66
C GLU D 162 8.86 50.71 4.45
N THR D 163 8.35 49.84 5.33
CA THR D 163 9.17 48.99 6.18
C THR D 163 8.93 47.54 5.84
N THR D 164 9.98 46.71 5.89
CA THR D 164 9.80 45.32 5.51
C THR D 164 9.40 44.48 6.72
N LYS D 165 8.84 43.31 6.42
CA LYS D 165 8.67 42.30 7.46
C LYS D 165 10.03 41.69 7.79
N PRO D 166 10.28 41.37 9.06
CA PRO D 166 11.58 40.81 9.43
C PRO D 166 11.88 39.50 8.71
N SER D 167 13.14 39.33 8.34
CA SER D 167 13.65 38.12 7.71
C SER D 167 14.64 37.44 8.65
N LYS D 168 15.10 36.26 8.25
CA LYS D 168 16.08 35.49 9.02
C LYS D 168 17.37 35.39 8.21
N GLN D 169 18.50 35.64 8.87
CA GLN D 169 19.80 35.70 8.20
C GLN D 169 20.45 34.32 8.14
N SER D 170 21.64 34.27 7.53
CA SER D 170 22.39 33.02 7.42
C SER D 170 22.88 32.52 8.77
N ASN D 171 22.81 33.33 9.81
CA ASN D 171 23.20 32.94 11.16
C ASN D 171 22.02 32.95 12.12
N ASN D 172 20.80 32.77 11.58
CA ASN D 172 19.59 32.62 12.37
C ASN D 172 19.30 33.86 13.21
N LYS D 173 19.50 35.04 12.63
CA LYS D 173 19.16 36.31 13.27
C LYS D 173 18.22 37.10 12.38
N TYR D 174 17.63 38.16 12.94
CA TYR D 174 16.59 38.95 12.27
C TYR D 174 17.20 40.17 11.60
N ALA D 175 16.78 40.42 10.36
CA ALA D 175 17.18 41.61 9.62
C ALA D 175 15.96 42.21 8.94
N ALA D 176 15.94 43.54 8.86
CA ALA D 176 14.83 44.25 8.25
C ALA D 176 15.30 45.61 7.75
N SER D 177 14.47 46.24 6.92
CA SER D 177 14.77 47.54 6.34
C SER D 177 13.56 48.45 6.47
N SER D 178 13.81 49.76 6.39
CA SER D 178 12.74 50.73 6.26
C SER D 178 13.24 51.95 5.53
N TYR D 179 12.44 52.44 4.59
CA TYR D 179 12.83 53.54 3.73
C TYR D 179 11.92 54.73 3.98
N LEU D 180 12.41 55.92 3.61
CA LEU D 180 11.67 57.16 3.81
C LEU D 180 11.74 57.98 2.52
N SER D 181 10.63 58.08 1.81
CA SER D 181 10.57 58.85 0.56
C SER D 181 10.21 60.29 0.89
N LEU D 182 11.15 61.21 0.67
CA LEU D 182 10.94 62.63 0.90
C LEU D 182 11.27 63.40 -0.37
N THR D 183 10.72 64.60 -0.48
CA THR D 183 11.09 65.48 -1.58
C THR D 183 12.45 66.14 -1.30
N PRO D 184 13.22 66.46 -2.34
CA PRO D 184 14.50 67.15 -2.10
C PRO D 184 14.33 68.49 -1.42
N GLU D 185 13.29 69.25 -1.78
CA GLU D 185 12.97 70.46 -1.05
C GLU D 185 12.51 70.17 0.38
N GLN D 186 11.95 68.98 0.60
CA GLN D 186 11.57 68.57 1.96
C GLN D 186 12.78 68.05 2.74
N TRP D 187 13.64 67.28 2.09
CA TRP D 187 14.88 66.87 2.73
C TRP D 187 15.77 68.06 3.05
N LYS D 188 15.65 69.14 2.27
CA LYS D 188 16.35 70.38 2.54
C LYS D 188 15.56 71.31 3.46
N SER D 189 14.24 71.11 3.57
CA SER D 189 13.42 71.96 4.42
C SER D 189 13.84 71.85 5.87
N HIS D 190 13.98 70.62 6.36
CA HIS D 190 14.34 70.38 7.76
C HIS D 190 15.87 70.26 7.89
N ARG D 191 16.33 70.13 9.13
CA ARG D 191 17.75 70.10 9.43
C ARG D 191 18.16 68.84 10.21
N SER D 192 17.29 67.84 10.28
CA SER D 192 17.58 66.60 10.99
C SER D 192 16.50 65.58 10.66
N TYR D 193 16.90 64.32 10.50
CA TYR D 193 16.01 63.19 10.34
C TYR D 193 16.56 62.02 11.15
N SER D 194 15.67 61.25 11.79
CA SER D 194 16.05 60.13 12.64
C SER D 194 15.09 58.97 12.44
N CYS D 195 15.61 57.75 12.63
CA CYS D 195 14.81 56.51 12.73
C CYS D 195 15.06 55.81 14.07
N GLN D 196 14.06 55.71 14.94
CA GLN D 196 14.18 54.88 16.13
C GLN D 196 13.75 53.44 15.83
N VAL D 197 14.52 52.47 16.31
CA VAL D 197 14.18 51.07 16.23
C VAL D 197 13.92 50.54 17.64
N THR D 198 12.71 50.03 17.87
CA THR D 198 12.29 49.56 19.19
C THR D 198 12.30 48.04 19.22
N HIS D 199 13.08 47.48 20.15
CA HIS D 199 13.21 46.02 20.31
C HIS D 199 13.22 45.70 21.79
N GLU D 200 12.08 45.19 22.30
CA GLU D 200 11.95 44.78 23.70
C GLU D 200 12.30 45.91 24.66
N THR D 203 14.81 51.73 22.80
CA THR D 203 14.95 52.02 21.37
C THR D 203 16.39 52.37 21.01
N VAL D 204 16.68 52.39 19.71
CA VAL D 204 17.98 52.78 19.17
C VAL D 204 17.73 53.71 18.00
N GLU D 205 18.49 54.81 17.94
CA GLU D 205 18.23 55.87 16.98
C GLU D 205 19.49 56.24 16.22
N LYS D 206 19.29 56.78 15.02
CA LYS D 206 20.34 57.31 14.16
C LYS D 206 19.82 58.58 13.50
N THR D 207 20.74 59.50 13.20
CA THR D 207 20.36 60.79 12.63
C THR D 207 21.29 61.16 11.49
N VAL D 208 20.73 61.82 10.47
CA VAL D 208 21.48 62.36 9.35
C VAL D 208 20.99 63.79 9.08
N ALA D 209 21.94 64.69 8.82
CA ALA D 209 21.62 66.08 8.57
C ALA D 209 22.11 66.49 7.19
N PRO D 210 21.26 67.16 6.38
CA PRO D 210 21.67 67.67 5.07
C PRO D 210 22.79 68.71 5.16
N GLN E 1 30.40 -19.77 1.43
CA GLN E 1 31.56 -19.20 0.76
C GLN E 1 31.13 -18.20 -0.31
N VAL E 2 29.81 -18.00 -0.45
CA VAL E 2 29.33 -16.99 -1.40
C VAL E 2 29.79 -15.61 -0.95
N GLN E 3 30.19 -14.79 -1.91
CA GLN E 3 30.62 -13.43 -1.65
C GLN E 3 29.98 -12.50 -2.68
N LEU E 4 29.53 -11.35 -2.22
CA LEU E 4 28.85 -10.35 -3.03
C LEU E 4 29.66 -9.06 -3.00
N VAL E 5 30.11 -8.61 -4.17
CA VAL E 5 30.93 -7.39 -4.28
C VAL E 5 30.29 -6.46 -5.30
N GLN E 6 29.99 -5.24 -4.87
CA GLN E 6 29.26 -4.25 -5.65
C GLN E 6 30.19 -3.26 -6.31
N SER E 7 29.67 -2.59 -7.33
CA SER E 7 30.41 -1.57 -8.05
C SER E 7 30.51 -0.29 -7.19
N GLY E 8 31.29 0.68 -7.70
CA GLY E 8 31.64 1.84 -6.91
C GLY E 8 30.59 2.95 -6.93
N ALA E 9 30.74 3.86 -5.96
CA ALA E 9 29.81 4.96 -5.77
C ALA E 9 29.69 5.81 -7.04
N GLU E 10 28.53 6.41 -7.22
CA GLU E 10 28.26 7.23 -8.39
C GLU E 10 27.44 8.45 -7.99
N VAL E 11 27.51 9.47 -8.83
CA VAL E 11 26.66 10.65 -8.70
C VAL E 11 25.93 10.82 -10.03
N LYS E 12 24.66 11.23 -9.95
CA LYS E 12 23.82 11.33 -11.14
C LYS E 12 22.91 12.55 -11.05
N LYS E 13 22.56 13.10 -12.21
CA LYS E 13 21.62 14.21 -12.27
C LYS E 13 20.20 13.70 -12.04
N PRO E 14 19.32 14.52 -11.45
CA PRO E 14 17.91 14.13 -11.38
C PRO E 14 17.35 13.91 -12.77
N GLY E 15 16.48 12.92 -12.91
CA GLY E 15 15.95 12.54 -14.19
C GLY E 15 16.74 11.48 -14.92
N SER E 16 17.99 11.24 -14.53
CA SER E 16 18.81 10.24 -15.20
C SER E 16 18.61 8.88 -14.53
N SER E 17 19.48 7.93 -14.85
CA SER E 17 19.40 6.60 -14.28
C SER E 17 20.79 6.13 -13.87
N VAL E 18 20.82 5.08 -13.05
CA VAL E 18 22.06 4.50 -12.56
C VAL E 18 21.91 2.99 -12.56
N LYS E 19 23.00 2.28 -12.83
CA LYS E 19 22.98 0.81 -12.83
C LYS E 19 24.08 0.29 -11.92
N VAL E 20 23.68 -0.30 -10.78
CA VAL E 20 24.60 -0.87 -9.80
C VAL E 20 24.74 -2.37 -10.07
N SER E 21 25.95 -2.89 -9.91
CA SER E 21 26.23 -4.30 -10.12
C SER E 21 26.61 -5.00 -8.81
N CYS E 22 26.25 -6.28 -8.71
CA CYS E 22 26.61 -7.14 -7.59
C CYS E 22 27.26 -8.39 -8.17
N LYS E 23 28.58 -8.53 -7.99
CA LYS E 23 29.31 -9.67 -8.52
C LYS E 23 29.25 -10.83 -7.53
N VAL E 24 28.67 -11.95 -7.97
CA VAL E 24 28.46 -13.12 -7.12
C VAL E 24 29.59 -14.12 -7.33
N SER E 25 30.22 -14.54 -6.24
CA SER E 25 31.31 -15.49 -6.30
C SER E 25 31.12 -16.55 -5.23
N GLY E 26 31.52 -17.78 -5.54
CA GLY E 26 31.58 -18.82 -4.53
C GLY E 26 30.34 -19.65 -4.34
N GLY E 27 29.36 -19.56 -5.23
CA GLY E 27 28.21 -20.45 -5.15
C GLY E 27 27.73 -20.87 -6.52
N ILE E 28 26.56 -21.50 -6.60
CA ILE E 28 25.97 -21.84 -7.90
C ILE E 28 25.13 -20.64 -8.33
N PHE E 29 25.71 -19.81 -9.21
CA PHE E 29 25.10 -18.53 -9.56
C PHE E 29 23.65 -18.68 -10.04
N ASN E 30 23.34 -19.77 -10.73
CA ASN E 30 21.99 -19.92 -11.29
C ASN E 30 20.92 -20.01 -10.22
N ARG E 31 21.24 -20.62 -9.08
CA ARG E 31 20.26 -20.90 -8.04
C ARG E 31 20.28 -19.91 -6.88
N GLU E 32 21.23 -18.97 -6.87
CA GLU E 32 21.20 -17.94 -5.83
C GLU E 32 20.12 -16.93 -6.15
N THR E 33 19.35 -16.52 -5.13
CA THR E 33 18.33 -15.50 -5.27
C THR E 33 18.89 -14.20 -4.69
N ILE E 34 19.07 -13.19 -5.55
CA ILE E 34 19.75 -11.95 -5.19
C ILE E 34 18.71 -10.86 -5.03
N ASN E 35 18.67 -10.28 -3.85
CA ASN E 35 17.74 -9.21 -3.51
C ASN E 35 18.50 -7.90 -3.45
N TRP E 36 17.76 -6.80 -3.59
CA TRP E 36 18.29 -5.45 -3.45
C TRP E 36 17.55 -4.73 -2.34
N VAL E 37 18.30 -3.95 -1.56
CA VAL E 37 17.78 -3.24 -0.40
C VAL E 37 18.54 -1.92 -0.31
N ARG E 38 17.84 -0.81 -0.09
CA ARG E 38 18.45 0.50 -0.03
C ARG E 38 18.20 1.18 1.30
N GLN E 39 19.07 2.15 1.62
CA GLN E 39 19.07 2.81 2.92
C GLN E 39 19.41 4.28 2.71
N ALA E 40 18.38 5.14 2.83
CA ALA E 40 18.54 6.58 2.66
C ALA E 40 19.02 7.21 3.96
N PRO E 41 19.67 8.37 3.89
CA PRO E 41 20.18 9.01 5.12
C PRO E 41 19.05 9.31 6.08
N GLY E 42 19.21 8.85 7.32
CA GLY E 42 18.21 9.08 8.35
C GLY E 42 16.96 8.23 8.21
N GLN E 43 17.05 7.12 7.47
CA GLN E 43 15.93 6.22 7.31
C GLN E 43 16.45 4.78 7.42
N GLY E 44 15.51 3.83 7.37
CA GLY E 44 15.82 2.44 7.54
C GLY E 44 16.09 1.72 6.23
N LEU E 45 15.92 0.41 6.26
CA LEU E 45 16.18 -0.43 5.10
C LEU E 45 14.90 -0.64 4.30
N GLU E 46 15.02 -0.61 2.97
CA GLU E 46 13.88 -0.67 2.07
C GLU E 46 14.11 -1.73 1.01
N TRP E 47 13.25 -2.74 0.97
CA TRP E 47 13.38 -3.79 -0.04
C TRP E 47 13.00 -3.26 -1.42
N MET E 48 13.80 -3.60 -2.44
CA MET E 48 13.56 -3.10 -3.78
C MET E 48 13.18 -4.14 -4.83
N GLY E 49 13.45 -5.42 -4.61
CA GLY E 49 13.20 -6.43 -5.62
C GLY E 49 14.21 -7.56 -5.54
N ARG E 50 14.04 -8.54 -6.43
CA ARG E 50 14.91 -9.72 -6.44
C ARG E 50 14.91 -10.37 -7.81
N ILE E 51 15.83 -11.32 -8.00
CA ILE E 51 15.83 -12.16 -9.19
C ILE E 51 16.57 -13.45 -8.88
N THR E 52 16.14 -14.54 -9.53
CA THR E 52 16.87 -15.80 -9.50
C THR E 52 17.29 -16.13 -10.93
N PRO E 53 18.58 -16.20 -11.24
CA PRO E 53 19.01 -16.30 -12.65
C PRO E 53 18.41 -17.47 -13.41
N ILE E 54 18.20 -18.61 -12.77
CA ILE E 54 17.66 -19.76 -13.50
C ILE E 54 16.22 -19.50 -13.94
N VAL E 55 15.51 -18.63 -13.23
CA VAL E 55 14.17 -18.22 -13.62
C VAL E 55 14.18 -16.92 -14.41
N ASP E 56 15.09 -16.02 -14.03
CA ASP E 56 15.41 -14.81 -14.80
C ASP E 56 14.19 -13.93 -15.02
N VAL E 57 13.27 -13.90 -14.06
CA VAL E 57 12.14 -12.98 -14.08
C VAL E 57 12.09 -12.24 -12.75
N PRO E 58 12.42 -10.96 -12.72
CA PRO E 58 12.47 -10.23 -11.45
C PRO E 58 11.10 -9.89 -10.89
N ASN E 59 11.07 -9.67 -9.58
CA ASN E 59 9.89 -9.18 -8.87
C ASN E 59 10.25 -7.89 -8.14
N TYR E 60 9.27 -6.99 -8.06
CA TYR E 60 9.47 -5.69 -7.41
C TYR E 60 8.26 -5.35 -6.56
N PRO E 61 8.44 -4.58 -5.49
CA PRO E 61 7.30 -3.98 -4.80
C PRO E 61 6.70 -2.88 -5.65
N ARG E 62 5.41 -2.61 -5.43
CA ARG E 62 4.75 -1.63 -6.27
C ARG E 62 5.13 -0.19 -5.94
N LYS E 63 5.86 0.05 -4.85
CA LYS E 63 6.32 1.41 -4.54
C LYS E 63 7.19 1.97 -5.66
N PHE E 64 7.95 1.12 -6.35
CA PHE E 64 8.89 1.57 -7.36
C PHE E 64 8.37 1.40 -8.77
N ARG E 65 7.29 0.64 -8.96
CA ARG E 65 6.57 0.57 -10.24
C ARG E 65 7.52 0.26 -11.39
N GLY E 66 7.63 1.19 -12.33
CA GLY E 66 8.47 1.00 -13.48
C GLY E 66 9.89 1.51 -13.34
N ARG E 67 10.25 2.07 -12.18
CA ARG E 67 11.54 2.74 -12.05
C ARG E 67 12.70 1.75 -11.95
N VAL E 68 12.50 0.59 -11.33
CA VAL E 68 13.58 -0.35 -11.06
C VAL E 68 13.59 -1.47 -12.10
N THR E 69 14.76 -1.76 -12.65
CA THR E 69 14.95 -2.91 -13.54
C THR E 69 16.12 -3.75 -13.03
N ILE E 70 15.86 -5.02 -12.72
CA ILE E 70 16.87 -5.93 -12.23
C ILE E 70 17.13 -7.01 -13.28
N THR E 71 18.40 -7.26 -13.58
CA THR E 71 18.78 -8.25 -14.59
C THR E 71 19.91 -9.13 -14.06
N ALA E 72 20.26 -10.15 -14.82
CA ALA E 72 21.29 -11.09 -14.41
C ALA E 72 22.07 -11.55 -15.62
N ASP E 73 23.37 -11.75 -15.44
CA ASP E 73 24.27 -12.16 -16.51
C ASP E 73 25.06 -13.37 -16.06
N LYS E 74 24.70 -14.54 -16.60
CA LYS E 74 25.47 -15.75 -16.31
C LYS E 74 26.86 -15.68 -16.91
N SER E 75 27.04 -14.87 -17.96
CA SER E 75 28.36 -14.55 -18.47
C SER E 75 29.33 -14.17 -17.36
N THR E 76 28.90 -13.25 -16.49
CA THR E 76 29.77 -12.57 -15.53
C THR E 76 29.48 -12.93 -14.08
N SER E 77 28.47 -13.77 -13.81
CA SER E 77 28.00 -14.02 -12.45
C SER E 77 27.68 -12.69 -11.75
N THR E 78 26.93 -11.84 -12.46
CA THR E 78 26.61 -10.51 -11.98
C THR E 78 25.12 -10.22 -12.10
N VAL E 79 24.53 -9.67 -11.04
CA VAL E 79 23.17 -9.15 -11.05
C VAL E 79 23.26 -7.62 -11.05
N TYR E 80 22.37 -6.98 -11.79
CA TYR E 80 22.37 -5.52 -11.93
C TYR E 80 21.03 -4.97 -11.45
N MET E 81 21.09 -3.84 -10.75
CA MET E 81 19.91 -3.06 -10.41
C MET E 81 20.02 -1.71 -11.08
N GLU E 82 19.03 -1.36 -11.91
CA GLU E 82 18.98 -0.07 -12.56
C GLU E 82 17.74 0.68 -12.06
N LEU E 83 17.95 1.93 -11.66
CA LEU E 83 16.90 2.79 -11.13
C LEU E 83 16.80 4.00 -12.05
N SER E 84 15.63 4.16 -12.68
CA SER E 84 15.32 5.20 -13.65
C SER E 84 14.73 6.42 -12.97
N GLY E 85 14.64 7.52 -13.73
CA GLY E 85 14.04 8.75 -13.26
C GLY E 85 14.47 9.20 -11.89
N LEU E 86 15.78 9.37 -11.69
CA LEU E 86 16.31 9.59 -10.35
C LEU E 86 15.80 10.88 -9.73
N ARG E 87 15.49 10.81 -8.44
CA ARG E 87 15.04 11.95 -7.66
C ARG E 87 15.97 12.15 -6.46
N PHE E 88 15.95 13.36 -5.91
CA PHE E 88 16.81 13.66 -4.76
C PHE E 88 16.63 12.65 -3.63
N GLU E 89 15.43 12.12 -3.47
CA GLU E 89 15.17 11.17 -2.40
C GLU E 89 15.75 9.78 -2.70
N ASP E 90 16.27 9.55 -3.91
CA ASP E 90 16.92 8.27 -4.22
C ASP E 90 18.37 8.22 -3.76
N THR E 91 18.91 9.32 -3.24
CA THR E 91 20.23 9.30 -2.64
C THR E 91 20.24 8.33 -1.47
N ALA E 92 21.03 7.28 -1.57
CA ALA E 92 21.01 6.21 -0.58
C ALA E 92 22.18 5.26 -0.85
N ILE E 93 22.45 4.42 0.14
CA ILE E 93 23.34 3.27 -0.02
C ILE E 93 22.51 2.10 -0.51
N TYR E 94 22.94 1.48 -1.60
CA TYR E 94 22.23 0.36 -2.20
C TYR E 94 23.01 -0.92 -1.94
N PHE E 95 22.32 -1.92 -1.40
CA PHE E 95 22.91 -3.19 -0.99
C PHE E 95 22.31 -4.32 -1.82
N CYS E 96 23.13 -5.29 -2.22
CA CYS E 96 22.59 -6.57 -2.64
C CYS E 96 22.75 -7.57 -1.50
N ALA E 97 21.94 -8.63 -1.53
CA ALA E 97 21.89 -9.57 -0.42
C ALA E 97 21.29 -10.89 -0.91
N ARG E 98 21.81 -11.99 -0.40
CA ARG E 98 21.46 -13.34 -0.85
C ARG E 98 20.36 -13.93 0.03
N PHE E 99 19.29 -14.42 -0.61
CA PHE E 99 18.16 -15.02 0.10
C PHE E 99 18.54 -16.37 0.69
N ARG E 100 18.22 -16.58 1.98
CA ARG E 100 18.45 -17.85 2.65
C ARG E 100 17.20 -18.29 3.41
N GLY E 101 17.00 -19.61 3.45
CA GLY E 101 15.89 -20.19 4.18
C GLY E 101 14.53 -19.75 3.68
N HIS E 102 14.50 -19.21 2.48
CA HIS E 102 13.28 -18.63 1.89
C HIS E 102 12.78 -17.51 2.80
N ASN E 103 13.63 -16.87 3.58
CA ASN E 103 13.09 -15.86 4.50
C ASN E 103 14.04 -14.72 4.87
N TYR E 104 15.34 -14.93 4.87
CA TYR E 104 16.27 -13.91 5.41
C TYR E 104 17.44 -13.65 4.46
N PHE E 105 18.33 -12.76 4.84
CA PHE E 105 19.38 -12.32 3.92
C PHE E 105 20.75 -12.57 4.53
N ASP E 106 21.58 -13.33 3.80
CA ASP E 106 22.95 -13.63 4.20
C ASP E 106 23.69 -14.28 3.03
N PRO E 107 24.83 -13.71 2.57
CA PRO E 107 25.42 -12.46 3.05
C PRO E 107 24.90 -11.22 2.30
N TRP E 108 25.53 -10.07 2.55
CA TRP E 108 25.24 -8.79 1.93
C TRP E 108 26.46 -8.29 1.17
N GLY E 109 26.22 -7.58 0.07
CA GLY E 109 27.27 -6.81 -0.57
C GLY E 109 27.69 -5.63 0.30
N GLN E 110 28.83 -5.03 -0.06
CA GLN E 110 29.38 -3.98 0.79
C GLN E 110 28.62 -2.66 0.70
N GLY E 111 27.74 -2.51 -0.28
CA GLY E 111 26.99 -1.28 -0.40
C GLY E 111 27.59 -0.34 -1.44
N THR E 112 26.71 0.40 -2.12
CA THR E 112 27.11 1.37 -3.13
C THR E 112 26.38 2.67 -2.82
N LEU E 113 27.12 3.74 -2.57
CA LEU E 113 26.49 5.04 -2.30
C LEU E 113 26.19 5.74 -3.62
N VAL E 114 24.90 6.00 -3.88
CA VAL E 114 24.48 6.71 -5.08
C VAL E 114 23.92 8.06 -4.65
N THR E 115 24.55 9.14 -5.11
CA THR E 115 24.11 10.50 -4.84
C THR E 115 23.44 11.05 -6.10
N VAL E 116 22.26 11.63 -5.97
CA VAL E 116 21.65 12.36 -7.07
C VAL E 116 21.69 13.84 -6.70
N SER E 117 22.07 14.67 -7.66
CA SER E 117 22.43 16.05 -7.36
C SER E 117 22.39 16.83 -8.66
N SER E 118 22.22 18.14 -8.54
CA SER E 118 22.33 19.03 -9.68
C SER E 118 23.78 19.30 -10.03
N ALA E 119 24.65 19.37 -9.02
CA ALA E 119 26.08 19.59 -9.23
C ALA E 119 26.75 18.33 -9.74
N SER E 120 27.56 18.48 -10.79
CA SER E 120 28.34 17.37 -11.32
C SER E 120 29.47 17.02 -10.36
N PHE E 121 30.16 15.91 -10.64
CA PHE E 121 31.19 15.46 -9.72
C PHE E 121 32.40 16.40 -9.75
N LYS E 122 33.24 16.26 -8.72
CA LYS E 122 34.51 16.99 -8.66
C LYS E 122 35.48 16.19 -7.81
N GLY E 123 36.61 15.81 -8.40
CA GLY E 123 37.63 15.11 -7.68
C GLY E 123 38.40 16.07 -6.78
N PRO E 124 39.10 15.54 -5.79
CA PRO E 124 39.75 16.39 -4.79
C PRO E 124 41.13 16.87 -5.21
N SER E 125 41.53 18.00 -4.62
CA SER E 125 42.93 18.39 -4.55
C SER E 125 43.55 17.77 -3.31
N VAL E 126 44.79 17.32 -3.42
CA VAL E 126 45.45 16.63 -2.33
C VAL E 126 46.71 17.40 -1.97
N PHE E 127 46.80 17.86 -0.73
CA PHE E 127 47.93 18.62 -0.25
C PHE E 127 48.60 17.90 0.90
N PRO E 128 49.93 17.95 1.00
CA PRO E 128 50.62 17.24 2.08
C PRO E 128 50.56 18.00 3.40
N LEU E 129 50.35 17.26 4.49
CA LEU E 129 50.44 17.82 5.84
C LEU E 129 51.79 17.45 6.44
N ALA E 130 52.79 18.29 6.20
CA ALA E 130 54.16 18.01 6.65
C ALA E 130 54.20 17.88 8.17
N PRO E 131 55.08 17.02 8.69
CA PRO E 131 55.19 16.83 10.14
C PRO E 131 55.98 17.98 10.78
N SER E 132 56.10 17.89 12.11
CA SER E 132 56.75 18.86 13.00
C SER E 132 57.62 19.94 12.35
N GLY E 139 59.47 12.02 20.32
CA GLY E 139 58.86 10.70 20.37
C GLY E 139 58.23 10.31 19.05
N THR E 140 56.97 10.71 18.86
CA THR E 140 56.23 10.46 17.63
C THR E 140 55.99 11.78 16.89
N ALA E 141 55.89 11.69 15.57
CA ALA E 141 55.54 12.83 14.73
C ALA E 141 54.20 12.55 14.05
N ALA E 142 53.55 13.63 13.60
CA ALA E 142 52.24 13.54 12.96
C ALA E 142 52.31 14.15 11.57
N LEU E 143 51.92 13.38 10.56
CA LEU E 143 51.88 13.86 9.19
C LEU E 143 50.62 13.32 8.54
N GLY E 144 50.23 13.93 7.43
CA GLY E 144 48.97 13.54 6.86
C GLY E 144 48.76 14.11 5.47
N CYS E 145 47.51 13.98 5.00
CA CYS E 145 47.11 14.45 3.68
C CYS E 145 45.80 15.20 3.79
N LEU E 146 45.72 16.35 3.15
CA LEU E 146 44.51 17.16 3.09
C LEU E 146 43.80 16.87 1.77
N VAL E 147 42.60 16.27 1.85
CA VAL E 147 41.82 15.91 0.68
C VAL E 147 40.72 16.95 0.55
N LYS E 148 40.91 17.92 -0.34
CA LYS E 148 40.16 19.18 -0.33
C LYS E 148 39.24 19.32 -1.54
N ASP E 149 38.02 19.82 -1.27
CA ASP E 149 37.07 20.29 -2.29
C ASP E 149 36.67 19.21 -3.29
N TYR E 150 36.09 18.14 -2.77
CA TYR E 150 35.54 17.08 -3.59
C TYR E 150 34.02 16.98 -3.42
N PHE E 151 33.36 16.40 -4.41
CA PHE E 151 31.92 16.17 -4.35
C PHE E 151 31.54 15.03 -5.27
N PRO E 152 30.65 14.10 -4.86
CA PRO E 152 30.14 13.98 -3.50
C PRO E 152 30.94 12.95 -2.68
N GLU E 153 30.39 12.56 -1.53
CA GLU E 153 30.95 11.44 -0.80
C GLU E 153 30.83 10.18 -1.65
N PRO E 154 31.66 9.16 -1.38
CA PRO E 154 32.70 9.09 -0.37
C PRO E 154 34.09 9.13 -1.00
N VAL E 155 35.10 9.27 -0.14
CA VAL E 155 36.49 9.18 -0.54
C VAL E 155 37.13 8.16 0.38
N THR E 156 38.10 7.41 -0.14
CA THR E 156 38.89 6.47 0.64
C THR E 156 40.33 6.94 0.64
N VAL E 157 40.99 6.83 1.80
CA VAL E 157 42.41 7.13 1.93
C VAL E 157 43.10 5.92 2.52
N SER E 158 44.20 5.52 1.91
CA SER E 158 45.09 4.51 2.45
C SER E 158 46.51 5.04 2.42
N TRP E 159 47.38 4.40 3.20
CA TRP E 159 48.76 4.85 3.34
C TRP E 159 49.70 3.74 2.90
N ASN E 160 50.68 4.10 2.07
CA ASN E 160 51.63 3.14 1.50
C ASN E 160 50.88 1.96 0.87
N SER E 161 49.82 2.29 0.11
CA SER E 161 49.00 1.33 -0.62
C SER E 161 48.35 0.30 0.30
N GLY E 162 48.17 0.66 1.57
CA GLY E 162 47.60 -0.24 2.55
C GLY E 162 48.61 -0.89 3.47
N ALA E 163 49.91 -0.77 3.18
CA ALA E 163 50.92 -1.40 4.03
C ALA E 163 50.88 -0.85 5.45
N LEU E 164 50.69 0.46 5.59
CA LEU E 164 50.64 1.11 6.89
C LEU E 164 49.17 1.33 7.27
N THR E 165 48.76 0.72 8.38
CA THR E 165 47.47 1.02 8.98
C THR E 165 47.55 1.28 10.48
N SER E 166 48.70 1.08 11.11
CA SER E 166 48.85 1.41 12.51
C SER E 166 49.09 2.90 12.67
N GLY E 167 48.30 3.54 13.53
CA GLY E 167 48.46 4.96 13.75
C GLY E 167 47.79 5.85 12.72
N VAL E 168 47.01 5.28 11.81
CA VAL E 168 46.35 6.04 10.76
C VAL E 168 44.96 6.43 11.22
N HIS E 169 44.70 7.73 11.32
CA HIS E 169 43.38 8.24 11.64
C HIS E 169 42.86 9.05 10.46
N THR E 170 41.84 8.54 9.78
CA THR E 170 41.19 9.25 8.68
C THR E 170 39.92 9.89 9.23
N PHE E 171 39.89 11.24 9.22
CA PHE E 171 38.78 11.94 9.87
C PHE E 171 37.61 12.12 8.89
N PRO E 172 36.39 12.05 9.41
CA PRO E 172 35.22 12.30 8.56
C PRO E 172 35.21 13.70 7.99
N ALA E 173 34.50 13.85 6.88
CA ALA E 173 34.57 15.01 6.02
C ALA E 173 33.75 16.16 6.58
N VAL E 174 34.14 17.36 6.21
CA VAL E 174 33.34 18.55 6.47
C VAL E 174 32.63 18.91 5.18
N LEU E 175 31.37 19.34 5.28
CA LEU E 175 30.68 19.99 4.19
C LEU E 175 30.82 21.51 4.34
N GLN E 176 31.20 22.19 3.27
CA GLN E 176 31.52 23.61 3.32
C GLN E 176 30.47 24.43 2.57
N SER E 177 30.67 25.76 2.63
CA SER E 177 29.76 26.70 1.95
C SER E 177 29.50 26.31 0.50
N SER E 178 30.55 25.91 -0.22
CA SER E 178 30.47 25.65 -1.65
C SER E 178 29.59 24.46 -2.00
N GLY E 179 29.17 23.67 -1.02
CA GLY E 179 28.62 22.36 -1.33
C GLY E 179 29.67 21.33 -1.65
N LEU E 180 30.92 21.58 -1.30
CA LEU E 180 32.03 20.64 -1.50
C LEU E 180 32.50 20.11 -0.15
N TYR E 181 33.07 18.91 -0.17
CA TYR E 181 33.59 18.30 1.04
C TYR E 181 35.11 18.42 1.11
N SER E 182 35.65 18.38 2.32
CA SER E 182 37.07 18.21 2.56
C SER E 182 37.26 17.25 3.75
N LEU E 183 38.31 16.45 3.70
CA LEU E 183 38.64 15.61 4.85
C LEU E 183 40.15 15.56 5.00
N SER E 184 40.61 15.04 6.13
CA SER E 184 42.03 14.87 6.36
C SER E 184 42.29 13.47 6.90
N SER E 185 43.48 12.95 6.61
CA SER E 185 43.94 11.66 7.09
C SER E 185 45.36 11.85 7.59
N VAL E 186 45.61 11.48 8.83
CA VAL E 186 46.92 11.67 9.42
C VAL E 186 47.40 10.34 10.01
N VAL E 187 48.71 10.20 10.10
CA VAL E 187 49.31 9.03 10.71
C VAL E 187 50.35 9.49 11.72
N THR E 188 50.33 8.87 12.91
CA THR E 188 51.31 9.14 13.95
C THR E 188 52.42 8.09 13.85
N VAL E 189 53.65 8.56 13.83
CA VAL E 189 54.76 7.74 13.34
C VAL E 189 56.02 8.06 14.13
N PRO E 190 56.91 7.09 14.37
CA PRO E 190 58.15 7.40 15.10
C PRO E 190 58.94 8.50 14.40
N SER E 191 59.32 9.52 15.18
CA SER E 191 60.12 10.60 14.61
C SER E 191 61.42 10.09 14.01
N SER E 192 61.92 8.95 14.48
CA SER E 192 63.21 8.45 14.03
C SER E 192 63.19 8.14 12.54
N SER E 193 62.15 7.44 12.08
CA SER E 193 62.10 6.97 10.71
C SER E 193 61.73 8.05 9.70
N LEU E 194 61.41 9.26 10.16
CA LEU E 194 61.03 10.35 9.25
C LEU E 194 62.06 10.55 8.15
N GLY E 195 63.34 10.34 8.45
CA GLY E 195 64.37 10.56 7.44
C GLY E 195 64.41 9.51 6.36
N THR E 196 64.12 8.26 6.69
CA THR E 196 64.32 7.15 5.77
C THR E 196 63.04 6.45 5.32
N GLN E 197 62.01 6.38 6.16
CA GLN E 197 60.78 5.73 5.76
C GLN E 197 59.95 6.67 4.90
N THR E 198 59.47 6.16 3.77
CA THR E 198 58.61 6.94 2.87
C THR E 198 57.16 6.75 3.28
N TYR E 199 56.37 7.82 3.16
CA TYR E 199 54.95 7.79 3.48
C TYR E 199 54.17 8.40 2.31
N ILE E 200 53.25 7.64 1.75
CA ILE E 200 52.44 8.09 0.63
C ILE E 200 50.98 7.83 0.96
N CYS E 201 50.15 8.86 0.81
CA CYS E 201 48.72 8.69 0.95
C CYS E 201 48.11 8.38 -0.41
N ASN E 202 47.21 7.41 -0.44
CA ASN E 202 46.51 7.01 -1.64
C ASN E 202 45.05 7.40 -1.50
N VAL E 203 44.62 8.38 -2.29
CA VAL E 203 43.28 8.95 -2.21
C VAL E 203 42.47 8.44 -3.39
N ASN E 204 41.27 7.94 -3.13
CA ASN E 204 40.41 7.47 -4.21
C ASN E 204 39.04 8.12 -4.09
N HIS E 205 38.60 8.76 -5.17
CA HIS E 205 37.26 9.34 -5.26
C HIS E 205 36.53 8.65 -6.42
N LYS E 206 35.79 7.58 -6.09
CA LYS E 206 35.07 6.84 -7.14
C LYS E 206 34.10 7.70 -7.94
N PRO E 207 33.25 8.54 -7.32
CA PRO E 207 32.29 9.34 -8.11
C PRO E 207 32.88 10.13 -9.26
N SER E 208 34.09 10.69 -9.09
CA SER E 208 34.77 11.43 -10.14
C SER E 208 35.79 10.59 -10.89
N ASN E 209 35.95 9.31 -10.53
CA ASN E 209 36.96 8.44 -11.10
C ASN E 209 38.35 9.07 -11.02
N THR E 210 38.74 9.46 -9.82
CA THR E 210 40.04 10.08 -9.56
C THR E 210 40.78 9.26 -8.50
N LYS E 211 42.04 8.93 -8.78
CA LYS E 211 42.94 8.39 -7.77
C LYS E 211 44.16 9.31 -7.69
N VAL E 212 44.68 9.51 -6.48
CA VAL E 212 45.84 10.37 -6.28
C VAL E 212 46.80 9.69 -5.32
N ASP E 213 48.09 9.68 -5.67
CA ASP E 213 49.16 9.29 -4.77
C ASP E 213 50.02 10.52 -4.48
N LYS E 214 50.29 10.77 -3.21
CA LYS E 214 51.05 11.95 -2.81
C LYS E 214 52.06 11.56 -1.74
N LYS E 215 53.33 11.86 -2.00
CA LYS E 215 54.36 11.65 -0.98
C LYS E 215 54.33 12.83 -0.01
N VAL E 216 54.32 12.52 1.28
CA VAL E 216 54.24 13.52 2.32
C VAL E 216 55.61 13.61 3.00
N GLU E 217 56.18 14.81 3.02
CA GLU E 217 57.42 15.06 3.75
C GLU E 217 57.54 16.54 4.10
N SER F 1 -0.05 -4.13 3.52
CA SER F 1 1.38 -4.07 3.80
C SER F 1 1.64 -4.16 5.30
N TYR F 2 2.28 -5.25 5.70
CA TYR F 2 2.62 -5.45 7.10
C TYR F 2 3.52 -4.33 7.60
N VAL F 3 3.37 -3.98 8.87
CA VAL F 3 4.14 -2.91 9.45
C VAL F 3 4.78 -3.40 10.74
N LEU F 4 6.10 -3.25 10.84
CA LEU F 4 6.85 -3.48 12.07
C LEU F 4 7.11 -2.14 12.74
N THR F 5 7.05 -2.13 14.07
CA THR F 5 7.25 -0.92 14.87
C THR F 5 8.32 -1.18 15.91
N GLN F 6 9.46 -0.44 15.79
CA GLN F 6 10.56 -0.43 16.75
C GLN F 6 10.67 0.93 17.43
N PRO F 7 11.14 0.98 18.68
CA PRO F 7 11.51 2.26 19.29
C PRO F 7 12.68 2.89 18.53
N PRO F 8 12.69 4.21 18.37
CA PRO F 8 13.78 4.83 17.60
C PRO F 8 15.14 4.67 18.25
N SER F 9 15.19 4.61 19.58
CA SER F 9 16.47 4.54 20.27
C SER F 9 16.29 3.83 21.61
N VAL F 10 17.36 3.14 22.02
CA VAL F 10 17.45 2.53 23.33
C VAL F 10 18.86 2.75 23.83
N SER F 11 18.99 3.14 25.11
CA SER F 11 20.29 3.43 25.68
C SER F 11 20.46 2.63 26.97
N VAL F 12 21.69 2.15 27.18
CA VAL F 12 22.03 1.34 28.35
C VAL F 12 23.39 1.79 28.86
N ALA F 13 23.67 1.43 30.12
CA ALA F 13 25.00 1.60 30.66
C ALA F 13 25.88 0.41 30.24
N PRO F 14 27.20 0.59 30.21
CA PRO F 14 28.09 -0.52 29.82
C PRO F 14 27.92 -1.72 30.74
N GLY F 15 27.92 -2.91 30.14
CA GLY F 15 27.73 -4.15 30.88
C GLY F 15 26.29 -4.52 31.18
N GLN F 16 25.35 -3.60 30.96
CA GLN F 16 23.94 -3.89 31.17
C GLN F 16 23.39 -4.80 30.08
N THR F 17 22.13 -5.17 30.23
CA THR F 17 21.38 -5.88 29.22
C THR F 17 20.52 -4.89 28.44
N ALA F 18 20.60 -4.94 27.11
CA ALA F 18 19.78 -4.11 26.25
C ALA F 18 18.65 -4.93 25.63
N ARG F 19 17.44 -4.35 25.59
CA ARG F 19 16.25 -5.02 25.06
C ARG F 19 15.65 -4.15 23.96
N ILE F 20 15.70 -4.64 22.72
CA ILE F 20 15.13 -3.95 21.57
C ILE F 20 13.87 -4.71 21.17
N THR F 21 12.73 -4.02 21.16
CA THR F 21 11.45 -4.64 20.84
C THR F 21 11.05 -4.35 19.39
N CYS F 22 10.23 -5.24 18.85
CA CYS F 22 9.77 -5.17 17.47
C CYS F 22 8.32 -5.63 17.48
N GLY F 23 7.41 -4.70 17.22
CA GLY F 23 5.99 -4.94 17.41
C GLY F 23 5.30 -5.16 16.08
N GLY F 24 4.32 -6.06 16.10
CA GLY F 24 3.46 -6.28 14.94
C GLY F 24 2.29 -7.17 15.32
N ASN F 25 1.22 -7.05 14.53
CA ASN F 25 0.02 -7.86 14.74
C ASN F 25 0.34 -9.34 14.60
N ASN F 26 0.23 -10.09 15.69
CA ASN F 26 0.55 -11.52 15.74
C ASN F 26 1.91 -11.82 15.12
N ILE F 27 2.91 -11.02 15.51
CA ILE F 27 4.25 -11.24 14.99
C ILE F 27 4.79 -12.59 15.42
N GLY F 28 4.31 -13.15 16.53
CA GLY F 28 4.80 -14.44 17.00
C GLY F 28 4.43 -15.60 16.08
N GLY F 29 3.56 -15.36 15.11
CA GLY F 29 3.27 -16.31 14.07
C GLY F 29 4.17 -16.23 12.85
N LYS F 30 5.02 -15.20 12.78
CA LYS F 30 5.98 -15.03 11.70
C LYS F 30 7.38 -15.36 12.18
N SER F 31 8.27 -15.67 11.24
CA SER F 31 9.67 -15.84 11.59
C SER F 31 10.34 -14.45 11.61
N VAL F 32 11.06 -14.13 12.69
CA VAL F 32 11.65 -12.81 12.88
C VAL F 32 13.17 -12.92 12.88
N HIS F 33 13.82 -12.05 12.10
CA HIS F 33 15.25 -12.05 11.91
C HIS F 33 15.75 -10.64 12.23
N TRP F 34 17.01 -10.56 12.69
CA TRP F 34 17.54 -9.31 13.23
C TRP F 34 18.87 -8.99 12.58
N TYR F 35 19.08 -7.73 12.19
CA TYR F 35 20.33 -7.29 11.58
C TYR F 35 20.95 -6.17 12.40
N GLN F 36 22.28 -6.20 12.53
CA GLN F 36 23.06 -5.16 13.18
C GLN F 36 23.81 -4.35 12.13
N GLN F 37 23.48 -3.07 12.00
CA GLN F 37 24.17 -2.20 11.06
C GLN F 37 24.85 -1.05 11.80
N LYS F 38 26.14 -0.90 11.56
CA LYS F 38 26.93 0.25 11.96
C LYS F 38 26.86 1.33 10.89
N PRO F 39 27.21 2.58 11.22
CA PRO F 39 26.90 3.70 10.29
C PRO F 39 27.49 3.57 8.90
N GLY F 40 28.67 2.99 8.76
CA GLY F 40 29.27 2.87 7.45
C GLY F 40 28.85 1.68 6.61
N GLN F 41 28.80 0.50 7.23
CA GLN F 41 28.92 -0.76 6.53
C GLN F 41 27.56 -1.44 6.30
N ALA F 42 27.62 -2.65 5.77
CA ALA F 42 26.48 -3.47 5.40
C ALA F 42 25.84 -4.11 6.64
N PRO F 43 24.55 -4.44 6.58
CA PRO F 43 23.93 -5.15 7.71
C PRO F 43 24.61 -6.50 7.94
N VAL F 44 24.62 -6.90 9.21
CA VAL F 44 25.12 -8.20 9.65
C VAL F 44 23.97 -8.94 10.36
N LEU F 45 23.69 -10.16 9.90
CA LEU F 45 22.65 -11.01 10.49
C LEU F 45 23.08 -11.47 11.89
N VAL F 46 22.34 -11.07 12.93
CA VAL F 46 22.70 -11.48 14.29
C VAL F 46 21.71 -12.48 14.88
N VAL F 47 20.47 -12.51 14.43
CA VAL F 47 19.51 -13.54 14.83
C VAL F 47 18.67 -13.91 13.62
N TYR F 48 18.41 -15.20 13.44
CA TYR F 48 17.41 -15.63 12.46
C TYR F 48 16.48 -16.68 13.08
N ASP F 49 15.32 -16.82 12.44
CA ASP F 49 14.29 -17.78 12.87
C ASP F 49 13.90 -17.56 14.34
N ASP F 50 13.64 -16.28 14.67
CA ASP F 50 13.20 -15.82 15.99
C ASP F 50 14.32 -15.79 17.02
N ARG F 51 15.12 -16.84 17.03
CA ARG F 51 15.93 -17.12 18.21
C ARG F 51 17.19 -17.91 17.91
N ASP F 52 17.59 -18.09 16.65
CA ASP F 52 18.80 -18.85 16.34
C ASP F 52 19.97 -17.92 16.03
N ARG F 53 21.17 -18.37 16.36
CA ARG F 53 22.35 -17.54 16.16
C ARG F 53 23.16 -18.07 15.00
N PRO F 54 23.58 -17.22 14.06
CA PRO F 54 24.49 -17.69 13.02
C PRO F 54 25.88 -17.94 13.60
N SER F 55 26.66 -18.75 12.88
CA SER F 55 28.05 -18.94 13.21
C SER F 55 28.77 -17.60 13.40
N GLY F 56 29.58 -17.54 14.45
CA GLY F 56 30.40 -16.40 14.71
C GLY F 56 29.72 -15.25 15.42
N ILE F 57 28.45 -15.41 15.80
CA ILE F 57 27.76 -14.38 16.56
C ILE F 57 27.90 -14.70 18.04
N PRO F 58 28.22 -13.71 18.89
CA PRO F 58 28.33 -13.99 20.32
C PRO F 58 27.02 -14.48 20.90
N GLU F 59 27.12 -15.39 21.88
CA GLU F 59 25.92 -15.85 22.57
C GLU F 59 25.21 -14.71 23.28
N ARG F 60 25.92 -13.63 23.63
CA ARG F 60 25.27 -12.47 24.25
C ARG F 60 24.07 -11.99 23.46
N PHE F 61 23.99 -12.30 22.18
CA PHE F 61 22.86 -11.92 21.34
C PHE F 61 21.85 -13.06 21.32
N SER F 62 20.62 -12.76 21.72
CA SER F 62 19.56 -13.77 21.71
C SER F 62 18.23 -13.08 21.44
N GLY F 63 17.36 -13.77 20.69
CA GLY F 63 16.08 -13.21 20.34
C GLY F 63 14.93 -14.08 20.81
N SER F 64 13.74 -13.50 20.90
CA SER F 64 12.54 -14.25 21.19
C SER F 64 11.39 -13.60 20.43
N ASN F 65 10.31 -14.36 20.28
CA ASN F 65 9.14 -13.92 19.54
C ASN F 65 7.91 -14.61 20.11
N SER F 66 6.90 -13.83 20.46
CA SER F 66 5.63 -14.34 20.96
C SER F 66 4.60 -13.24 20.92
N GLY F 67 3.35 -13.62 20.75
CA GLY F 67 2.27 -12.65 20.79
C GLY F 67 2.45 -11.56 19.75
N ASP F 68 2.44 -10.30 20.21
CA ASP F 68 2.51 -9.15 19.32
C ASP F 68 3.86 -8.43 19.39
N THR F 69 4.84 -9.00 20.07
CA THR F 69 6.14 -8.34 20.21
C THR F 69 7.27 -9.36 20.15
N ALA F 70 8.23 -9.09 19.27
CA ALA F 70 9.48 -9.84 19.23
C ALA F 70 10.56 -8.94 19.79
N SER F 71 11.61 -9.55 20.32
CA SER F 71 12.62 -8.78 21.02
C SER F 71 14.00 -9.37 20.77
N LEU F 72 14.98 -8.49 20.68
CA LEU F 72 16.39 -8.84 20.68
C LEU F 72 16.98 -8.38 22.00
N THR F 73 17.53 -9.30 22.77
CA THR F 73 18.15 -9.00 24.06
C THR F 73 19.66 -9.20 23.95
N ILE F 74 20.41 -8.15 24.31
CA ILE F 74 21.86 -8.15 24.25
C ILE F 74 22.39 -8.10 25.68
N SER F 75 23.00 -9.19 26.12
CA SER F 75 23.59 -9.27 27.45
C SER F 75 25.01 -8.68 27.43
N ARG F 76 25.44 -8.23 28.62
CA ARG F 76 26.78 -7.69 28.83
C ARG F 76 27.17 -6.71 27.72
N VAL F 77 26.34 -5.68 27.59
CA VAL F 77 26.42 -4.76 26.45
C VAL F 77 27.80 -4.13 26.36
N ASP F 78 28.40 -4.20 25.16
CA ASP F 78 29.68 -3.61 24.84
C ASP F 78 29.49 -2.30 24.09
N ALA F 79 30.42 -1.36 24.28
CA ALA F 79 30.36 -0.11 23.53
C ALA F 79 30.46 -0.36 22.03
N GLY F 80 31.13 -1.44 21.63
CA GLY F 80 31.15 -1.86 20.24
C GLY F 80 29.85 -2.44 19.73
N ASP F 81 28.85 -2.60 20.59
CA ASP F 81 27.52 -3.04 20.17
C ASP F 81 26.64 -1.89 19.75
N GLU F 82 27.14 -0.65 19.85
CA GLU F 82 26.44 0.52 19.34
C GLU F 82 26.21 0.37 17.84
N ALA F 83 24.95 0.38 17.44
CA ALA F 83 24.56 0.16 16.05
C ALA F 83 23.08 0.42 15.91
N ASP F 84 22.61 0.41 14.66
CA ASP F 84 21.18 0.44 14.37
C ASP F 84 20.73 -1.00 14.16
N TYR F 85 19.73 -1.44 14.92
CA TYR F 85 19.26 -2.82 14.90
C TYR F 85 17.91 -2.88 14.21
N PHE F 86 17.81 -3.72 13.18
CA PHE F 86 16.62 -3.81 12.35
C PHE F 86 16.04 -5.21 12.49
N CYS F 87 14.75 -5.28 12.84
CA CYS F 87 14.03 -6.54 12.74
C CYS F 87 13.44 -6.65 11.34
N GLN F 88 13.20 -7.89 10.91
CA GLN F 88 12.81 -8.16 9.53
C GLN F 88 11.91 -9.40 9.51
N VAL F 89 10.82 -9.33 8.74
CA VAL F 89 10.01 -10.49 8.43
C VAL F 89 9.82 -10.55 6.92
N TRP F 90 9.34 -11.70 6.45
CA TRP F 90 8.88 -11.83 5.07
C TRP F 90 7.36 -11.90 5.11
N ASP F 91 6.71 -10.94 4.46
CA ASP F 91 5.25 -10.86 4.45
C ASP F 91 4.74 -11.74 3.31
N ASN F 92 4.17 -12.89 3.68
CA ASN F 92 3.65 -13.81 2.67
C ASN F 92 2.49 -13.23 1.87
N ALA F 93 1.75 -12.24 2.41
CA ALA F 93 0.61 -11.72 1.66
C ALA F 93 1.05 -10.86 0.48
N SER F 94 2.00 -9.95 0.70
CA SER F 94 2.53 -9.18 -0.42
C SER F 94 3.77 -9.81 -1.04
N ASP F 95 4.34 -10.84 -0.42
CA ASP F 95 5.55 -11.51 -0.90
C ASP F 95 6.71 -10.53 -1.02
N GLU F 96 7.04 -9.88 0.09
CA GLU F 96 8.17 -8.97 0.11
C GLU F 96 8.74 -8.92 1.52
N ALA F 97 10.01 -8.53 1.61
CA ALA F 97 10.61 -8.31 2.92
C ALA F 97 10.05 -7.04 3.55
N VAL F 98 9.91 -7.06 4.87
CA VAL F 98 9.51 -5.89 5.65
C VAL F 98 10.55 -5.71 6.75
N PHE F 99 11.02 -4.48 6.91
CA PHE F 99 11.99 -4.12 7.96
C PHE F 99 11.33 -3.18 8.96
N GLY F 100 11.69 -3.33 10.23
CA GLY F 100 11.33 -2.31 11.19
C GLY F 100 12.12 -1.04 10.93
N GLY F 101 11.68 0.05 11.57
CA GLY F 101 12.36 1.32 11.39
C GLY F 101 13.78 1.38 11.94
N GLY F 102 14.18 0.40 12.75
CA GLY F 102 15.52 0.41 13.31
C GLY F 102 15.59 1.06 14.68
N THR F 103 16.43 0.51 15.57
CA THR F 103 16.59 1.03 16.92
C THR F 103 18.07 1.30 17.13
N LYS F 104 18.42 2.56 17.34
CA LYS F 104 19.81 2.93 17.57
C LYS F 104 20.17 2.69 19.03
N LEU F 105 21.18 1.85 19.26
CA LEU F 105 21.61 1.49 20.60
C LEU F 105 22.80 2.37 21.00
N THR F 106 22.56 3.31 21.91
CA THR F 106 23.60 4.14 22.51
C THR F 106 24.00 3.56 23.86
N VAL F 107 25.30 3.42 24.09
CA VAL F 107 25.78 2.97 25.39
C VAL F 107 26.19 4.21 26.17
N LEU F 108 25.30 4.66 27.06
CA LEU F 108 25.50 5.88 27.82
C LEU F 108 26.54 5.68 28.92
N GLY F 109 27.13 6.79 29.34
CA GLY F 109 28.01 6.80 30.51
C GLY F 109 29.32 6.05 30.37
N GLN F 110 29.97 6.14 29.22
CA GLN F 110 31.28 5.54 29.01
C GLN F 110 32.35 6.37 29.72
N PRO F 111 33.57 5.84 29.85
CA PRO F 111 34.63 6.59 30.54
C PRO F 111 34.97 7.90 29.85
N LYS F 112 35.21 8.93 30.64
CA LYS F 112 35.51 10.25 30.10
C LYS F 112 36.89 10.26 29.46
N ALA F 113 37.03 11.06 28.40
CA ALA F 113 38.27 11.11 27.65
C ALA F 113 38.50 12.53 27.15
N ASN F 114 39.72 13.02 27.33
CA ASN F 114 40.10 14.38 26.93
C ASN F 114 40.64 14.39 25.50
N PRO F 115 40.33 15.43 24.74
CA PRO F 115 40.68 15.42 23.31
C PRO F 115 42.15 15.72 23.04
N THR F 116 42.68 15.03 22.04
CA THR F 116 44.00 15.34 21.48
C THR F 116 43.79 16.23 20.26
N VAL F 117 44.50 17.36 20.22
CA VAL F 117 44.32 18.35 19.15
C VAL F 117 45.63 18.46 18.37
N THR F 118 45.52 18.40 17.04
CA THR F 118 46.66 18.65 16.15
C THR F 118 46.26 19.65 15.08
N LEU F 119 47.06 20.70 14.94
CA LEU F 119 46.78 21.79 14.03
C LEU F 119 47.89 21.90 13.00
N PHE F 120 47.51 22.01 11.73
CA PHE F 120 48.39 22.10 10.59
C PHE F 120 48.21 23.45 9.90
N PRO F 121 49.31 24.11 9.52
CA PRO F 121 49.21 25.35 8.74
C PRO F 121 48.91 25.04 7.28
N PRO F 122 48.66 26.06 6.44
CA PRO F 122 48.53 25.78 5.01
C PRO F 122 49.86 25.31 4.44
N SER F 123 49.80 24.34 3.54
CA SER F 123 51.01 23.85 2.89
C SER F 123 51.47 24.81 1.80
N SER F 124 52.77 24.72 1.48
CA SER F 124 53.33 25.52 0.38
C SER F 124 52.57 25.28 -0.92
N GLU F 125 52.25 24.03 -1.23
CA GLU F 125 51.50 23.74 -2.44
C GLU F 125 50.16 24.44 -2.45
N GLU F 126 49.44 24.41 -1.32
CA GLU F 126 48.14 25.08 -1.29
C GLU F 126 48.29 26.58 -1.45
N LEU F 127 49.27 27.17 -0.75
CA LEU F 127 49.53 28.60 -0.90
C LEU F 127 49.82 28.95 -2.35
N GLN F 128 50.58 28.09 -3.04
CA GLN F 128 50.82 28.29 -4.47
C GLN F 128 49.54 28.19 -5.29
N ALA F 129 48.52 27.50 -4.78
CA ALA F 129 47.23 27.41 -5.47
C ALA F 129 46.35 28.63 -5.22
N ASN F 130 46.83 29.64 -4.47
CA ASN F 130 46.11 30.86 -4.13
C ASN F 130 44.99 30.60 -3.13
N LYS F 131 45.15 29.60 -2.27
CA LYS F 131 44.22 29.35 -1.19
C LYS F 131 45.01 28.98 0.06
N ALA F 132 44.34 29.00 1.20
CA ALA F 132 44.97 28.66 2.46
C ALA F 132 43.93 27.98 3.35
N THR F 133 44.32 26.88 3.98
CA THR F 133 43.45 26.13 4.88
C THR F 133 44.23 25.79 6.15
N LEU F 134 43.65 26.12 7.31
CA LEU F 134 44.14 25.66 8.59
C LEU F 134 43.32 24.44 8.98
N VAL F 135 43.98 23.36 9.39
CA VAL F 135 43.32 22.08 9.65
C VAL F 135 43.50 21.71 11.11
N CYS F 136 42.40 21.65 11.86
CA CYS F 136 42.43 21.35 13.28
C CYS F 136 41.73 20.01 13.52
N LEU F 137 42.49 18.98 13.91
CA LEU F 137 41.94 17.63 14.08
C LEU F 137 41.81 17.30 15.55
N ILE F 138 40.64 16.81 15.95
CA ILE F 138 40.33 16.52 17.34
C ILE F 138 39.97 15.05 17.45
N SER F 139 40.66 14.33 18.33
CA SER F 139 40.54 12.89 18.40
C SER F 139 40.48 12.44 19.86
N ASP F 140 39.88 11.25 20.06
CA ASP F 140 40.04 10.50 21.29
C ASP F 140 39.38 11.18 22.49
N PHE F 141 38.20 11.73 22.31
CA PHE F 141 37.50 12.33 23.44
C PHE F 141 36.18 11.62 23.69
N TYR F 142 35.72 11.69 24.95
CA TYR F 142 34.39 11.22 25.32
C TYR F 142 33.92 12.06 26.49
N PRO F 143 32.64 12.51 26.50
CA PRO F 143 31.59 12.25 25.51
C PRO F 143 31.84 12.91 24.17
N GLY F 144 30.96 12.63 23.20
CA GLY F 144 31.08 13.16 21.87
C GLY F 144 30.43 14.52 21.69
N ALA F 145 30.97 15.53 22.37
CA ALA F 145 30.51 16.89 22.22
C ALA F 145 31.68 17.82 22.48
N VAL F 146 32.00 18.68 21.52
CA VAL F 146 33.07 19.64 21.64
C VAL F 146 32.61 20.96 21.02
N THR F 147 33.17 22.05 21.53
CA THR F 147 33.02 23.36 20.92
C THR F 147 34.40 23.90 20.55
N VAL F 148 34.53 24.40 19.33
CA VAL F 148 35.80 24.89 18.83
C VAL F 148 35.64 26.35 18.43
N ALA F 149 36.61 27.17 18.81
CA ALA F 149 36.61 28.57 18.44
C ALA F 149 37.99 28.95 17.93
N TRP F 150 38.03 29.67 16.82
CA TRP F 150 39.28 30.13 16.24
C TRP F 150 39.58 31.54 16.69
N LYS F 151 40.85 31.81 16.98
CA LYS F 151 41.33 33.15 17.29
C LYS F 151 42.44 33.51 16.30
N ALA F 152 42.32 34.69 15.69
CA ALA F 152 43.42 35.30 14.95
C ALA F 152 43.99 36.43 15.79
N ASP F 153 45.27 36.30 16.14
CA ASP F 153 45.89 37.17 17.12
C ASP F 153 45.08 37.13 18.41
N GLY F 154 44.23 38.14 18.61
CA GLY F 154 43.36 38.13 19.78
C GLY F 154 41.91 38.02 19.41
N SER F 155 41.54 38.60 18.27
CA SER F 155 40.13 38.68 17.88
C SER F 155 39.59 37.30 17.52
N PRO F 156 38.29 37.09 17.67
CA PRO F 156 37.68 35.84 17.22
C PRO F 156 37.40 35.87 15.73
N VAL F 157 37.38 34.68 15.13
CA VAL F 157 37.18 34.50 13.70
C VAL F 157 35.91 33.69 13.51
N LYS F 158 34.90 34.32 12.93
CA LYS F 158 33.63 33.64 12.69
C LYS F 158 33.42 33.27 11.22
N ALA F 159 34.07 33.97 10.29
CA ALA F 159 33.94 33.68 8.88
C ALA F 159 34.95 32.62 8.45
N GLY F 160 34.56 31.81 7.47
CA GLY F 160 35.42 30.79 6.90
C GLY F 160 35.51 29.50 7.69
N VAL F 161 34.98 29.45 8.91
CA VAL F 161 35.12 28.27 9.76
C VAL F 161 34.10 27.22 9.36
N GLU F 162 34.53 25.96 9.34
CA GLU F 162 33.64 24.84 9.09
C GLU F 162 34.06 23.70 9.99
N THR F 163 33.13 23.20 10.81
CA THR F 163 33.44 22.21 11.83
C THR F 163 32.51 21.02 11.69
N THR F 164 33.05 19.81 11.90
CA THR F 164 32.28 18.59 11.76
C THR F 164 31.47 18.31 13.01
N LYS F 165 30.45 17.49 12.85
CA LYS F 165 29.88 16.83 14.01
C LYS F 165 30.87 15.79 14.53
N PRO F 166 30.86 15.51 15.83
CA PRO F 166 31.68 14.40 16.33
C PRO F 166 31.13 13.08 15.85
N SER F 167 32.04 12.17 15.49
CA SER F 167 31.67 10.82 15.11
C SER F 167 32.58 9.84 15.84
N LYS F 168 32.02 8.67 16.14
CA LYS F 168 32.76 7.68 16.91
C LYS F 168 33.85 7.05 16.09
N GLN F 169 35.00 6.88 16.71
CA GLN F 169 36.11 6.12 16.14
C GLN F 169 35.91 4.64 16.42
N SER F 170 36.78 3.81 15.85
CA SER F 170 36.68 2.36 16.05
C SER F 170 36.94 1.98 17.51
N ASN F 171 37.69 2.80 18.25
CA ASN F 171 38.00 2.54 19.66
C ASN F 171 36.92 3.07 20.61
N ASN F 172 35.77 3.52 20.08
CA ASN F 172 34.60 3.97 20.83
C ASN F 172 34.76 5.36 21.45
N LYS F 173 35.85 6.08 21.15
CA LYS F 173 35.94 7.49 21.45
C LYS F 173 35.62 8.30 20.20
N TYR F 174 35.49 9.61 20.37
CA TYR F 174 35.00 10.46 19.29
C TYR F 174 36.13 11.23 18.61
N ALA F 175 35.85 11.67 17.38
CA ALA F 175 36.77 12.51 16.63
C ALA F 175 35.98 13.58 15.91
N ALA F 176 36.64 14.71 15.63
CA ALA F 176 36.00 15.82 14.93
C ALA F 176 37.06 16.70 14.29
N SER F 177 36.63 17.55 13.35
CA SER F 177 37.56 18.40 12.61
C SER F 177 36.97 19.78 12.41
N SER F 178 37.83 20.79 12.31
CA SER F 178 37.41 22.16 12.01
C SER F 178 38.41 22.82 11.07
N TYR F 179 37.91 23.49 10.05
CA TYR F 179 38.73 24.04 8.98
C TYR F 179 38.53 25.55 8.89
N LEU F 180 39.62 26.30 9.06
CA LEU F 180 39.58 27.75 8.87
C LEU F 180 40.13 28.08 7.49
N SER F 181 39.27 28.62 6.62
CA SER F 181 39.66 28.98 5.26
C SER F 181 40.02 30.47 5.20
N LEU F 182 41.27 30.75 4.83
CA LEU F 182 41.71 32.13 4.63
C LEU F 182 42.25 32.29 3.22
N THR F 183 42.35 33.53 2.79
CA THR F 183 43.13 33.83 1.60
C THR F 183 44.61 33.84 1.97
N PRO F 184 45.49 33.66 0.99
CA PRO F 184 46.92 33.77 1.33
C PRO F 184 47.28 35.12 1.89
N GLU F 185 46.56 36.17 1.50
CA GLU F 185 46.84 37.49 2.08
C GLU F 185 46.45 37.53 3.55
N GLN F 186 45.28 36.99 3.91
CA GLN F 186 44.88 36.95 5.31
C GLN F 186 45.87 36.16 6.15
N TRP F 187 46.29 34.99 5.66
CA TRP F 187 47.22 34.13 6.39
C TRP F 187 48.53 34.85 6.68
N LYS F 188 49.01 35.64 5.71
CA LYS F 188 50.23 36.41 5.92
C LYS F 188 50.01 37.70 6.71
N SER F 189 48.79 38.25 6.68
CA SER F 189 48.49 39.53 7.31
C SER F 189 48.35 39.45 8.83
N HIS F 190 48.35 38.26 9.42
CA HIS F 190 48.21 38.11 10.85
C HIS F 190 49.45 37.40 11.39
N ARG F 191 49.64 37.52 12.71
CA ARG F 191 50.83 36.96 13.33
C ARG F 191 50.67 35.50 13.70
N SER F 192 49.49 35.12 14.20
CA SER F 192 49.25 33.75 14.60
C SER F 192 47.76 33.45 14.51
N TYR F 193 47.45 32.18 14.31
CA TYR F 193 46.07 31.71 14.36
C TYR F 193 45.99 30.59 15.38
N SER F 194 44.81 30.45 15.98
CA SER F 194 44.61 29.53 17.09
C SER F 194 43.31 28.76 16.92
N CYS F 195 43.39 27.45 17.15
CA CYS F 195 42.23 26.57 17.24
C CYS F 195 42.07 26.18 18.70
N GLN F 196 40.95 26.57 19.32
CA GLN F 196 40.71 26.30 20.74
C GLN F 196 39.52 25.35 20.88
N VAL F 197 39.74 24.24 21.58
CA VAL F 197 38.77 23.14 21.67
C VAL F 197 38.40 22.94 23.14
N THR F 198 37.13 23.16 23.45
CA THR F 198 36.62 23.02 24.82
C THR F 198 35.79 21.75 24.94
N HIS F 199 36.10 20.94 25.96
CA HIS F 199 35.42 19.66 26.19
C HIS F 199 35.25 19.45 27.69
N GLU F 200 34.00 19.36 28.14
CA GLU F 200 33.67 19.09 29.55
C GLU F 200 34.34 20.09 30.47
N GLY F 201 34.21 21.38 30.12
CA GLY F 201 34.70 22.45 30.96
C GLY F 201 36.19 22.69 30.92
N SER F 202 36.95 21.91 30.16
CA SER F 202 38.38 22.13 29.98
C SER F 202 38.66 22.53 28.53
N THR F 203 39.84 23.09 28.30
CA THR F 203 40.20 23.60 26.97
C THR F 203 41.62 23.17 26.59
N VAL F 204 41.73 22.59 25.39
CA VAL F 204 42.99 22.30 24.74
C VAL F 204 43.15 23.29 23.59
N GLU F 205 44.37 23.74 23.37
CA GLU F 205 44.61 24.80 22.39
C GLU F 205 45.88 24.51 21.61
N LYS F 206 45.84 24.83 20.32
CA LYS F 206 46.99 24.75 19.43
C LYS F 206 47.05 26.03 18.61
N THR F 207 48.27 26.43 18.24
CA THR F 207 48.48 27.66 17.49
C THR F 207 49.47 27.42 16.38
N VAL F 208 49.23 28.05 15.22
CA VAL F 208 50.20 28.07 14.13
C VAL F 208 50.46 29.52 13.75
N ALA F 209 51.63 29.75 13.14
CA ALA F 209 52.06 31.08 12.71
C ALA F 209 52.74 31.01 11.35
N PRO F 210 52.45 31.95 10.45
CA PRO F 210 53.12 31.98 9.15
C PRO F 210 54.61 32.29 9.27
#